data_6L2C
#
_entry.id   6L2C
#
_cell.length_a   63.254
_cell.length_b   173.546
_cell.length_c   180.318
_cell.angle_alpha   90.000
_cell.angle_beta   90.000
_cell.angle_gamma   90.000
#
_symmetry.space_group_name_H-M   'P 21 21 21'
#
loop_
_entity.id
_entity.type
_entity.pdbx_description
1 polymer 'Acetyl-CoA-acetyltransferase, putative'
2 non-polymer 'COENZYME A'
3 water water
#
_entity_poly.entity_id   1
_entity_poly.type   'polypeptide(L)'
_entity_poly.pdbx_seq_one_letter_code
;SALKEIQEAYILSGARTPTAKFNGSFVSVSAPELGAVAIKSAVSKSGVPVEKITDVYMGNVLQGAVGQAPARQASMFAGL
SPTVESMTVNKV(CSO)ASGLKAVALAAQNIQLGLAEAQVAGGMENMSRVPYYLPRSTQLPPFGEIKLQDGLIQDGLWDV
YNQFHMGICAEKTAKKYEISREEQDQYAIQSYQRAQAAWKENKFAEEIAPVTVKGKKGETVVERDEGYENLRIDKMATLK
PAFLRDGTGTVTAGNASTMNDGASALVLGSKAIAREFAQGNRALARIVSTADAAIDPVDFPVAPAKAVPIALERAGITKD
QVAVWEFNEAFAAVIKANEKILGLQNARVNPLGGAISLGHALGSSGSRILVTLLHQLQPGEYGVAAICNGGGAATAMVVQ
KLDRVD
;
_entity_poly.pdbx_strand_id   A,B,C,D
#
# COMPACT_ATOMS: atom_id res chain seq x y z
N SER A 1 -23.11 41.37 -14.68
CA SER A 1 -23.76 42.57 -14.08
C SER A 1 -22.71 43.66 -13.76
N ALA A 2 -22.13 43.60 -12.54
CA ALA A 2 -21.11 44.45 -11.86
C ALA A 2 -21.74 45.60 -11.07
N LEU A 3 -20.93 46.49 -10.49
CA LEU A 3 -21.38 47.67 -9.71
C LEU A 3 -20.21 48.64 -9.49
N LYS A 4 -20.46 49.95 -9.46
CA LYS A 4 -19.37 50.95 -9.35
C LYS A 4 -18.90 51.10 -7.91
N GLU A 5 -19.77 50.84 -6.94
CA GLU A 5 -19.38 51.02 -5.52
C GLU A 5 -19.40 49.66 -4.82
N ILE A 6 -18.51 49.49 -3.85
CA ILE A 6 -18.41 48.23 -3.05
C ILE A 6 -19.70 48.10 -2.24
N GLN A 7 -20.41 46.99 -2.42
CA GLN A 7 -21.66 46.79 -1.66
C GLN A 7 -21.35 46.13 -0.31
N GLU A 8 -22.32 46.18 0.58
CA GLU A 8 -22.29 45.49 1.88
C GLU A 8 -22.76 44.04 1.72
N ALA A 9 -22.23 43.14 2.56
CA ALA A 9 -22.71 41.75 2.58
C ALA A 9 -23.15 41.34 3.97
N TYR A 10 -24.22 40.57 4.01
CA TYR A 10 -24.80 40.14 5.30
C TYR A 10 -24.90 38.63 5.38
N ILE A 11 -24.76 38.15 6.60
CA ILE A 11 -24.93 36.71 6.92
C ILE A 11 -26.41 36.58 7.27
N LEU A 12 -27.11 35.67 6.62
CA LEU A 12 -28.56 35.53 6.88
C LEU A 12 -28.79 34.36 7.83
N SER A 13 -28.00 33.30 7.69
CA SER A 13 -28.19 32.09 8.50
C SER A 13 -26.86 31.39 8.72
N GLY A 14 -26.83 30.47 9.67
CA GLY A 14 -25.60 29.73 9.99
C GLY A 14 -25.94 28.40 10.61
N ALA A 15 -25.29 27.36 10.16
CA ALA A 15 -25.57 26.02 10.69
C ALA A 15 -24.27 25.25 10.76
N ARG A 16 -24.23 24.25 11.61
CA ARG A 16 -23.05 23.39 11.69
C ARG A 16 -23.51 22.00 12.06
N THR A 17 -22.79 20.98 11.62
CA THR A 17 -23.15 19.63 12.05
C THR A 17 -22.52 19.41 13.41
N PRO A 18 -22.95 18.40 14.18
CA PRO A 18 -22.20 18.09 15.39
C PRO A 18 -20.78 17.79 15.00
N THR A 19 -19.86 18.10 15.90
CA THR A 19 -18.45 17.78 15.65
C THR A 19 -18.20 16.39 16.21
N ALA A 20 -18.02 15.41 15.34
CA ALA A 20 -17.81 14.02 15.79
C ALA A 20 -16.35 13.75 16.09
N LYS A 21 -16.10 12.68 16.85
CA LYS A 21 -14.76 12.24 17.28
C LYS A 21 -14.05 11.59 16.10
N PHE A 22 -12.72 11.57 16.15
CA PHE A 22 -11.89 10.95 15.10
C PHE A 22 -12.13 9.46 15.17
N ASN A 23 -12.41 8.84 14.02
CA ASN A 23 -12.74 7.41 13.87
C ASN A 23 -14.00 7.12 14.67
N GLY A 24 -14.98 8.02 14.63
CA GLY A 24 -16.19 7.88 15.44
C GLY A 24 -17.44 7.72 14.61
N SER A 25 -18.46 8.51 14.91
CA SER A 25 -19.77 8.37 14.26
C SER A 25 -19.82 8.70 12.79
N PHE A 26 -18.89 9.52 12.28
CA PHE A 26 -18.92 9.93 10.88
C PHE A 26 -17.94 9.21 9.96
N VAL A 27 -17.33 8.09 10.39
CA VAL A 27 -16.43 7.38 9.47
C VAL A 27 -17.10 7.03 8.15
N SER A 28 -18.37 6.70 8.15
CA SER A 28 -19.03 6.34 6.89
C SER A 28 -19.55 7.55 6.08
N VAL A 29 -19.44 8.77 6.64
CA VAL A 29 -20.00 9.99 6.07
C VAL A 29 -18.93 10.97 5.55
N SER A 30 -18.93 11.20 4.24
CA SER A 30 -17.83 11.96 3.59
C SER A 30 -17.98 13.45 3.90
N ALA A 31 -16.88 14.16 3.80
CA ALA A 31 -16.89 15.57 4.11
C ALA A 31 -17.99 16.31 3.33
N PRO A 32 -18.18 16.04 2.02
CA PRO A 32 -19.26 16.78 1.34
C PRO A 32 -20.68 16.41 1.78
N GLU A 33 -20.93 15.15 2.13
CA GLU A 33 -22.20 14.74 2.72
C GLU A 33 -22.49 15.51 4.00
N LEU A 34 -21.47 15.75 4.79
CA LEU A 34 -21.53 16.55 6.01
C LEU A 34 -21.74 18.03 5.73
N GLY A 35 -20.98 18.56 4.78
CA GLY A 35 -21.17 19.90 4.28
C GLY A 35 -22.58 20.11 3.80
N ALA A 36 -23.11 19.10 3.10
CA ALA A 36 -24.45 19.20 2.56
C ALA A 36 -25.48 19.29 3.68
N VAL A 37 -25.27 18.56 4.78
CA VAL A 37 -26.19 18.65 5.90
C VAL A 37 -26.21 20.08 6.45
N ALA A 38 -25.03 20.68 6.64
CA ALA A 38 -24.99 22.06 7.10
C ALA A 38 -25.63 23.00 6.07
N ILE A 39 -25.32 22.80 4.78
CA ILE A 39 -25.83 23.68 3.74
C ILE A 39 -27.38 23.63 3.72
N LYS A 40 -27.97 22.45 3.55
CA LYS A 40 -29.45 22.31 3.59
C LYS A 40 -30.11 23.15 4.69
N SER A 41 -29.55 23.10 5.90
CA SER A 41 -30.10 23.74 7.08
C SER A 41 -29.94 25.26 7.03
N ALA A 42 -28.74 25.73 6.69
CA ALA A 42 -28.51 27.16 6.44
C ALA A 42 -29.43 27.78 5.38
N VAL A 43 -29.69 27.10 4.26
CA VAL A 43 -30.55 27.71 3.24
C VAL A 43 -32.00 27.66 3.74
N SER A 44 -32.35 26.56 4.40
CA SER A 44 -33.68 26.36 4.96
C SER A 44 -34.01 27.46 6.00
N LYS A 45 -33.03 27.81 6.84
CA LYS A 45 -33.24 28.81 7.90
C LYS A 45 -33.07 30.24 7.37
N SER A 46 -32.59 30.44 6.17
CA SER A 46 -32.31 31.81 5.70
C SER A 46 -33.57 32.53 5.24
N GLY A 47 -34.51 31.79 4.66
CA GLY A 47 -35.74 32.42 4.15
C GLY A 47 -35.60 32.94 2.74
N VAL A 48 -34.42 32.83 2.13
CA VAL A 48 -34.23 33.31 0.74
C VAL A 48 -34.52 32.14 -0.17
N PRO A 49 -35.25 32.34 -1.28
CA PRO A 49 -35.53 31.26 -2.22
C PRO A 49 -34.20 30.73 -2.78
N VAL A 50 -34.06 29.42 -2.86
CA VAL A 50 -32.80 28.77 -3.31
C VAL A 50 -32.37 29.25 -4.69
N GLU A 51 -33.30 29.68 -5.54
CA GLU A 51 -32.88 30.12 -6.89
C GLU A 51 -31.96 31.34 -6.84
N LYS A 52 -32.00 32.08 -5.74
CA LYS A 52 -31.18 33.31 -5.60
C LYS A 52 -29.74 32.98 -5.23
N ILE A 53 -29.49 31.83 -4.61
CA ILE A 53 -28.09 31.45 -4.25
C ILE A 53 -27.38 31.02 -5.52
N THR A 54 -26.23 31.61 -5.83
CA THR A 54 -25.58 31.30 -7.12
C THR A 54 -24.20 30.67 -6.98
N ASP A 55 -23.59 30.67 -5.80
CA ASP A 55 -22.23 30.09 -5.70
C ASP A 55 -22.03 29.40 -4.34
N VAL A 56 -21.33 28.27 -4.33
CA VAL A 56 -20.97 27.61 -3.07
C VAL A 56 -19.47 27.52 -2.95
N TYR A 57 -18.92 28.19 -1.94
CA TYR A 57 -17.51 28.07 -1.62
C TYR A 57 -17.31 27.35 -0.30
N MET A 58 -16.70 26.15 -0.34
CA MET A 58 -16.43 25.36 0.88
C MET A 58 -14.95 25.12 1.10
N GLY A 59 -14.49 25.37 2.33
CA GLY A 59 -13.10 25.08 2.73
C GLY A 59 -12.92 23.59 2.96
N ASN A 60 -11.76 23.05 2.61
CA ASN A 60 -11.45 21.61 2.72
C ASN A 60 -9.93 21.48 2.58
N VAL A 61 -9.24 21.06 3.63
CA VAL A 61 -7.76 20.96 3.62
C VAL A 61 -7.27 19.66 2.99
N LEU A 62 -7.79 18.54 3.46
CA LEU A 62 -7.35 17.22 2.97
C LEU A 62 -8.40 16.65 2.02
N GLN A 63 -8.17 16.86 0.73
CA GLN A 63 -9.14 16.50 -0.32
C GLN A 63 -8.83 15.16 -0.95
N GLY A 64 -7.92 14.35 -0.41
CA GLY A 64 -7.61 13.10 -1.10
C GLY A 64 -8.74 12.10 -0.88
N ALA A 65 -9.13 11.44 -1.95
CA ALA A 65 -10.16 10.39 -1.92
C ALA A 65 -11.55 10.90 -1.66
N VAL A 66 -11.68 12.21 -1.72
CA VAL A 66 -12.99 12.86 -1.48
C VAL A 66 -13.78 12.86 -2.79
N GLY A 67 -13.11 12.69 -3.90
CA GLY A 67 -13.77 12.76 -5.19
C GLY A 67 -13.64 14.12 -5.85
N GLN A 68 -14.01 14.13 -7.11
CA GLN A 68 -13.92 15.33 -7.92
C GLN A 68 -14.69 16.46 -7.29
N ALA A 69 -14.06 17.64 -7.29
CA ALA A 69 -14.67 18.89 -6.85
C ALA A 69 -15.48 18.77 -5.54
N PRO A 70 -14.80 18.67 -4.40
CA PRO A 70 -15.51 18.46 -3.13
C PRO A 70 -16.65 19.48 -2.83
N ALA A 71 -16.39 20.77 -3.05
CA ALA A 71 -17.42 21.77 -2.80
C ALA A 71 -18.60 21.61 -3.76
N ARG A 72 -18.35 21.13 -4.98
CA ARG A 72 -19.46 20.80 -5.92
C ARG A 72 -20.34 19.67 -5.41
N GLN A 73 -19.75 18.69 -4.71
CA GLN A 73 -20.51 17.62 -4.11
C GLN A 73 -21.38 18.11 -2.94
N ALA A 74 -20.84 18.98 -2.10
CA ALA A 74 -21.63 19.53 -1.02
C ALA A 74 -22.83 20.22 -1.62
N SER A 75 -22.65 20.97 -2.71
CA SER A 75 -23.76 21.69 -3.35
C SER A 75 -24.85 20.76 -3.91
N MET A 76 -24.44 19.72 -4.61
CA MET A 76 -25.39 18.79 -5.27
C MET A 76 -26.04 17.88 -4.24
N PHE A 77 -25.33 17.55 -3.16
CA PHE A 77 -25.87 16.68 -2.08
C PHE A 77 -26.83 17.47 -1.19
N ALA A 78 -26.74 18.79 -1.23
CA ALA A 78 -27.64 19.68 -0.46
C ALA A 78 -28.89 20.01 -1.29
N GLY A 79 -28.97 19.48 -2.51
CA GLY A 79 -30.15 19.68 -3.38
C GLY A 79 -30.10 20.97 -4.15
N LEU A 80 -28.97 21.67 -4.15
CA LEU A 80 -28.91 22.92 -4.93
C LEU A 80 -28.84 22.59 -6.41
N SER A 81 -29.33 23.50 -7.24
CA SER A 81 -29.40 23.28 -8.70
C SER A 81 -28.00 23.13 -9.30
N PRO A 82 -27.82 22.41 -10.41
CA PRO A 82 -26.52 22.33 -11.09
C PRO A 82 -25.97 23.63 -11.67
N THR A 83 -26.77 24.70 -11.79
CA THR A 83 -26.35 26.04 -12.28
C THR A 83 -25.61 26.80 -11.18
N VAL A 84 -25.65 26.34 -9.93
CA VAL A 84 -24.88 27.10 -8.92
C VAL A 84 -23.42 26.71 -9.04
N GLU A 85 -22.56 27.71 -9.03
CA GLU A 85 -21.10 27.52 -9.24
C GLU A 85 -20.44 27.17 -7.91
N SER A 86 -19.27 26.53 -7.95
CA SER A 86 -18.61 26.16 -6.69
C SER A 86 -17.10 26.28 -6.80
N MET A 87 -16.44 26.11 -5.67
CA MET A 87 -14.97 26.15 -5.59
C MET A 87 -14.56 25.57 -4.23
N THR A 88 -13.54 24.73 -4.20
CA THR A 88 -12.99 24.18 -2.95
C THR A 88 -11.84 25.07 -2.51
N VAL A 89 -11.86 25.53 -1.26
CA VAL A 89 -10.85 26.49 -0.72
C VAL A 89 -9.87 25.80 0.21
N ASN A 90 -8.59 26.07 0.05
CA ASN A 90 -7.55 25.50 0.94
C ASN A 90 -6.63 26.59 1.47
N LYS A 91 -6.94 27.09 2.65
CA LYS A 91 -6.07 28.02 3.39
C LYS A 91 -5.80 27.32 4.73
N VAL A 92 -5.61 26.01 4.65
CA VAL A 92 -5.37 25.07 5.79
C VAL A 92 -6.48 25.26 6.82
N ALA A 94 -7.63 27.94 8.21
CA ALA A 94 -8.41 29.17 7.95
C ALA A 94 -9.39 28.98 6.80
N SER A 95 -9.35 27.85 6.11
CA SER A 95 -10.20 27.55 4.92
C SER A 95 -11.66 27.98 5.07
N GLY A 96 -12.34 27.54 6.12
CA GLY A 96 -13.76 27.84 6.31
C GLY A 96 -14.06 29.33 6.40
N LEU A 97 -13.22 30.09 7.08
CA LEU A 97 -13.44 31.54 7.22
C LEU A 97 -13.14 32.20 5.88
N LYS A 98 -12.01 31.82 5.27
CA LYS A 98 -11.61 32.38 4.00
C LYS A 98 -12.72 32.21 2.93
N ALA A 99 -13.36 31.03 2.89
CA ALA A 99 -14.50 30.77 1.98
C ALA A 99 -15.65 31.76 2.20
N VAL A 100 -15.90 32.11 3.47
CA VAL A 100 -16.89 33.16 3.77
C VAL A 100 -16.48 34.49 3.13
N ALA A 101 -15.24 34.91 3.36
CA ALA A 101 -14.73 36.19 2.84
C ALA A 101 -14.77 36.22 1.33
N LEU A 102 -14.41 35.11 0.68
CA LEU A 102 -14.46 35.01 -0.78
C LEU A 102 -15.90 35.10 -1.26
N ALA A 103 -16.82 34.41 -0.60
CA ALA A 103 -18.24 34.43 -1.02
C ALA A 103 -18.83 35.83 -0.80
N ALA A 104 -18.25 36.61 0.10
CA ALA A 104 -18.73 37.96 0.41
C ALA A 104 -18.22 38.94 -0.66
N GLN A 105 -17.08 38.66 -1.28
CA GLN A 105 -16.52 39.54 -2.31
C GLN A 105 -17.43 39.57 -3.53
N ASN A 106 -18.04 38.44 -3.86
CA ASN A 106 -19.01 38.36 -4.97
C ASN A 106 -20.14 39.35 -4.74
N ILE A 107 -20.65 39.39 -3.52
CA ILE A 107 -21.75 40.32 -3.15
C ILE A 107 -21.19 41.75 -3.10
N GLN A 108 -19.99 41.93 -2.57
CA GLN A 108 -19.33 43.26 -2.44
C GLN A 108 -19.06 43.88 -3.80
N LEU A 109 -18.79 43.06 -4.81
CA LEU A 109 -18.50 43.56 -6.17
C LEU A 109 -19.81 43.73 -6.93
N GLY A 110 -20.90 43.13 -6.45
CA GLY A 110 -22.20 43.26 -7.10
C GLY A 110 -22.39 42.19 -8.16
N LEU A 111 -21.63 41.12 -8.07
CA LEU A 111 -21.72 40.01 -9.05
C LEU A 111 -22.75 38.99 -8.58
N ALA A 112 -23.10 39.02 -7.31
CA ALA A 112 -24.07 38.02 -6.81
C ALA A 112 -24.92 38.64 -5.70
N GLU A 113 -26.06 38.02 -5.39
CA GLU A 113 -26.95 38.57 -4.34
C GLU A 113 -27.12 37.56 -3.20
N ALA A 114 -26.94 36.28 -3.46
CA ALA A 114 -26.96 35.30 -2.38
C ALA A 114 -25.90 34.24 -2.65
N GLN A 115 -25.21 33.83 -1.58
CA GLN A 115 -24.13 32.85 -1.60
C GLN A 115 -24.24 31.88 -0.43
N VAL A 116 -23.48 30.81 -0.55
CA VAL A 116 -23.33 29.78 0.51
C VAL A 116 -21.83 29.57 0.69
N ALA A 117 -21.36 29.68 1.90
CA ALA A 117 -19.94 29.46 2.16
C ALA A 117 -19.81 28.71 3.47
N GLY A 118 -18.67 28.07 3.66
CA GLY A 118 -18.41 27.30 4.88
C GLY A 118 -17.21 26.41 4.71
N GLY A 119 -17.21 25.26 5.39
CA GLY A 119 -16.09 24.33 5.32
C GLY A 119 -16.49 22.97 5.81
N MET A 120 -15.77 21.94 5.39
CA MET A 120 -16.06 20.56 5.78
C MET A 120 -14.75 19.82 5.95
N GLU A 121 -14.75 18.77 6.75
CA GLU A 121 -13.54 17.95 6.93
C GLU A 121 -13.88 16.62 7.55
N ASN A 122 -13.45 15.56 6.91
CA ASN A 122 -13.60 14.23 7.52
C ASN A 122 -12.19 13.71 7.69
N MET A 123 -11.62 13.93 8.87
CA MET A 123 -10.23 13.52 9.14
C MET A 123 -10.12 12.01 9.28
N SER A 124 -11.20 11.33 9.65
CA SER A 124 -11.20 9.86 9.72
C SER A 124 -10.99 9.31 8.31
N ARG A 125 -11.56 9.97 7.31
CA ARG A 125 -11.52 9.44 5.93
C ARG A 125 -10.33 9.96 5.12
N VAL A 126 -9.40 10.70 5.71
CA VAL A 126 -8.26 11.11 4.87
C VAL A 126 -7.36 9.89 4.76
N PRO A 127 -6.92 9.52 3.55
CA PRO A 127 -6.14 8.33 3.36
C PRO A 127 -4.63 8.38 3.56
N TYR A 128 -4.02 7.23 3.37
CA TYR A 128 -2.55 7.11 3.35
C TYR A 128 -2.12 7.23 1.89
N TYR A 129 -0.91 7.68 1.66
CA TYR A 129 -0.45 7.87 0.29
C TYR A 129 0.52 6.78 -0.18
N LEU A 130 0.19 6.16 -1.30
CA LEU A 130 1.12 5.18 -1.91
C LEU A 130 1.60 5.79 -3.23
N PRO A 131 2.88 6.17 -3.38
CA PRO A 131 3.35 6.71 -4.63
C PRO A 131 3.25 5.72 -5.77
N ARG A 132 3.03 6.23 -6.98
CA ARG A 132 2.90 5.37 -8.19
C ARG A 132 4.25 4.74 -8.54
N SER A 133 4.24 3.75 -9.41
CA SER A 133 5.41 2.93 -9.80
C SER A 133 6.70 3.72 -10.03
N THR A 134 6.64 4.86 -10.72
CA THR A 134 7.83 5.68 -11.04
C THR A 134 8.44 6.42 -9.84
N GLN A 135 7.82 6.42 -8.65
CA GLN A 135 8.41 7.11 -7.48
C GLN A 135 8.65 6.11 -6.35
N LEU A 136 8.64 4.85 -6.67
CA LEU A 136 8.90 3.81 -5.64
C LEU A 136 10.30 3.26 -5.90
N PRO A 137 11.08 2.90 -4.87
CA PRO A 137 12.35 2.25 -5.16
C PRO A 137 12.19 0.86 -5.81
N PRO A 138 13.23 0.38 -6.51
CA PRO A 138 13.11 -0.98 -7.05
C PRO A 138 12.97 -2.03 -5.94
N PHE A 139 13.55 -1.76 -4.76
CA PHE A 139 13.43 -2.63 -3.61
C PHE A 139 13.72 -1.88 -2.31
N GLY A 140 13.47 -2.54 -1.20
CA GLY A 140 13.70 -1.92 0.11
C GLY A 140 12.43 -1.38 0.72
N GLU A 141 12.47 -1.13 2.02
CA GLU A 141 11.38 -0.60 2.85
C GLU A 141 10.72 0.63 2.22
N ILE A 142 9.41 0.71 2.34
CA ILE A 142 8.62 1.83 1.79
C ILE A 142 7.92 2.52 2.97
N LYS A 143 7.94 3.84 3.02
CA LYS A 143 7.26 4.53 4.13
C LYS A 143 5.98 5.15 3.60
N LEU A 144 4.83 4.80 4.14
CA LEU A 144 3.56 5.40 3.66
C LEU A 144 3.21 6.56 4.57
N GLN A 145 3.13 7.77 4.03
CA GLN A 145 2.78 8.91 4.89
C GLN A 145 1.27 8.95 5.07
N ASP A 146 0.84 9.37 6.25
CA ASP A 146 -0.59 9.58 6.54
C ASP A 146 -0.90 11.01 6.11
N GLY A 147 -1.90 11.20 5.25
CA GLY A 147 -2.29 12.54 4.77
C GLY A 147 -2.51 13.54 5.89
N LEU A 148 -3.02 13.09 7.04
CA LEU A 148 -3.26 13.99 8.18
C LEU A 148 -1.98 14.70 8.54
N ILE A 149 -0.92 13.93 8.66
CA ILE A 149 0.42 14.45 9.03
C ILE A 149 1.08 15.11 7.82
N GLN A 150 1.21 14.42 6.72
CA GLN A 150 1.95 14.99 5.56
C GLN A 150 1.33 16.30 5.06
N ASP A 151 0.04 16.31 4.80
CA ASP A 151 -0.63 17.50 4.22
C ASP A 151 -1.33 18.39 5.26
N GLY A 152 -1.57 17.91 6.47
CA GLY A 152 -2.31 18.79 7.38
C GLY A 152 -1.54 19.29 8.58
N LEU A 153 -0.80 18.44 9.27
CA LEU A 153 -0.15 18.84 10.53
C LEU A 153 1.37 18.94 10.44
N TRP A 154 1.95 18.95 9.25
CA TRP A 154 3.43 18.97 9.16
C TRP A 154 3.95 20.24 8.49
N ASP A 155 4.84 20.95 9.15
CA ASP A 155 5.41 22.18 8.53
C ASP A 155 6.38 21.76 7.43
N VAL A 156 6.28 22.36 6.26
CA VAL A 156 7.13 21.99 5.10
C VAL A 156 8.56 22.47 5.30
N TYR A 157 8.73 23.66 5.86
CA TYR A 157 10.05 24.32 5.96
C TYR A 157 10.84 23.88 7.17
N ASN A 158 10.15 23.58 8.26
CA ASN A 158 10.86 23.18 9.50
C ASN A 158 10.83 21.67 9.68
N GLN A 159 10.03 20.98 8.86
CA GLN A 159 9.89 19.51 8.95
C GLN A 159 9.53 19.09 10.38
N PHE A 160 8.51 19.68 10.98
CA PHE A 160 8.05 19.26 12.33
C PHE A 160 6.55 19.49 12.46
N HIS A 161 5.94 18.91 13.50
CA HIS A 161 4.49 18.99 13.66
C HIS A 161 4.12 20.43 13.99
N MET A 162 2.83 20.74 13.84
CA MET A 162 2.28 22.06 14.20
C MET A 162 2.35 22.24 15.71
N GLY A 163 2.57 21.17 16.46
CA GLY A 163 2.55 21.18 17.92
C GLY A 163 3.90 21.64 18.41
N ILE A 164 4.95 21.40 17.63
CA ILE A 164 6.25 21.95 17.92
C ILE A 164 6.23 23.46 17.68
N CYS A 165 5.53 23.90 16.64
CA CYS A 165 5.32 25.33 16.46
C CYS A 165 4.67 25.95 17.70
N ALA A 166 3.67 25.27 18.24
CA ALA A 166 2.99 25.69 19.50
C ALA A 166 3.93 25.74 20.70
N GLU A 167 4.87 24.82 20.72
CA GLU A 167 5.88 24.65 21.80
C GLU A 167 6.81 25.87 21.83
N LYS A 168 7.35 26.26 20.67
CA LYS A 168 8.26 27.38 20.54
C LYS A 168 7.58 28.71 20.91
N THR A 169 6.28 28.82 20.65
CA THR A 169 5.48 30.01 20.98
C THR A 169 5.19 30.08 22.48
N ALA A 170 4.94 28.92 23.08
CA ALA A 170 4.72 28.84 24.53
C ALA A 170 5.96 29.29 25.32
N LYS A 171 7.12 28.96 24.78
CA LYS A 171 8.41 29.36 25.36
C LYS A 171 8.61 30.87 25.12
N LYS A 172 8.47 31.30 23.87
CA LYS A 172 8.67 32.71 23.49
C LYS A 172 7.80 33.67 24.30
N TYR A 173 6.56 33.31 24.58
CA TYR A 173 5.65 34.22 25.28
C TYR A 173 5.42 33.78 26.74
N GLU A 174 6.33 32.93 27.24
CA GLU A 174 6.32 32.38 28.60
C GLU A 174 4.91 31.97 28.98
N ILE A 175 4.41 30.94 28.29
CA ILE A 175 3.10 30.32 28.65
C ILE A 175 3.46 28.95 29.19
N SER A 176 3.14 28.72 30.45
CA SER A 176 3.57 27.56 31.21
C SER A 176 2.65 26.35 30.95
N ARG A 177 3.14 25.17 31.32
CA ARG A 177 2.32 23.96 31.36
C ARG A 177 1.01 24.22 32.16
N GLU A 178 1.14 24.93 33.28
CA GLU A 178 0.01 25.13 34.18
C GLU A 178 -1.04 26.04 33.55
N GLU A 179 -0.63 27.10 32.86
CA GLU A 179 -1.61 28.01 32.20
C GLU A 179 -2.34 27.29 31.07
N GLN A 180 -1.56 26.53 30.29
CA GLN A 180 -2.09 25.71 29.22
C GLN A 180 -3.15 24.75 29.77
N ASP A 181 -2.80 24.00 30.79
CA ASP A 181 -3.78 23.10 31.42
C ASP A 181 -5.02 23.81 31.92
N GLN A 182 -4.79 24.93 32.59
CA GLN A 182 -5.89 25.74 33.20
C GLN A 182 -6.80 26.25 32.07
N TYR A 183 -6.20 26.63 30.94
CA TYR A 183 -7.05 27.11 29.82
C TYR A 183 -7.88 25.95 29.31
N ALA A 184 -7.25 24.80 29.09
CA ALA A 184 -7.94 23.61 28.57
C ALA A 184 -9.05 23.17 29.52
N ILE A 185 -8.78 23.19 30.82
CA ILE A 185 -9.81 22.79 31.81
C ILE A 185 -11.01 23.72 31.67
N GLN A 186 -10.77 25.00 31.49
CA GLN A 186 -11.85 26.00 31.33
C GLN A 186 -12.71 25.75 30.08
N SER A 187 -12.04 25.46 28.95
CA SER A 187 -12.68 25.15 27.68
C SER A 187 -13.61 23.99 27.86
N TYR A 188 -13.11 22.94 28.50
CA TYR A 188 -13.94 21.76 28.81
C TYR A 188 -15.13 22.13 29.67
N GLN A 189 -14.90 23.01 30.65
CA GLN A 189 -15.97 23.40 31.58
C GLN A 189 -17.02 24.22 30.87
N ARG A 190 -16.55 25.19 30.07
CA ARG A 190 -17.41 26.09 29.31
C ARG A 190 -18.24 25.37 28.28
N ALA A 191 -17.64 24.37 27.66
CA ALA A 191 -18.40 23.48 26.76
C ALA A 191 -19.43 22.62 27.50
N GLN A 192 -19.01 21.93 28.56
CA GLN A 192 -19.96 21.13 29.40
C GLN A 192 -21.17 21.98 29.83
N ALA A 193 -20.85 23.17 30.34
CA ALA A 193 -21.87 24.11 30.84
C ALA A 193 -22.81 24.51 29.72
N ALA A 194 -22.22 24.91 28.60
CA ALA A 194 -22.97 25.24 27.38
C ALA A 194 -23.90 24.12 26.92
N TRP A 195 -23.35 22.89 26.88
CA TRP A 195 -24.12 21.69 26.51
C TRP A 195 -25.26 21.35 27.49
N LYS A 196 -25.00 21.47 28.80
CA LYS A 196 -26.07 21.25 29.80
C LYS A 196 -27.28 22.18 29.57
N GLU A 197 -27.06 23.45 29.18
CA GLU A 197 -28.15 24.38 28.83
C GLU A 197 -28.63 24.34 27.36
N ASN A 198 -28.16 23.36 26.59
CA ASN A 198 -28.54 23.22 25.19
C ASN A 198 -28.29 24.44 24.30
N LYS A 199 -27.20 25.14 24.58
CA LYS A 199 -26.86 26.38 23.85
C LYS A 199 -26.64 26.17 22.32
N PHE A 200 -26.16 24.99 21.93
CA PHE A 200 -25.88 24.70 20.54
C PHE A 200 -27.07 24.17 19.73
N ALA A 201 -28.25 24.05 20.34
CA ALA A 201 -29.35 23.37 19.67
C ALA A 201 -29.77 24.09 18.38
N GLU A 202 -29.79 25.41 18.38
CA GLU A 202 -30.26 26.18 17.20
C GLU A 202 -29.29 26.08 16.03
N GLU A 203 -27.99 26.22 16.28
CA GLU A 203 -27.00 26.22 15.20
C GLU A 203 -26.69 24.81 14.68
N ILE A 204 -27.02 23.78 15.44
CA ILE A 204 -26.62 22.42 15.03
C ILE A 204 -27.60 21.80 14.03
N ALA A 205 -27.09 21.28 12.93
CA ALA A 205 -27.92 20.51 11.98
C ALA A 205 -27.64 19.05 12.26
N PRO A 206 -28.61 18.26 12.75
CA PRO A 206 -28.37 16.86 13.04
C PRO A 206 -27.94 16.02 11.82
N VAL A 207 -27.17 14.97 12.05
CA VAL A 207 -26.76 14.11 10.91
C VAL A 207 -27.42 12.75 11.07
N THR A 208 -27.90 12.18 9.99
CA THR A 208 -28.52 10.88 10.02
C THR A 208 -27.57 9.93 9.28
N VAL A 209 -27.03 8.97 10.01
CA VAL A 209 -26.07 8.00 9.53
C VAL A 209 -26.78 6.68 9.28
N LYS A 210 -26.82 6.23 8.03
CA LYS A 210 -27.33 4.90 7.69
C LYS A 210 -26.27 3.86 7.99
N GLY A 211 -26.43 3.15 9.10
CA GLY A 211 -25.58 2.01 9.47
C GLY A 211 -26.23 0.69 9.08
N LYS A 212 -25.49 -0.41 9.27
CA LYS A 212 -26.01 -1.77 8.99
C LYS A 212 -27.18 -2.11 9.92
N LYS A 213 -28.36 -2.37 9.33
CA LYS A 213 -29.60 -2.57 10.09
C LYS A 213 -29.94 -1.37 10.99
N GLY A 214 -30.56 -0.35 10.40
CA GLY A 214 -31.10 0.80 11.15
C GLY A 214 -30.26 2.07 11.08
N GLU A 215 -30.92 3.21 11.32
CA GLU A 215 -30.33 4.56 11.25
C GLU A 215 -30.01 5.12 12.62
N THR A 216 -28.94 5.91 12.72
CA THR A 216 -28.59 6.63 13.95
C THR A 216 -28.53 8.12 13.67
N VAL A 217 -29.22 8.89 14.51
CA VAL A 217 -29.25 10.36 14.39
C VAL A 217 -28.20 10.94 15.33
N VAL A 218 -27.30 11.74 14.81
CA VAL A 218 -26.25 12.36 15.66
C VAL A 218 -26.59 13.84 15.81
N GLU A 219 -26.72 14.32 17.03
CA GLU A 219 -27.00 15.76 17.22
C GLU A 219 -26.15 16.28 18.36
N ARG A 220 -25.23 15.48 18.87
CA ARG A 220 -24.44 15.94 20.02
C ARG A 220 -22.96 15.88 19.70
N ASP A 221 -22.22 16.90 20.12
CA ASP A 221 -20.75 16.95 19.95
C ASP A 221 -20.13 15.80 20.77
N GLU A 222 -19.02 15.27 20.30
CA GLU A 222 -18.37 14.12 20.91
C GLU A 222 -16.99 14.55 21.32
N GLY A 223 -16.68 14.37 22.60
CA GLY A 223 -15.36 14.68 23.16
C GLY A 223 -15.38 15.69 24.28
N TYR A 224 -16.49 16.41 24.48
CA TYR A 224 -16.54 17.48 25.50
C TYR A 224 -16.66 16.96 26.93
N GLU A 225 -17.03 15.70 27.13
CA GLU A 225 -17.12 15.19 28.52
C GLU A 225 -15.87 14.38 28.83
N ASN A 226 -14.84 14.50 28.01
CA ASN A 226 -13.62 13.66 28.17
C ASN A 226 -12.53 14.35 29.00
N LEU A 227 -12.89 15.28 29.87
CA LEU A 227 -11.90 15.91 30.75
C LEU A 227 -11.91 15.18 32.08
N ARG A 228 -10.72 14.77 32.52
CA ARG A 228 -10.45 14.18 33.84
C ARG A 228 -9.46 15.16 34.43
N ILE A 229 -9.96 16.08 35.24
CA ILE A 229 -9.14 17.23 35.72
C ILE A 229 -7.82 16.81 36.37
N ASP A 230 -7.86 15.79 37.21
CA ASP A 230 -6.70 15.42 38.01
C ASP A 230 -5.59 14.79 37.19
N LYS A 231 -5.93 14.19 36.04
CA LYS A 231 -4.92 13.57 35.17
C LYS A 231 -4.20 14.62 34.33
N MET A 232 -4.83 15.77 34.11
CA MET A 232 -4.31 16.79 33.19
C MET A 232 -2.84 17.07 33.39
N ALA A 233 -2.44 17.36 34.62
CA ALA A 233 -1.05 17.78 34.91
C ALA A 233 -0.07 16.63 34.81
N THR A 234 -0.56 15.43 34.53
CA THR A 234 0.27 14.21 34.49
C THR A 234 0.47 13.71 33.06
N LEU A 235 -0.27 14.24 32.09
CA LEU A 235 -0.17 13.75 30.70
C LEU A 235 1.22 13.96 30.11
N LYS A 236 1.65 13.02 29.28
CA LYS A 236 2.97 13.09 28.62
C LYS A 236 2.86 14.10 27.48
N PRO A 237 3.83 15.01 27.27
CA PRO A 237 3.80 15.93 26.14
C PRO A 237 3.65 15.12 24.85
N ALA A 238 2.75 15.58 23.98
CA ALA A 238 2.42 14.84 22.76
C ALA A 238 3.48 14.95 21.66
N PHE A 239 4.33 15.98 21.67
CA PHE A 239 5.24 16.13 20.52
C PHE A 239 6.71 16.30 20.90
N LEU A 240 6.97 16.88 22.07
CA LEU A 240 8.35 17.18 22.49
C LEU A 240 8.78 16.39 23.77
N ARG A 241 9.57 15.33 23.53
CA ARG A 241 9.93 14.39 24.62
C ARG A 241 11.35 14.59 25.13
N ASP A 242 11.82 15.84 25.19
CA ASP A 242 13.17 16.11 25.69
C ASP A 242 13.21 16.73 27.09
N GLY A 243 12.06 16.89 27.74
CA GLY A 243 12.01 17.57 29.04
C GLY A 243 11.42 18.96 28.96
N THR A 244 11.59 19.65 27.84
CA THR A 244 11.07 21.03 27.70
C THR A 244 9.62 21.00 27.19
N GLY A 245 9.13 19.82 26.84
CA GLY A 245 7.76 19.65 26.39
C GLY A 245 6.73 20.19 27.34
N THR A 246 5.61 20.67 26.77
CA THR A 246 4.53 21.40 27.49
C THR A 246 3.12 21.14 26.90
N VAL A 247 3.01 20.91 25.60
CA VAL A 247 1.73 20.67 24.93
C VAL A 247 1.44 19.20 25.02
N THR A 248 0.20 18.86 25.33
CA THR A 248 -0.22 17.45 25.47
C THR A 248 -1.51 17.20 24.69
N ALA A 249 -2.11 16.02 24.80
CA ALA A 249 -3.37 15.72 24.11
C ALA A 249 -4.53 16.39 24.83
N GLY A 250 -4.38 16.73 26.10
CA GLY A 250 -5.48 17.34 26.85
C GLY A 250 -5.53 18.83 26.65
N ASN A 251 -4.38 19.46 26.46
CA ASN A 251 -4.33 20.93 26.28
C ASN A 251 -4.26 21.30 24.81
N ALA A 252 -4.27 20.32 23.93
CA ALA A 252 -4.30 20.65 22.49
C ALA A 252 -5.66 20.29 21.92
N SER A 253 -5.87 20.65 20.67
CA SER A 253 -7.14 20.32 19.97
C SER A 253 -7.07 18.87 19.50
N THR A 254 -8.23 18.33 19.17
CA THR A 254 -8.32 16.94 18.70
C THR A 254 -8.52 16.93 17.19
N MET A 255 -8.51 15.75 16.58
CA MET A 255 -8.77 15.61 15.14
C MET A 255 -10.24 15.21 15.05
N ASN A 256 -11.02 15.87 14.21
CA ASN A 256 -12.47 15.58 14.22
C ASN A 256 -13.07 15.56 12.83
N ASP A 257 -14.36 15.28 12.77
CA ASP A 257 -15.16 15.22 11.53
C ASP A 257 -16.34 16.17 11.70
N GLY A 258 -16.50 17.12 10.80
CA GLY A 258 -17.62 18.06 10.92
C GLY A 258 -17.72 18.99 9.73
N ALA A 259 -18.77 19.79 9.70
CA ALA A 259 -18.98 20.72 8.57
C ALA A 259 -19.81 21.90 9.04
N SER A 260 -19.63 23.04 8.39
CA SER A 260 -20.35 24.25 8.73
C SER A 260 -20.63 25.08 7.49
N ALA A 261 -21.70 25.86 7.54
CA ALA A 261 -22.21 26.55 6.38
C ALA A 261 -23.01 27.77 6.79
N LEU A 262 -22.97 28.82 5.98
CA LEU A 262 -23.78 30.02 6.18
C LEU A 262 -24.38 30.45 4.85
N VAL A 263 -25.54 31.10 4.89
CA VAL A 263 -26.05 31.83 3.72
C VAL A 263 -25.70 33.31 3.89
N LEU A 264 -25.26 33.94 2.80
CA LEU A 264 -24.95 35.37 2.73
C LEU A 264 -25.83 36.04 1.69
N GLY A 265 -26.04 37.35 1.85
CA GLY A 265 -26.84 38.09 0.89
C GLY A 265 -26.53 39.55 0.77
N SER A 266 -26.95 40.12 -0.36
CA SER A 266 -27.06 41.58 -0.54
C SER A 266 -28.04 42.18 0.44
N LYS A 267 -27.89 43.48 0.66
CA LYS A 267 -28.83 44.26 1.46
C LYS A 267 -30.25 43.99 1.02
N ALA A 268 -30.48 44.09 -0.27
CA ALA A 268 -31.80 43.88 -0.87
C ALA A 268 -32.39 42.53 -0.55
N ILE A 269 -31.55 41.50 -0.55
CA ILE A 269 -32.01 40.11 -0.29
C ILE A 269 -32.31 39.98 1.21
N ALA A 270 -31.49 40.60 2.05
CA ALA A 270 -31.72 40.54 3.50
C ALA A 270 -33.04 41.22 3.84
N ARG A 271 -33.29 42.40 3.26
CA ARG A 271 -34.52 43.14 3.54
C ARG A 271 -35.74 42.34 3.10
N GLU A 272 -35.68 41.75 1.92
CA GLU A 272 -36.86 41.02 1.42
C GLU A 272 -37.08 39.70 2.17
N PHE A 273 -36.02 39.01 2.59
CA PHE A 273 -36.28 37.67 3.17
C PHE A 273 -35.66 37.38 4.53
N ALA A 274 -34.84 38.26 5.10
CA ALA A 274 -34.22 37.82 6.37
C ALA A 274 -34.31 38.88 7.46
N GLN A 275 -35.42 39.59 7.57
CA GLN A 275 -35.47 40.69 8.59
C GLN A 275 -35.34 40.17 10.02
N GLY A 276 -36.07 39.14 10.43
CA GLY A 276 -35.88 38.73 11.83
C GLY A 276 -35.00 37.53 12.03
N ASN A 277 -34.18 37.19 11.03
CA ASN A 277 -33.30 35.99 11.07
C ASN A 277 -32.51 35.92 12.37
N ARG A 278 -32.52 34.74 13.00
CA ARG A 278 -31.83 34.47 14.28
C ARG A 278 -30.36 34.86 14.16
N ALA A 279 -29.70 34.47 13.08
CA ALA A 279 -28.27 34.72 12.87
C ALA A 279 -27.88 36.00 12.10
N LEU A 280 -28.88 36.76 11.65
CA LEU A 280 -28.67 37.93 10.78
C LEU A 280 -27.59 38.87 11.32
N ALA A 281 -26.61 39.20 10.49
CA ALA A 281 -25.51 40.09 10.89
C ALA A 281 -24.85 40.67 9.65
N ARG A 282 -24.03 41.70 9.81
CA ARG A 282 -23.35 42.31 8.65
C ARG A 282 -21.88 41.95 8.71
N ILE A 283 -21.26 41.65 7.58
CA ILE A 283 -19.79 41.38 7.59
C ILE A 283 -19.16 42.76 7.52
N VAL A 284 -18.55 43.20 8.61
CA VAL A 284 -18.00 44.57 8.65
C VAL A 284 -16.63 44.58 7.96
N SER A 285 -15.77 43.63 8.30
CA SER A 285 -14.45 43.60 7.65
C SER A 285 -13.86 42.20 7.69
N THR A 286 -12.83 42.00 6.88
CA THR A 286 -12.04 40.75 6.92
C THR A 286 -10.59 41.16 6.81
N ALA A 287 -9.69 40.29 7.21
CA ALA A 287 -8.26 40.53 7.03
C ALA A 287 -7.48 39.22 7.06
N ASP A 288 -6.49 39.12 6.19
CA ASP A 288 -5.57 37.96 6.17
C ASP A 288 -4.19 38.53 6.46
N ALA A 289 -3.38 37.85 7.24
CA ALA A 289 -2.01 38.28 7.44
C ALA A 289 -1.15 37.06 7.60
N ALA A 290 0.15 37.23 7.43
CA ALA A 290 1.08 36.11 7.48
C ALA A 290 2.46 36.55 7.98
N ILE A 291 3.13 35.65 8.70
CA ILE A 291 4.49 35.86 9.22
C ILE A 291 5.24 34.55 8.99
N ASP A 292 6.36 34.34 9.67
CA ASP A 292 7.15 33.10 9.47
C ASP A 292 6.34 31.87 9.85
N PRO A 293 6.46 30.77 9.08
CA PRO A 293 5.74 29.52 9.33
C PRO A 293 5.76 28.97 10.77
N VAL A 294 6.86 29.13 11.49
CA VAL A 294 7.01 28.65 12.89
C VAL A 294 6.23 29.55 13.85
N ASP A 295 5.94 30.78 13.44
CA ASP A 295 5.25 31.75 14.33
C ASP A 295 3.77 31.82 14.04
N PHE A 296 3.24 30.84 13.32
CA PHE A 296 1.80 30.77 12.94
C PHE A 296 0.87 30.94 14.14
N PRO A 297 1.15 30.43 15.36
CA PRO A 297 0.25 30.69 16.47
C PRO A 297 -0.02 32.18 16.73
N VAL A 298 0.90 33.07 16.38
CA VAL A 298 0.67 34.51 16.66
C VAL A 298 0.23 35.35 15.43
N ALA A 299 0.06 34.70 14.30
CA ALA A 299 -0.46 35.38 13.13
C ALA A 299 -1.83 36.02 13.39
N PRO A 300 -2.68 35.44 14.26
CA PRO A 300 -3.94 36.11 14.54
C PRO A 300 -3.79 37.47 15.19
N ALA A 301 -2.70 37.64 15.94
CA ALA A 301 -2.39 38.92 16.54
C ALA A 301 -2.09 39.97 15.48
N LYS A 302 -1.69 39.54 14.28
CA LYS A 302 -1.44 40.44 13.16
C LYS A 302 -2.71 40.68 12.31
N ALA A 303 -3.57 39.68 12.20
CA ALA A 303 -4.74 39.83 11.38
C ALA A 303 -5.79 40.72 12.08
N VAL A 304 -6.02 40.47 13.35
CA VAL A 304 -7.09 41.14 14.15
C VAL A 304 -7.00 42.66 14.07
N PRO A 305 -5.88 43.31 14.43
CA PRO A 305 -5.79 44.78 14.31
C PRO A 305 -6.16 45.33 12.93
N ILE A 306 -5.74 44.63 11.86
CA ILE A 306 -6.01 45.07 10.49
C ILE A 306 -7.51 45.01 10.24
N ALA A 307 -8.11 43.85 10.50
CA ALA A 307 -9.58 43.69 10.44
C ALA A 307 -10.34 44.75 11.25
N LEU A 308 -9.86 45.09 12.45
CA LEU A 308 -10.53 46.07 13.33
C LEU A 308 -10.41 47.50 12.76
N GLU A 309 -9.19 47.84 12.32
CA GLU A 309 -8.93 49.06 11.59
C GLU A 309 -9.84 49.14 10.35
N ARG A 310 -9.95 48.09 9.56
CA ARG A 310 -10.82 48.18 8.39
C ARG A 310 -12.29 48.34 8.78
N ALA A 311 -12.68 47.84 9.94
CA ALA A 311 -14.05 47.99 10.47
C ALA A 311 -14.35 49.34 11.17
N GLY A 312 -13.31 50.13 11.43
CA GLY A 312 -13.39 51.36 12.20
C GLY A 312 -13.77 51.16 13.66
N ILE A 313 -13.34 50.04 14.26
CA ILE A 313 -13.61 49.77 15.67
C ILE A 313 -12.33 49.46 16.45
N THR A 314 -12.48 49.42 17.77
CA THR A 314 -11.41 49.11 18.72
C THR A 314 -11.63 47.72 19.36
N LYS A 315 -10.59 47.16 19.99
CA LYS A 315 -10.70 45.93 20.78
C LYS A 315 -11.81 46.00 21.79
N ASP A 316 -11.98 47.17 22.38
CA ASP A 316 -12.88 47.33 23.51
C ASP A 316 -14.33 47.39 23.07
N GLN A 317 -14.54 47.48 21.76
CA GLN A 317 -15.91 47.51 21.21
C GLN A 317 -16.37 46.10 20.87
N VAL A 318 -15.47 45.12 20.90
CA VAL A 318 -15.83 43.73 20.55
C VAL A 318 -16.45 43.02 21.75
N ALA A 319 -17.68 42.54 21.57
CA ALA A 319 -18.45 41.86 22.64
C ALA A 319 -17.92 40.45 22.89
N VAL A 320 -17.88 39.62 21.85
CA VAL A 320 -17.44 38.21 22.01
C VAL A 320 -16.35 37.89 20.98
N TRP A 321 -15.25 37.32 21.47
CA TRP A 321 -14.13 36.89 20.60
C TRP A 321 -14.21 35.39 20.40
N GLU A 322 -14.09 34.93 19.17
CA GLU A 322 -14.09 33.48 18.92
C GLU A 322 -12.78 33.13 18.24
N PHE A 323 -11.78 32.74 19.00
CA PHE A 323 -10.47 32.36 18.44
C PHE A 323 -10.38 30.83 18.44
N ASN A 324 -10.08 30.24 17.30
CA ASN A 324 -9.84 28.79 17.26
C ASN A 324 -8.77 28.35 18.28
N GLU A 325 -9.10 27.36 19.10
CA GLU A 325 -8.21 26.88 20.17
C GLU A 325 -7.33 25.74 19.64
N ALA A 326 -6.48 26.04 18.67
CA ALA A 326 -5.58 25.04 18.07
C ALA A 326 -4.81 24.31 19.16
N PHE A 327 -4.23 25.14 20.02
CA PHE A 327 -3.60 24.74 21.27
C PHE A 327 -3.93 25.79 22.34
N ALA A 328 -4.00 25.39 23.61
CA ALA A 328 -4.12 26.36 24.71
C ALA A 328 -3.02 27.43 24.61
N ALA A 329 -1.78 27.01 24.31
CA ALA A 329 -0.67 27.95 24.09
C ALA A 329 -1.02 29.09 23.10
N VAL A 330 -1.75 28.74 22.05
CA VAL A 330 -2.13 29.72 21.01
C VAL A 330 -3.09 30.77 21.56
N ILE A 331 -4.13 30.36 22.28
CA ILE A 331 -5.12 31.31 22.80
C ILE A 331 -4.48 32.26 23.79
N LYS A 332 -3.71 31.73 24.73
CA LYS A 332 -3.02 32.53 25.76
C LYS A 332 -1.99 33.49 25.17
N ALA A 333 -1.25 33.08 24.15
CA ALA A 333 -0.29 34.01 23.53
C ALA A 333 -1.01 35.18 22.89
N ASN A 334 -2.11 34.89 22.21
CA ASN A 334 -2.91 35.92 21.53
C ASN A 334 -3.67 36.85 22.50
N GLU A 335 -4.12 36.32 23.65
CA GLU A 335 -4.68 37.15 24.72
C GLU A 335 -3.59 38.06 25.29
N LYS A 336 -2.37 37.53 25.44
CA LYS A 336 -1.25 38.35 25.91
C LYS A 336 -1.01 39.53 24.98
N ILE A 337 -0.86 39.24 23.70
CA ILE A 337 -0.45 40.23 22.74
C ILE A 337 -1.53 41.28 22.55
N LEU A 338 -2.75 40.83 22.35
CA LEU A 338 -3.87 41.71 22.09
C LEU A 338 -4.49 42.35 23.34
N GLY A 339 -4.08 41.92 24.54
CA GLY A 339 -4.64 42.43 25.79
C GLY A 339 -6.12 42.08 25.90
N LEU A 340 -6.45 40.82 25.66
CA LEU A 340 -7.85 40.34 25.75
C LEU A 340 -8.04 39.59 27.08
N GLN A 341 -6.96 39.37 27.82
CA GLN A 341 -7.02 38.64 29.12
C GLN A 341 -8.38 38.83 29.79
N ASN A 342 -8.87 40.05 29.86
CA ASN A 342 -10.15 40.26 30.57
C ASN A 342 -11.30 40.41 29.56
N ALA A 343 -11.19 39.72 28.44
CA ALA A 343 -12.31 39.76 27.48
C ALA A 343 -13.03 38.42 27.51
N ARG A 344 -14.14 38.36 26.78
CA ARG A 344 -14.95 37.11 26.68
C ARG A 344 -14.55 36.39 25.41
N VAL A 345 -13.51 35.56 25.50
CA VAL A 345 -13.00 34.79 24.35
C VAL A 345 -13.35 33.32 24.54
N ASN A 346 -14.18 32.79 23.63
CA ASN A 346 -14.65 31.39 23.60
C ASN A 346 -15.48 31.11 24.84
N PRO A 347 -16.61 31.81 25.05
CA PRO A 347 -17.42 31.61 26.23
C PRO A 347 -18.05 30.22 26.34
N LEU A 348 -18.36 29.59 25.22
CA LEU A 348 -19.05 28.27 25.27
C LEU A 348 -18.07 27.16 24.91
N GLY A 349 -16.78 27.36 25.13
CA GLY A 349 -15.72 26.38 24.74
C GLY A 349 -15.02 26.62 23.40
N GLY A 350 -14.09 25.75 23.04
CA GLY A 350 -13.56 25.70 21.69
C GLY A 350 -12.85 24.39 21.36
N ALA A 351 -12.08 24.44 20.28
CA ALA A 351 -11.42 23.28 19.69
C ALA A 351 -10.84 22.23 20.66
N ILE A 352 -10.32 22.68 21.81
CA ILE A 352 -9.75 21.74 22.79
C ILE A 352 -10.83 20.76 23.29
N SER A 353 -12.03 21.27 23.51
CA SER A 353 -13.13 20.48 24.04
C SER A 353 -14.21 20.13 22.99
N LEU A 354 -14.45 21.00 22.01
CA LEU A 354 -15.49 20.76 20.98
C LEU A 354 -14.94 20.28 19.64
N GLY A 355 -13.64 20.00 19.58
CA GLY A 355 -13.04 19.49 18.37
C GLY A 355 -12.72 20.49 17.29
N HIS A 356 -11.97 20.01 16.29
CA HIS A 356 -11.36 20.81 15.24
C HIS A 356 -11.32 20.02 13.89
N ALA A 357 -12.46 19.94 13.20
CA ALA A 357 -12.49 19.45 11.79
C ALA A 357 -11.92 20.53 10.83
N LEU A 358 -10.61 20.49 10.63
CA LEU A 358 -9.74 21.46 9.90
C LEU A 358 -10.47 22.53 9.07
N GLY A 359 -10.81 22.23 7.82
CA GLY A 359 -11.46 23.14 6.92
C GLY A 359 -12.86 23.64 7.29
N SER A 360 -13.45 23.05 8.31
CA SER A 360 -14.78 23.47 8.80
C SER A 360 -14.63 24.45 9.96
N SER A 361 -13.52 24.38 10.68
CA SER A 361 -13.29 25.20 11.89
C SER A 361 -13.50 26.70 11.68
N GLY A 362 -12.98 27.26 10.60
CA GLY A 362 -13.12 28.70 10.35
C GLY A 362 -14.56 29.13 10.31
N SER A 363 -15.42 28.37 9.66
CA SER A 363 -16.84 28.78 9.61
C SER A 363 -17.60 28.19 10.80
N ARG A 364 -17.04 27.20 11.49
CA ARG A 364 -17.72 26.64 12.69
C ARG A 364 -17.71 27.69 13.79
N ILE A 365 -16.58 28.36 14.00
CA ILE A 365 -16.46 29.41 15.05
C ILE A 365 -17.37 30.58 14.70
N LEU A 366 -17.51 30.93 13.42
CA LEU A 366 -18.37 32.04 13.00
C LEU A 366 -19.81 31.70 13.40
N VAL A 367 -20.26 30.51 13.05
CA VAL A 367 -21.63 30.04 13.36
C VAL A 367 -21.87 30.13 14.87
N THR A 368 -20.91 29.71 15.67
CA THR A 368 -21.06 29.74 17.15
C THR A 368 -21.05 31.19 17.64
N LEU A 369 -20.27 32.05 16.99
CA LEU A 369 -20.12 33.48 17.36
C LEU A 369 -21.42 34.21 17.05
N LEU A 370 -22.07 33.88 15.95
CA LEU A 370 -23.31 34.58 15.55
C LEU A 370 -24.47 34.24 16.48
N HIS A 371 -24.44 33.10 17.16
CA HIS A 371 -25.56 32.72 18.03
C HIS A 371 -25.36 33.30 19.43
N GLN A 372 -24.21 33.91 19.69
CA GLN A 372 -23.95 34.47 21.04
C GLN A 372 -24.04 35.98 21.07
N LEU A 373 -24.22 36.64 19.93
CA LEU A 373 -24.22 38.13 19.95
C LEU A 373 -25.63 38.69 20.12
N GLN A 374 -25.71 39.85 20.77
CA GLN A 374 -26.98 40.57 21.02
C GLN A 374 -27.13 41.66 19.96
N PRO A 375 -28.34 42.09 19.58
CA PRO A 375 -28.48 43.22 18.64
C PRO A 375 -27.43 44.32 18.83
N GLY A 376 -26.86 44.74 17.71
CA GLY A 376 -25.87 45.83 17.67
C GLY A 376 -24.45 45.46 18.06
N GLU A 377 -24.29 44.28 18.61
CA GLU A 377 -22.97 43.84 19.12
C GLU A 377 -22.00 43.49 17.98
N TYR A 378 -20.73 43.74 18.24
CA TYR A 378 -19.62 43.46 17.31
C TYR A 378 -18.93 42.18 17.78
N GLY A 379 -18.77 41.23 16.85
CA GLY A 379 -18.10 39.96 17.15
C GLY A 379 -16.87 39.77 16.28
N VAL A 380 -15.89 39.02 16.74
CA VAL A 380 -14.66 38.77 15.95
C VAL A 380 -14.34 37.27 15.90
N ALA A 381 -14.25 36.73 14.70
CA ALA A 381 -13.79 35.34 14.54
C ALA A 381 -12.36 35.40 14.00
N ALA A 382 -11.41 34.74 14.66
CA ALA A 382 -10.04 34.70 14.17
C ALA A 382 -9.52 33.26 14.20
N ILE A 383 -8.62 32.92 13.27
CA ILE A 383 -8.13 31.54 13.14
C ILE A 383 -6.79 31.49 12.44
N CYS A 384 -5.79 30.95 13.12
CA CYS A 384 -4.46 30.79 12.56
C CYS A 384 -4.47 29.58 11.60
N ASN A 385 -3.44 29.46 10.79
CA ASN A 385 -3.33 28.35 9.82
C ASN A 385 -1.86 28.11 9.45
N GLY A 386 -1.51 26.82 9.27
CA GLY A 386 -0.14 26.39 9.04
C GLY A 386 0.50 27.01 7.82
N GLY A 387 1.81 27.17 7.88
CA GLY A 387 2.51 27.91 6.85
C GLY A 387 2.77 29.34 7.29
N GLY A 388 2.07 29.81 8.32
CA GLY A 388 2.41 31.03 9.03
C GLY A 388 1.43 32.17 8.93
N ALA A 389 0.14 31.86 9.01
CA ALA A 389 -0.89 32.78 8.58
C ALA A 389 -2.15 32.77 9.46
N ALA A 390 -3.00 33.76 9.25
CA ALA A 390 -4.30 33.81 9.87
C ALA A 390 -5.30 34.64 9.07
N THR A 391 -6.55 34.55 9.49
CA THR A 391 -7.62 35.36 8.91
C THR A 391 -8.59 35.71 10.03
N ALA A 392 -8.95 36.98 10.12
CA ALA A 392 -9.90 37.48 11.12
C ALA A 392 -11.07 38.14 10.41
N MET A 393 -12.26 38.02 10.97
CA MET A 393 -13.46 38.68 10.44
C MET A 393 -14.18 39.39 11.59
N VAL A 394 -14.66 40.62 11.36
CA VAL A 394 -15.51 41.39 12.28
C VAL A 394 -16.92 41.39 11.71
N VAL A 395 -17.89 41.09 12.56
CA VAL A 395 -19.33 41.08 12.17
C VAL A 395 -20.11 41.97 13.14
N GLN A 396 -21.34 42.34 12.79
CA GLN A 396 -22.19 43.15 13.68
C GLN A 396 -23.55 42.49 13.73
N LYS A 397 -23.99 42.05 14.91
CA LYS A 397 -25.30 41.35 15.03
C LYS A 397 -26.44 42.34 14.85
N LEU A 398 -27.45 41.98 14.06
CA LEU A 398 -28.58 42.90 13.81
C LEU A 398 -29.91 42.17 13.86
N ASP A 399 -30.95 42.88 14.26
CA ASP A 399 -32.34 42.41 14.15
C ASP A 399 -32.90 42.63 12.77
N ARG A 400 -32.50 43.73 12.12
CA ARG A 400 -33.03 44.01 10.77
C ARG A 400 -32.08 44.94 10.02
N VAL A 401 -32.20 44.92 8.70
CA VAL A 401 -31.43 45.79 7.78
C VAL A 401 -32.44 46.73 7.13
N ASP A 402 -32.05 47.98 6.92
CA ASP A 402 -32.95 49.03 6.37
C ASP A 402 -32.30 50.02 5.39
N LYS B 4 -13.37 52.62 -1.79
CA LYS B 4 -14.85 52.53 -1.72
C LYS B 4 -15.44 52.46 -3.13
N GLU B 5 -14.63 52.78 -4.13
CA GLU B 5 -15.05 52.69 -5.56
C GLU B 5 -14.31 51.52 -6.18
N ILE B 6 -15.00 50.66 -6.92
CA ILE B 6 -14.33 49.47 -7.50
C ILE B 6 -13.33 49.89 -8.57
N GLN B 7 -12.12 49.36 -8.55
CA GLN B 7 -11.11 49.72 -9.57
C GLN B 7 -10.88 48.58 -10.54
N GLU B 8 -9.91 48.77 -11.41
CA GLU B 8 -9.54 47.76 -12.43
C GLU B 8 -8.25 47.07 -12.02
N ALA B 9 -8.03 45.88 -12.56
CA ALA B 9 -6.81 45.10 -12.29
C ALA B 9 -6.08 44.92 -13.61
N TYR B 10 -4.77 44.95 -13.57
CA TYR B 10 -4.00 44.81 -14.82
C TYR B 10 -3.10 43.60 -14.73
N ILE B 11 -2.80 43.00 -15.87
CA ILE B 11 -1.82 41.88 -15.87
C ILE B 11 -0.50 42.52 -16.25
N LEU B 12 0.53 42.33 -15.46
CA LEU B 12 1.83 42.91 -15.79
C LEU B 12 2.83 41.93 -16.41
N SER B 13 2.69 40.65 -16.11
CA SER B 13 3.62 39.68 -16.59
C SER B 13 3.02 38.30 -16.47
N GLY B 14 3.52 37.39 -17.29
CA GLY B 14 3.10 36.00 -17.23
C GLY B 14 4.24 35.10 -17.64
N ALA B 15 4.43 34.04 -16.90
CA ALA B 15 5.26 32.96 -17.38
C ALA B 15 4.64 31.58 -17.15
N ARG B 16 5.15 30.63 -17.90
CA ARG B 16 4.90 29.22 -17.61
C ARG B 16 6.21 28.47 -17.67
N THR B 17 6.29 27.42 -16.88
CA THR B 17 7.38 26.47 -17.08
C THR B 17 7.04 25.68 -18.34
N PRO B 18 7.93 24.88 -18.92
CA PRO B 18 7.54 24.04 -20.03
C PRO B 18 6.54 22.95 -19.58
N THR B 19 5.65 22.53 -20.46
CA THR B 19 4.72 21.45 -20.08
C THR B 19 5.44 20.11 -20.27
N ALA B 20 5.76 19.43 -19.18
CA ALA B 20 6.46 18.14 -19.28
C ALA B 20 5.48 16.99 -19.48
N LYS B 21 5.97 15.90 -20.05
CA LYS B 21 5.20 14.68 -20.32
C LYS B 21 4.92 13.96 -19.00
N PHE B 22 3.84 13.19 -18.96
CA PHE B 22 3.51 12.39 -17.79
C PHE B 22 4.61 11.34 -17.57
N ASN B 23 5.02 11.16 -16.32
CA ASN B 23 6.21 10.37 -16.00
C ASN B 23 7.51 10.79 -16.73
N GLY B 24 7.59 12.07 -17.08
CA GLY B 24 8.72 12.62 -17.82
C GLY B 24 9.75 13.37 -16.97
N SER B 25 10.20 14.51 -17.47
CA SER B 25 11.28 15.32 -16.87
C SER B 25 10.97 15.90 -15.50
N PHE B 26 9.72 16.02 -15.12
CA PHE B 26 9.42 16.69 -13.82
C PHE B 26 8.90 15.73 -12.76
N VAL B 27 9.25 14.44 -12.81
CA VAL B 27 8.76 13.48 -11.78
C VAL B 27 9.39 13.76 -10.40
N SER B 28 10.55 14.42 -10.34
CA SER B 28 11.23 14.71 -9.06
C SER B 28 10.99 16.16 -8.65
N VAL B 29 10.23 16.91 -9.43
CA VAL B 29 9.94 18.34 -9.13
C VAL B 29 8.46 18.47 -8.76
N SER B 30 8.18 18.82 -7.52
CA SER B 30 6.79 18.95 -7.04
C SER B 30 6.08 20.15 -7.67
N ALA B 31 4.75 20.12 -7.70
CA ALA B 31 3.95 21.21 -8.27
C ALA B 31 4.37 22.56 -7.68
N PRO B 32 4.53 22.74 -6.36
CA PRO B 32 4.99 24.00 -5.78
C PRO B 32 6.39 24.41 -6.24
N GLU B 33 7.29 23.47 -6.49
CA GLU B 33 8.61 23.85 -7.04
C GLU B 33 8.46 24.35 -8.47
N LEU B 34 7.65 23.65 -9.28
CA LEU B 34 7.30 24.14 -10.60
C LEU B 34 6.61 25.52 -10.50
N GLY B 35 5.69 25.68 -9.58
CA GLY B 35 5.05 26.96 -9.35
C GLY B 35 6.04 28.08 -9.05
N ALA B 36 7.05 27.76 -8.26
CA ALA B 36 8.03 28.75 -7.81
C ALA B 36 8.84 29.25 -8.97
N VAL B 37 9.09 28.39 -9.94
CA VAL B 37 9.87 28.77 -11.15
C VAL B 37 9.03 29.78 -11.94
N ALA B 38 7.77 29.48 -12.18
CA ALA B 38 6.90 30.37 -12.97
C ALA B 38 6.64 31.67 -12.21
N ILE B 39 6.50 31.62 -10.90
CA ILE B 39 6.26 32.85 -10.09
C ILE B 39 7.52 33.72 -10.12
N LYS B 40 8.68 33.10 -9.99
CA LYS B 40 9.96 33.83 -9.97
C LYS B 40 10.14 34.59 -11.29
N SER B 41 9.81 33.96 -12.40
CA SER B 41 9.97 34.58 -13.74
C SER B 41 8.94 35.69 -13.92
N ALA B 42 7.69 35.43 -13.55
CA ALA B 42 6.64 36.45 -13.68
C ALA B 42 7.00 37.67 -12.82
N VAL B 43 7.48 37.45 -11.61
CA VAL B 43 7.83 38.57 -10.69
C VAL B 43 9.01 39.36 -11.26
N SER B 44 9.99 38.68 -11.83
CA SER B 44 11.16 39.38 -12.40
C SER B 44 10.76 40.23 -13.60
N LYS B 45 9.90 39.69 -14.47
CA LYS B 45 9.49 40.36 -15.72
C LYS B 45 8.47 41.47 -15.47
N SER B 46 7.87 41.53 -14.29
CA SER B 46 6.81 42.53 -14.03
C SER B 46 7.39 43.92 -13.81
N GLY B 47 8.61 43.99 -13.28
CA GLY B 47 9.24 45.25 -12.97
C GLY B 47 8.71 45.93 -11.73
N VAL B 48 7.99 45.19 -10.90
CA VAL B 48 7.39 45.73 -9.67
C VAL B 48 8.31 45.37 -8.51
N PRO B 49 8.59 46.26 -7.54
CA PRO B 49 9.38 45.87 -6.39
C PRO B 49 8.61 44.75 -5.71
N VAL B 50 9.29 43.69 -5.25
CA VAL B 50 8.64 42.48 -4.64
C VAL B 50 7.89 42.77 -3.32
N GLU B 51 8.17 43.89 -2.66
CA GLU B 51 7.47 44.29 -1.40
C GLU B 51 6.02 44.71 -1.67
N LYS B 52 5.65 45.03 -2.91
CA LYS B 52 4.28 45.44 -3.27
C LYS B 52 3.36 44.22 -3.39
N ILE B 53 3.88 43.05 -3.79
CA ILE B 53 3.05 41.82 -3.94
C ILE B 53 2.68 41.27 -2.56
N THR B 54 1.39 41.13 -2.28
CA THR B 54 0.95 40.73 -0.93
C THR B 54 0.18 39.40 -0.90
N ASP B 55 -0.22 38.86 -2.04
CA ASP B 55 -0.93 37.56 -2.01
C ASP B 55 -0.46 36.70 -3.16
N VAL B 56 -0.49 35.39 -2.97
CA VAL B 56 -0.13 34.40 -4.02
C VAL B 56 -1.30 33.42 -4.07
N TYR B 57 -2.05 33.43 -5.16
CA TYR B 57 -3.19 32.51 -5.35
C TYR B 57 -2.81 31.51 -6.43
N MET B 58 -2.71 30.23 -6.05
CA MET B 58 -2.31 29.19 -7.03
C MET B 58 -3.32 28.05 -7.06
N GLY B 59 -3.73 27.69 -8.27
CA GLY B 59 -4.59 26.54 -8.52
C GLY B 59 -3.78 25.29 -8.35
N ASN B 60 -4.39 24.26 -7.79
CA ASN B 60 -3.80 22.94 -7.71
C ASN B 60 -4.94 21.91 -7.51
N VAL B 61 -5.15 20.99 -8.43
CA VAL B 61 -6.35 20.12 -8.25
C VAL B 61 -6.10 18.89 -7.38
N LEU B 62 -4.94 18.29 -7.45
CA LEU B 62 -4.65 17.01 -6.83
C LEU B 62 -3.56 17.24 -5.80
N GLN B 63 -3.99 17.50 -4.58
CA GLN B 63 -3.12 18.10 -3.56
C GLN B 63 -2.52 17.05 -2.65
N GLY B 64 -2.83 15.79 -2.91
CA GLY B 64 -2.33 14.68 -2.11
C GLY B 64 -0.82 14.57 -2.16
N ALA B 65 -0.21 14.57 -0.99
CA ALA B 65 1.21 14.32 -0.80
C ALA B 65 2.07 15.48 -1.29
N VAL B 66 1.41 16.57 -1.67
CA VAL B 66 2.11 17.79 -2.02
C VAL B 66 2.64 18.46 -0.76
N GLY B 67 2.15 18.09 0.42
CA GLY B 67 2.50 18.77 1.68
C GLY B 67 1.56 19.92 2.04
N GLN B 68 1.76 20.46 3.24
CA GLN B 68 0.89 21.52 3.77
C GLN B 68 0.88 22.75 2.89
N ALA B 69 -0.31 23.26 2.62
CA ALA B 69 -0.45 24.56 1.95
C ALA B 69 0.35 24.69 0.64
N PRO B 70 -0.08 24.02 -0.44
CA PRO B 70 0.75 24.01 -1.64
C PRO B 70 1.09 25.37 -2.23
N ALA B 71 0.16 26.32 -2.16
CA ALA B 71 0.43 27.68 -2.69
C ALA B 71 1.40 28.46 -1.80
N ARG B 72 1.37 28.25 -0.50
CA ARG B 72 2.38 28.78 0.42
C ARG B 72 3.77 28.32 0.04
N GLN B 73 3.88 27.04 -0.29
CA GLN B 73 5.13 26.47 -0.76
C GLN B 73 5.64 27.13 -2.01
N ALA B 74 4.74 27.38 -2.94
CA ALA B 74 5.11 28.01 -4.21
C ALA B 74 5.68 29.41 -3.96
N SER B 75 4.97 30.16 -3.14
CA SER B 75 5.38 31.50 -2.79
C SER B 75 6.76 31.47 -2.15
N MET B 76 6.94 30.55 -1.18
CA MET B 76 8.10 30.55 -0.33
C MET B 76 9.29 30.06 -1.12
N PHE B 77 9.10 29.03 -1.95
CA PHE B 77 10.18 28.51 -2.81
C PHE B 77 10.62 29.53 -3.88
N ALA B 78 9.76 30.46 -4.26
CA ALA B 78 10.15 31.51 -5.19
C ALA B 78 10.94 32.64 -4.50
N GLY B 79 11.16 32.55 -3.19
CA GLY B 79 11.93 33.53 -2.46
C GLY B 79 11.10 34.72 -2.11
N LEU B 80 9.78 34.61 -2.19
CA LEU B 80 8.90 35.68 -1.70
C LEU B 80 8.90 35.64 -0.17
N SER B 81 8.64 36.79 0.43
CA SER B 81 8.73 36.89 1.90
C SER B 81 7.59 36.16 2.59
N PRO B 82 7.77 35.73 3.85
CA PRO B 82 6.73 35.12 4.66
C PRO B 82 5.51 35.99 5.00
N THR B 83 5.57 37.30 4.80
CA THR B 83 4.46 38.25 5.05
C THR B 83 3.44 38.17 3.91
N VAL B 84 3.81 37.57 2.79
CA VAL B 84 2.91 37.36 1.62
C VAL B 84 1.87 36.32 2.00
N GLU B 85 0.60 36.64 1.79
CA GLU B 85 -0.47 35.70 2.14
C GLU B 85 -0.71 34.76 0.98
N SER B 86 -1.31 33.61 1.24
CA SER B 86 -1.51 32.63 0.15
C SER B 86 -2.77 31.81 0.35
N MET B 87 -3.09 31.02 -0.65
CA MET B 87 -4.26 30.19 -0.73
C MET B 87 -4.20 29.27 -1.96
N THR B 88 -4.56 28.01 -1.78
CA THR B 88 -4.63 27.05 -2.87
C THR B 88 -6.06 26.94 -3.31
N VAL B 89 -6.32 27.16 -4.59
CA VAL B 89 -7.72 27.13 -5.07
C VAL B 89 -7.99 25.90 -5.93
N ASN B 90 -9.15 25.28 -5.72
CA ASN B 90 -9.55 24.05 -6.44
C ASN B 90 -10.89 24.23 -7.16
N LYS B 91 -10.83 24.60 -8.43
CA LYS B 91 -12.04 24.66 -9.28
C LYS B 91 -11.81 23.67 -10.41
N VAL B 92 -11.16 22.56 -10.09
CA VAL B 92 -10.76 21.48 -11.03
C VAL B 92 -9.92 22.09 -12.14
N ALA B 94 -10.49 24.66 -14.01
CA ALA B 94 -10.59 26.13 -14.08
C ALA B 94 -9.73 26.77 -12.98
N SER B 95 -9.15 25.95 -12.12
CA SER B 95 -8.34 26.38 -10.96
C SER B 95 -7.39 27.55 -11.26
N GLY B 96 -6.59 27.42 -12.29
CA GLY B 96 -5.62 28.47 -12.60
C GLY B 96 -6.24 29.79 -13.05
N LEU B 97 -7.32 29.73 -13.80
CA LEU B 97 -8.02 30.97 -14.22
C LEU B 97 -8.76 31.57 -13.02
N LYS B 98 -9.38 30.73 -12.20
CA LYS B 98 -10.11 31.18 -11.01
C LYS B 98 -9.18 31.85 -10.00
N ALA B 99 -7.96 31.33 -9.87
CA ALA B 99 -6.97 31.99 -9.01
C ALA B 99 -6.64 33.37 -9.51
N VAL B 100 -6.48 33.53 -10.81
CA VAL B 100 -6.20 34.85 -11.34
C VAL B 100 -7.38 35.80 -11.09
N ALA B 101 -8.60 35.34 -11.35
CA ALA B 101 -9.82 36.14 -11.06
C ALA B 101 -9.85 36.58 -9.61
N LEU B 102 -9.61 35.65 -8.69
CA LEU B 102 -9.63 35.94 -7.23
C LEU B 102 -8.57 36.99 -6.89
N ALA B 103 -7.36 36.84 -7.40
CA ALA B 103 -6.34 37.84 -7.16
C ALA B 103 -6.79 39.20 -7.74
N ALA B 104 -7.43 39.19 -8.90
CA ALA B 104 -7.95 40.41 -9.50
C ALA B 104 -9.01 41.06 -8.56
N GLN B 105 -9.84 40.24 -7.92
CA GLN B 105 -10.85 40.78 -7.00
C GLN B 105 -10.24 41.59 -5.87
N ASN B 106 -9.11 41.15 -5.32
CA ASN B 106 -8.43 41.92 -4.27
C ASN B 106 -8.05 43.31 -4.76
N ILE B 107 -7.55 43.39 -5.99
CA ILE B 107 -7.11 44.66 -6.53
C ILE B 107 -8.33 45.52 -6.82
N GLN B 108 -9.40 44.90 -7.31
CA GLN B 108 -10.64 45.57 -7.59
C GLN B 108 -11.31 46.19 -6.34
N LEU B 109 -11.32 45.46 -5.24
CA LEU B 109 -11.90 45.95 -3.98
C LEU B 109 -10.93 46.85 -3.20
N GLY B 110 -9.74 47.09 -3.73
CA GLY B 110 -8.79 47.98 -3.11
C GLY B 110 -8.04 47.42 -1.92
N LEU B 111 -8.10 46.11 -1.72
CA LEU B 111 -7.37 45.47 -0.61
C LEU B 111 -5.89 45.26 -0.98
N ALA B 112 -5.51 45.39 -2.24
CA ALA B 112 -4.09 45.15 -2.58
C ALA B 112 -3.68 45.88 -3.86
N GLU B 113 -2.40 46.14 -4.03
CA GLU B 113 -1.92 46.84 -5.24
C GLU B 113 -1.18 45.86 -6.15
N ALA B 114 -0.56 44.83 -5.61
CA ALA B 114 0.09 43.84 -6.50
C ALA B 114 -0.22 42.42 -6.03
N GLN B 115 -0.45 41.51 -6.97
CA GLN B 115 -0.79 40.10 -6.60
C GLN B 115 -0.05 39.15 -7.54
N VAL B 116 0.09 37.91 -7.12
CA VAL B 116 0.66 36.81 -7.95
C VAL B 116 -0.42 35.73 -8.03
N ALA B 117 -0.68 35.20 -9.21
CA ALA B 117 -1.70 34.21 -9.42
C ALA B 117 -1.40 33.31 -10.59
N GLY B 118 -1.93 32.11 -10.53
CA GLY B 118 -1.58 31.09 -11.50
C GLY B 118 -1.99 29.72 -11.05
N GLY B 119 -1.19 28.71 -11.38
CA GLY B 119 -1.63 27.33 -11.25
C GLY B 119 -0.48 26.38 -11.33
N MET B 120 -0.67 25.21 -10.75
CA MET B 120 0.37 24.18 -10.75
C MET B 120 -0.23 22.77 -10.65
N GLU B 121 0.48 21.81 -11.23
CA GLU B 121 0.03 20.41 -11.19
C GLU B 121 1.18 19.47 -11.53
N ASN B 122 1.35 18.44 -10.73
CA ASN B 122 2.32 17.38 -11.04
C ASN B 122 1.50 16.08 -11.01
N MET B 123 0.95 15.71 -12.16
CA MET B 123 0.09 14.51 -12.30
C MET B 123 0.92 13.25 -12.07
N SER B 124 2.18 13.27 -12.46
CA SER B 124 3.09 12.15 -12.12
C SER B 124 3.12 11.94 -10.59
N ARG B 125 3.17 13.00 -9.80
CA ARG B 125 3.31 12.84 -8.34
C ARG B 125 1.98 12.66 -7.62
N VAL B 126 0.90 12.45 -8.34
CA VAL B 126 -0.39 12.24 -7.63
C VAL B 126 -0.33 10.82 -7.10
N PRO B 127 -0.63 10.58 -5.82
CA PRO B 127 -0.51 9.27 -5.26
C PRO B 127 -1.74 8.38 -5.28
N TYR B 128 -1.53 7.12 -4.90
CA TYR B 128 -2.64 6.16 -4.73
C TYR B 128 -3.13 6.31 -3.30
N TYR B 129 -4.37 5.98 -3.05
CA TYR B 129 -4.95 6.18 -1.72
C TYR B 129 -5.17 4.86 -1.00
N LEU B 130 -4.51 4.69 0.15
CA LEU B 130 -4.76 3.57 1.03
C LEU B 130 -5.56 4.01 2.25
N PRO B 131 -6.79 3.51 2.44
CA PRO B 131 -7.57 3.89 3.61
C PRO B 131 -6.96 3.43 4.92
N ARG B 132 -7.27 4.15 5.99
CA ARG B 132 -6.82 3.83 7.37
C ARG B 132 -7.59 2.61 7.88
N SER B 133 -7.04 1.92 8.87
CA SER B 133 -7.56 0.66 9.41
C SER B 133 -9.07 0.57 9.64
N THR B 134 -9.70 1.63 10.14
CA THR B 134 -11.17 1.66 10.31
C THR B 134 -12.00 1.64 9.02
N GLN B 135 -11.36 1.75 7.85
CA GLN B 135 -12.11 1.70 6.58
C GLN B 135 -11.65 0.57 5.70
N LEU B 136 -10.87 -0.35 6.26
CA LEU B 136 -10.41 -1.49 5.53
C LEU B 136 -11.21 -2.71 5.98
N PRO B 137 -11.54 -3.61 5.04
CA PRO B 137 -12.14 -4.88 5.45
C PRO B 137 -11.14 -5.73 6.20
N PRO B 138 -11.61 -6.56 7.14
CA PRO B 138 -10.69 -7.38 7.96
C PRO B 138 -9.96 -8.49 7.21
N PHE B 139 -10.57 -8.98 6.13
CA PHE B 139 -9.92 -9.87 5.17
C PHE B 139 -10.59 -9.87 3.78
N GLY B 140 -9.81 -10.31 2.80
CA GLY B 140 -10.24 -10.30 1.40
C GLY B 140 -9.56 -9.19 0.62
N GLU B 141 -9.71 -9.22 -0.69
CA GLU B 141 -9.12 -8.30 -1.68
C GLU B 141 -9.39 -6.83 -1.31
N ILE B 142 -8.37 -5.98 -1.43
CA ILE B 142 -8.46 -4.52 -1.18
C ILE B 142 -8.22 -3.79 -2.49
N LYS B 143 -9.11 -2.88 -2.88
CA LYS B 143 -8.91 -2.12 -4.15
C LYS B 143 -8.34 -0.75 -3.80
N LEU B 144 -7.28 -0.36 -4.47
CA LEU B 144 -6.62 0.94 -4.20
C LEU B 144 -6.86 1.89 -5.36
N GLN B 145 -7.58 2.98 -5.13
CA GLN B 145 -7.77 4.02 -6.13
C GLN B 145 -6.54 4.88 -6.46
N ASP B 146 -6.36 5.19 -7.74
CA ASP B 146 -5.40 6.18 -8.20
C ASP B 146 -6.06 7.54 -7.99
N GLY B 147 -5.35 8.47 -7.37
CA GLY B 147 -5.88 9.86 -7.18
C GLY B 147 -6.24 10.52 -8.50
N LEU B 148 -5.43 10.24 -9.51
CA LEU B 148 -5.65 10.78 -10.87
C LEU B 148 -7.08 10.46 -11.30
N ILE B 149 -7.53 9.25 -11.04
CA ILE B 149 -8.89 8.86 -11.49
C ILE B 149 -9.91 9.36 -10.47
N GLN B 150 -9.84 8.88 -9.25
CA GLN B 150 -10.81 9.19 -8.18
C GLN B 150 -11.03 10.69 -7.95
N ASP B 151 -9.98 11.49 -7.85
CA ASP B 151 -10.19 12.92 -7.55
C ASP B 151 -10.03 13.82 -8.77
N GLY B 152 -9.32 13.38 -9.80
CA GLY B 152 -9.12 14.31 -10.92
C GLY B 152 -10.03 14.11 -12.11
N LEU B 153 -10.30 12.87 -12.51
CA LEU B 153 -11.02 12.66 -13.77
C LEU B 153 -12.27 11.79 -13.64
N TRP B 154 -12.84 11.65 -12.46
CA TRP B 154 -14.04 10.78 -12.36
C TRP B 154 -15.25 11.60 -11.94
N ASP B 155 -16.29 11.62 -12.76
CA ASP B 155 -17.53 12.35 -12.41
C ASP B 155 -18.20 11.63 -11.26
N VAL B 156 -18.45 12.34 -10.18
CA VAL B 156 -19.06 11.75 -8.95
C VAL B 156 -20.53 11.26 -9.16
N TYR B 157 -21.31 12.00 -9.93
CA TYR B 157 -22.77 11.81 -10.01
C TYR B 157 -23.16 10.74 -11.03
N ASN B 158 -22.37 10.60 -12.08
CA ASN B 158 -22.63 9.64 -13.18
C ASN B 158 -21.70 8.44 -13.11
N GLN B 159 -20.71 8.49 -12.24
CA GLN B 159 -19.69 7.44 -12.04
C GLN B 159 -19.06 6.97 -13.37
N PHE B 160 -18.57 7.95 -14.14
CA PHE B 160 -17.70 7.65 -15.29
C PHE B 160 -16.64 8.72 -15.55
N HIS B 161 -15.73 8.38 -16.45
CA HIS B 161 -14.63 9.26 -16.86
C HIS B 161 -15.14 10.52 -17.55
N MET B 162 -14.32 11.56 -17.50
CA MET B 162 -14.63 12.80 -18.20
C MET B 162 -14.84 12.54 -19.69
N GLY B 163 -14.09 11.60 -20.26
CA GLY B 163 -14.15 11.26 -21.68
C GLY B 163 -15.52 10.80 -22.13
N ILE B 164 -16.25 10.15 -21.25
CA ILE B 164 -17.63 9.78 -21.49
C ILE B 164 -18.46 11.07 -21.67
N CYS B 165 -18.31 12.04 -20.78
CA CYS B 165 -19.03 13.33 -20.92
C CYS B 165 -18.74 13.98 -22.29
N ALA B 166 -17.51 13.79 -22.74
CA ALA B 166 -17.08 14.27 -24.04
C ALA B 166 -17.84 13.52 -25.14
N GLU B 167 -17.92 12.18 -25.06
CA GLU B 167 -18.70 11.39 -26.04
C GLU B 167 -20.12 11.89 -26.23
N LYS B 168 -20.78 12.33 -25.15
CA LYS B 168 -22.20 12.74 -25.20
C LYS B 168 -22.39 14.12 -25.87
N THR B 169 -21.44 15.02 -25.63
CA THR B 169 -21.35 16.30 -26.34
C THR B 169 -21.04 16.08 -27.83
N ALA B 170 -20.23 15.07 -28.14
CA ALA B 170 -19.95 14.72 -29.53
C ALA B 170 -21.19 14.21 -30.24
N LYS B 171 -21.97 13.37 -29.55
CA LYS B 171 -23.19 12.83 -30.12
C LYS B 171 -24.13 13.98 -30.37
N LYS B 172 -24.49 14.71 -29.32
CA LYS B 172 -25.46 15.82 -29.46
C LYS B 172 -25.04 16.84 -30.53
N TYR B 173 -23.76 17.16 -30.66
CA TYR B 173 -23.36 18.22 -31.63
C TYR B 173 -22.83 17.64 -32.93
N GLU B 174 -22.97 16.33 -33.09
CA GLU B 174 -22.59 15.59 -34.32
C GLU B 174 -21.12 15.84 -34.68
N ILE B 175 -20.24 15.83 -33.67
CA ILE B 175 -18.79 15.97 -33.96
C ILE B 175 -18.33 14.55 -34.20
N SER B 176 -17.76 14.29 -35.37
CA SER B 176 -17.42 12.89 -35.70
C SER B 176 -15.94 12.60 -35.48
N ARG B 177 -15.66 11.33 -35.25
CA ARG B 177 -14.28 10.87 -35.18
C ARG B 177 -13.32 11.57 -36.17
N GLU B 178 -13.84 11.92 -37.34
CA GLU B 178 -13.04 12.53 -38.41
C GLU B 178 -12.81 13.99 -38.06
N GLU B 179 -13.88 14.71 -37.73
CA GLU B 179 -13.76 16.11 -37.27
C GLU B 179 -12.81 16.27 -36.09
N GLN B 180 -12.89 15.30 -35.17
CA GLN B 180 -12.08 15.30 -33.93
C GLN B 180 -10.61 15.10 -34.27
N ASP B 181 -10.33 14.10 -35.09
CA ASP B 181 -8.96 13.81 -35.56
C ASP B 181 -8.41 14.98 -36.39
N GLN B 182 -9.25 15.60 -37.20
CA GLN B 182 -8.76 16.74 -38.01
C GLN B 182 -8.40 17.88 -37.07
N TYR B 183 -9.23 18.12 -36.07
CA TYR B 183 -8.91 19.23 -35.15
C TYR B 183 -7.68 18.88 -34.35
N ALA B 184 -7.51 17.61 -34.02
CA ALA B 184 -6.39 17.17 -33.21
C ALA B 184 -5.09 17.27 -33.99
N ILE B 185 -5.10 16.76 -35.22
CA ILE B 185 -3.96 16.92 -36.13
C ILE B 185 -3.57 18.40 -36.26
N GLN B 186 -4.57 19.22 -36.49
CA GLN B 186 -4.36 20.65 -36.58
C GLN B 186 -3.67 21.23 -35.35
N SER B 187 -4.03 20.73 -34.16
CA SER B 187 -3.45 21.22 -32.92
C SER B 187 -1.98 20.91 -32.88
N TYR B 188 -1.65 19.68 -33.25
CA TYR B 188 -0.25 19.31 -33.35
C TYR B 188 0.52 20.14 -34.36
N GLN B 189 -0.06 20.37 -35.51
CA GLN B 189 0.68 21.12 -36.54
C GLN B 189 0.92 22.57 -36.10
N ARG B 190 -0.09 23.18 -35.47
CA ARG B 190 0.09 24.52 -34.90
C ARG B 190 1.19 24.54 -33.85
N ALA B 191 1.20 23.54 -32.98
CA ALA B 191 2.19 23.52 -31.93
C ALA B 191 3.59 23.45 -32.52
N GLN B 192 3.74 22.59 -33.54
CA GLN B 192 5.03 22.40 -34.23
C GLN B 192 5.47 23.66 -34.96
N ALA B 193 4.51 24.29 -35.66
CA ALA B 193 4.72 25.56 -36.31
C ALA B 193 5.23 26.61 -35.31
N ALA B 194 4.55 26.69 -34.17
CA ALA B 194 4.89 27.67 -33.15
C ALA B 194 6.26 27.41 -32.54
N TRP B 195 6.60 26.14 -32.34
CA TRP B 195 7.91 25.77 -31.79
C TRP B 195 9.02 25.98 -32.82
N LYS B 196 8.75 25.75 -34.10
CA LYS B 196 9.71 26.08 -35.16
C LYS B 196 10.01 27.59 -35.24
N GLU B 197 9.00 28.44 -35.02
CA GLU B 197 9.21 29.88 -34.98
C GLU B 197 9.64 30.37 -33.59
N ASN B 198 9.89 29.48 -32.62
CA ASN B 198 10.16 29.89 -31.23
C ASN B 198 9.21 30.89 -30.63
N LYS B 199 7.92 30.72 -30.94
CA LYS B 199 6.85 31.55 -30.40
C LYS B 199 6.73 31.58 -28.88
N PHE B 200 7.12 30.50 -28.22
CA PHE B 200 6.92 30.34 -26.79
C PHE B 200 8.11 30.77 -25.95
N ALA B 201 9.18 31.21 -26.57
CA ALA B 201 10.42 31.57 -25.83
C ALA B 201 10.28 32.69 -24.77
N GLU B 202 9.47 33.69 -25.06
CA GLU B 202 9.30 34.83 -24.12
C GLU B 202 8.53 34.44 -22.87
N GLU B 203 7.58 33.52 -22.98
CA GLU B 203 6.73 33.17 -21.82
C GLU B 203 7.26 31.97 -21.05
N ILE B 204 8.17 31.21 -21.62
CA ILE B 204 8.65 29.98 -20.94
C ILE B 204 9.76 30.28 -19.95
N ALA B 205 9.63 29.70 -18.75
CA ALA B 205 10.64 29.82 -17.69
C ALA B 205 11.28 28.44 -17.54
N PRO B 206 12.52 28.24 -18.03
CA PRO B 206 13.21 26.96 -17.89
C PRO B 206 13.29 26.43 -16.46
N VAL B 207 13.24 25.11 -16.35
CA VAL B 207 13.26 24.43 -15.03
C VAL B 207 14.59 23.69 -14.91
N THR B 208 15.32 23.96 -13.84
CA THR B 208 16.61 23.27 -13.63
C THR B 208 16.36 22.06 -12.74
N VAL B 209 16.42 20.86 -13.32
CA VAL B 209 16.16 19.61 -12.58
C VAL B 209 17.46 19.00 -12.09
N LYS B 210 17.69 19.08 -10.79
CA LYS B 210 18.90 18.50 -10.17
C LYS B 210 18.86 16.98 -10.33
N GLY B 211 20.02 16.39 -10.56
CA GLY B 211 20.12 14.93 -10.69
C GLY B 211 21.33 14.43 -9.93
N LYS B 212 21.45 13.11 -9.80
CA LYS B 212 22.61 12.51 -9.09
C LYS B 212 23.83 12.65 -10.00
N LYS B 213 23.61 12.58 -11.31
CA LYS B 213 24.73 12.69 -12.28
C LYS B 213 24.54 13.92 -13.17
N GLY B 214 24.38 15.10 -12.56
CA GLY B 214 24.27 16.36 -13.34
C GLY B 214 22.88 16.98 -13.36
N GLU B 215 22.85 18.28 -13.65
CA GLU B 215 21.60 19.06 -13.75
C GLU B 215 21.12 19.05 -15.20
N THR B 216 19.81 19.11 -15.40
CA THR B 216 19.22 19.16 -16.75
C THR B 216 18.43 20.46 -16.84
N VAL B 217 18.53 21.17 -17.96
CA VAL B 217 17.72 22.42 -18.04
C VAL B 217 16.61 22.14 -19.03
N VAL B 218 15.38 22.07 -18.52
CA VAL B 218 14.20 21.78 -19.39
C VAL B 218 13.63 23.11 -19.84
N GLU B 219 13.61 23.35 -21.14
CA GLU B 219 13.05 24.62 -21.65
C GLU B 219 12.08 24.32 -22.78
N ARG B 220 11.83 23.05 -23.06
CA ARG B 220 10.93 22.73 -24.19
C ARG B 220 9.75 21.86 -23.76
N ASP B 221 8.56 22.22 -24.21
CA ASP B 221 7.36 21.40 -24.01
C ASP B 221 7.64 19.98 -24.52
N GLU B 222 6.99 18.99 -23.92
CA GLU B 222 7.17 17.59 -24.27
C GLU B 222 5.85 17.01 -24.71
N GLY B 223 5.84 16.46 -25.93
CA GLY B 223 4.69 15.73 -26.47
C GLY B 223 4.08 16.28 -27.77
N TYR B 224 4.55 17.43 -28.25
CA TYR B 224 3.99 18.08 -29.45
C TYR B 224 4.55 17.51 -30.75
N GLU B 225 5.63 16.72 -30.66
CA GLU B 225 6.16 16.01 -31.85
C GLU B 225 5.55 14.62 -32.03
N ASN B 226 4.76 14.14 -31.06
CA ASN B 226 4.18 12.79 -31.11
C ASN B 226 3.07 12.57 -32.15
N LEU B 227 2.62 13.62 -32.82
CA LEU B 227 1.70 13.45 -33.97
C LEU B 227 2.20 12.40 -34.93
N ARG B 228 1.26 11.54 -35.32
CA ARG B 228 1.46 10.50 -36.34
C ARG B 228 0.14 10.41 -37.08
N ILE B 229 0.00 11.20 -38.15
CA ILE B 229 -1.28 11.29 -38.93
C ILE B 229 -1.77 9.90 -39.30
N ASP B 230 -0.88 9.06 -39.83
CA ASP B 230 -1.18 7.65 -40.16
C ASP B 230 -1.92 7.00 -39.00
N LYS B 231 -1.26 6.90 -37.85
CA LYS B 231 -1.83 6.22 -36.65
C LYS B 231 -3.16 6.80 -36.21
N MET B 232 -3.30 8.13 -36.19
CA MET B 232 -4.47 8.85 -35.62
C MET B 232 -5.83 8.20 -35.90
N ALA B 233 -6.09 7.82 -37.14
CA ALA B 233 -7.39 7.21 -37.50
C ALA B 233 -7.44 5.71 -37.16
N THR B 234 -6.31 5.12 -36.76
CA THR B 234 -6.27 3.68 -36.42
C THR B 234 -6.28 3.50 -34.91
N LEU B 235 -6.53 4.56 -34.14
CA LEU B 235 -6.51 4.47 -32.67
C LEU B 235 -7.85 3.99 -32.13
N LYS B 236 -7.78 3.18 -31.06
CA LYS B 236 -8.95 2.69 -30.35
C LYS B 236 -9.53 3.84 -29.51
N PRO B 237 -10.88 3.90 -29.40
CA PRO B 237 -11.50 4.77 -28.42
C PRO B 237 -10.96 4.53 -27.00
N ALA B 238 -10.62 5.60 -26.28
CA ALA B 238 -9.98 5.48 -24.97
C ALA B 238 -10.97 5.17 -23.84
N PHE B 239 -12.22 5.63 -23.97
CA PHE B 239 -13.16 5.67 -22.85
C PHE B 239 -14.44 4.89 -23.04
N LEU B 240 -15.04 5.00 -24.24
CA LEU B 240 -16.23 4.26 -24.61
C LEU B 240 -15.79 3.16 -25.58
N ARG B 241 -15.75 1.91 -25.11
CA ARG B 241 -15.30 0.82 -25.99
C ARG B 241 -16.49 -0.01 -26.47
N ASP B 242 -17.68 0.57 -26.53
CA ASP B 242 -18.91 -0.18 -26.95
C ASP B 242 -19.21 0.01 -28.43
N GLY B 243 -18.20 0.33 -29.25
CA GLY B 243 -18.41 0.47 -30.70
C GLY B 243 -18.92 1.84 -31.12
N THR B 244 -19.20 2.74 -30.18
CA THR B 244 -19.70 4.08 -30.59
C THR B 244 -18.68 5.15 -30.23
N GLY B 245 -17.60 4.76 -29.56
CA GLY B 245 -16.57 5.70 -29.10
C GLY B 245 -15.95 6.51 -30.21
N THR B 246 -15.67 7.78 -29.95
CA THR B 246 -15.00 8.64 -30.94
C THR B 246 -13.79 9.31 -30.29
N VAL B 247 -13.72 9.33 -28.95
CA VAL B 247 -12.60 10.00 -28.23
C VAL B 247 -11.42 9.04 -28.07
N THR B 248 -10.20 9.48 -28.37
CA THR B 248 -9.02 8.63 -28.36
C THR B 248 -7.91 9.35 -27.61
N ALA B 249 -6.85 8.63 -27.30
CA ALA B 249 -5.68 9.28 -26.72
C ALA B 249 -5.08 10.38 -27.65
N GLY B 250 -5.23 10.18 -28.97
CA GLY B 250 -4.80 11.13 -29.98
C GLY B 250 -5.56 12.44 -29.94
N ASN B 251 -6.88 12.38 -29.87
CA ASN B 251 -7.70 13.58 -29.93
C ASN B 251 -8.15 14.14 -28.55
N ALA B 252 -7.60 13.60 -27.48
CA ALA B 252 -7.86 14.09 -26.14
C ALA B 252 -6.63 14.79 -25.61
N SER B 253 -6.82 15.58 -24.56
CA SER B 253 -5.72 16.16 -23.84
C SER B 253 -4.93 15.05 -23.19
N THR B 254 -3.63 15.25 -23.03
CA THR B 254 -2.78 14.36 -22.24
C THR B 254 -2.66 14.82 -20.78
N MET B 255 -2.21 13.91 -19.93
CA MET B 255 -1.83 14.24 -18.56
C MET B 255 -0.37 14.75 -18.57
N ASN B 256 -0.08 15.80 -17.78
CA ASN B 256 1.20 16.46 -17.78
C ASN B 256 1.53 17.08 -16.44
N ASP B 257 2.78 17.55 -16.32
CA ASP B 257 3.24 18.32 -15.17
C ASP B 257 3.68 19.71 -15.65
N GLY B 258 3.33 20.75 -14.88
CA GLY B 258 3.67 22.10 -15.25
C GLY B 258 3.12 23.15 -14.29
N ALA B 259 3.53 24.39 -14.48
CA ALA B 259 3.00 25.51 -13.73
C ALA B 259 3.07 26.77 -14.54
N SER B 260 2.34 27.76 -14.04
CA SER B 260 2.21 29.06 -14.67
C SER B 260 1.78 30.07 -13.63
N ALA B 261 2.04 31.34 -13.93
CA ALA B 261 1.97 32.42 -12.96
C ALA B 261 1.99 33.79 -13.65
N LEU B 262 1.24 34.71 -13.09
CA LEU B 262 1.13 36.07 -13.55
C LEU B 262 1.19 36.98 -12.34
N VAL B 263 1.75 38.16 -12.54
CA VAL B 263 1.72 39.25 -11.57
C VAL B 263 0.67 40.21 -12.05
N LEU B 264 -0.30 40.54 -11.20
CA LEU B 264 -1.32 41.55 -11.47
C LEU B 264 -1.08 42.78 -10.66
N GLY B 265 -1.74 43.88 -11.05
CA GLY B 265 -1.52 45.17 -10.39
C GLY B 265 -2.62 46.16 -10.57
N SER B 266 -2.62 47.17 -9.72
CA SER B 266 -3.56 48.31 -9.83
C SER B 266 -3.13 49.21 -10.96
N LYS B 267 -4.01 50.09 -11.40
CA LYS B 267 -3.68 51.11 -12.42
C LYS B 267 -2.39 51.89 -12.07
N ALA B 268 -2.32 52.28 -10.81
CA ALA B 268 -1.17 53.00 -10.30
C ALA B 268 0.14 52.20 -10.42
N ILE B 269 0.10 50.94 -10.03
CA ILE B 269 1.29 50.09 -10.08
C ILE B 269 1.69 49.82 -11.52
N ALA B 270 0.69 49.56 -12.35
CA ALA B 270 0.95 49.42 -13.75
C ALA B 270 1.66 50.66 -14.37
N ARG B 271 1.12 51.86 -14.12
CA ARG B 271 1.67 53.14 -14.60
C ARG B 271 3.08 53.36 -14.07
N GLU B 272 3.34 53.10 -12.80
CA GLU B 272 4.67 53.42 -12.24
C GLU B 272 5.74 52.39 -12.61
N PHE B 273 5.36 51.14 -12.89
CA PHE B 273 6.41 50.12 -13.11
C PHE B 273 6.17 49.21 -14.30
N ALA B 274 5.07 49.33 -15.04
CA ALA B 274 4.88 48.31 -16.09
C ALA B 274 4.53 48.90 -17.46
N GLN B 275 4.94 50.13 -17.78
CA GLN B 275 4.62 50.68 -19.11
C GLN B 275 5.50 49.95 -20.13
N GLY B 276 4.92 49.43 -21.19
CA GLY B 276 5.75 48.73 -22.19
C GLY B 276 6.00 47.26 -21.88
N ASN B 277 5.45 46.74 -20.79
CA ASN B 277 5.63 45.30 -20.42
C ASN B 277 5.08 44.43 -21.55
N ARG B 278 5.80 43.36 -21.92
CA ARG B 278 5.38 42.50 -23.05
C ARG B 278 3.95 42.01 -22.85
N ALA B 279 3.65 41.51 -21.67
CA ALA B 279 2.34 40.92 -21.44
C ALA B 279 1.29 41.89 -20.86
N LEU B 280 1.62 43.18 -20.81
CA LEU B 280 0.71 44.19 -20.23
C LEU B 280 -0.68 44.09 -20.84
N ALA B 281 -1.71 44.03 -20.00
CA ALA B 281 -3.11 43.93 -20.45
C ALA B 281 -4.04 44.33 -19.32
N ARG B 282 -5.30 44.60 -19.64
CA ARG B 282 -6.26 44.96 -18.59
C ARG B 282 -7.26 43.82 -18.46
N ILE B 283 -7.58 43.42 -17.24
CA ILE B 283 -8.60 42.37 -17.05
C ILE B 283 -9.93 43.10 -17.18
N VAL B 284 -10.62 42.89 -18.30
CA VAL B 284 -11.89 43.60 -18.57
C VAL B 284 -13.01 42.91 -17.79
N SER B 285 -13.08 41.59 -17.87
CA SER B 285 -14.16 40.86 -17.16
C SER B 285 -13.85 39.38 -16.98
N THR B 286 -14.58 38.74 -16.07
CA THR B 286 -14.50 37.29 -15.82
C THR B 286 -15.92 36.82 -15.49
N ALA B 287 -16.19 35.56 -15.78
CA ALA B 287 -17.43 34.93 -15.52
C ALA B 287 -17.25 33.45 -15.25
N ASP B 288 -18.00 32.95 -14.27
CA ASP B 288 -18.08 31.51 -13.96
C ASP B 288 -19.52 31.08 -14.31
N ALA B 289 -19.71 29.83 -14.69
CA ALA B 289 -21.01 29.34 -15.05
C ALA B 289 -21.00 27.86 -14.94
N ALA B 290 -22.15 27.28 -14.57
CA ALA B 290 -22.27 25.83 -14.44
C ALA B 290 -23.64 25.35 -14.93
N ILE B 291 -23.68 24.07 -15.28
CA ILE B 291 -24.84 23.37 -15.80
C ILE B 291 -24.71 21.92 -15.34
N ASP B 292 -25.46 21.00 -15.93
CA ASP B 292 -25.41 19.61 -15.49
C ASP B 292 -23.97 19.01 -15.60
N PRO B 293 -23.49 18.21 -14.63
CA PRO B 293 -22.13 17.70 -14.70
C PRO B 293 -21.74 17.05 -16.04
N VAL B 294 -22.59 16.20 -16.60
CA VAL B 294 -22.25 15.50 -17.87
C VAL B 294 -22.07 16.49 -19.04
N ASP B 295 -22.68 17.67 -18.97
CA ASP B 295 -22.55 18.72 -20.00
C ASP B 295 -21.41 19.70 -19.73
N PHE B 296 -20.43 19.31 -18.91
CA PHE B 296 -19.31 20.23 -18.58
C PHE B 296 -18.59 20.70 -19.84
N PRO B 297 -18.49 19.90 -20.94
CA PRO B 297 -17.80 20.33 -22.15
C PRO B 297 -18.43 21.50 -22.92
N VAL B 298 -19.68 21.84 -22.64
CA VAL B 298 -20.39 22.93 -23.34
C VAL B 298 -20.56 24.13 -22.40
N ALA B 299 -20.07 23.99 -21.17
CA ALA B 299 -20.17 25.06 -20.16
C ALA B 299 -19.46 26.35 -20.60
N PRO B 300 -18.28 26.32 -21.27
CA PRO B 300 -17.67 27.56 -21.73
C PRO B 300 -18.64 28.44 -22.54
N ALA B 301 -19.55 27.82 -23.28
CA ALA B 301 -20.59 28.52 -24.05
C ALA B 301 -21.56 29.35 -23.19
N LYS B 302 -21.87 28.89 -21.98
CA LYS B 302 -22.62 29.71 -21.04
C LYS B 302 -21.76 30.81 -20.42
N ALA B 303 -20.47 30.54 -20.19
CA ALA B 303 -19.63 31.55 -19.54
C ALA B 303 -19.19 32.73 -20.44
N VAL B 304 -18.91 32.45 -21.70
CA VAL B 304 -18.37 33.45 -22.64
C VAL B 304 -19.34 34.63 -22.78
N PRO B 305 -20.64 34.40 -23.09
CA PRO B 305 -21.59 35.48 -23.22
C PRO B 305 -21.62 36.41 -22.00
N ILE B 306 -21.59 35.85 -20.80
CA ILE B 306 -21.61 36.68 -19.56
C ILE B 306 -20.38 37.57 -19.52
N ALA B 307 -19.21 37.00 -19.82
CA ALA B 307 -17.95 37.74 -19.78
C ALA B 307 -17.93 38.80 -20.89
N LEU B 308 -18.48 38.48 -22.06
CA LEU B 308 -18.52 39.47 -23.14
C LEU B 308 -19.44 40.62 -22.70
N GLU B 309 -20.59 40.27 -22.11
CA GLU B 309 -21.57 41.26 -21.65
C GLU B 309 -20.95 42.18 -20.62
N ARG B 310 -20.21 41.66 -19.66
CA ARG B 310 -19.60 42.51 -18.60
C ARG B 310 -18.42 43.32 -19.14
N ALA B 311 -17.85 42.93 -20.26
CA ALA B 311 -16.71 43.67 -20.86
C ALA B 311 -17.22 44.72 -21.84
N GLY B 312 -18.46 44.60 -22.30
CA GLY B 312 -19.02 45.58 -23.24
C GLY B 312 -18.49 45.37 -24.64
N ILE B 313 -18.11 44.16 -24.97
CA ILE B 313 -17.59 43.88 -26.32
C ILE B 313 -18.43 42.79 -26.95
N THR B 314 -18.27 42.60 -28.25
CA THR B 314 -18.98 41.54 -28.97
C THR B 314 -18.00 40.40 -29.25
N LYS B 315 -18.52 39.24 -29.67
CA LYS B 315 -17.64 38.10 -29.97
C LYS B 315 -16.69 38.47 -31.10
N ASP B 316 -17.16 39.28 -32.05
CA ASP B 316 -16.35 39.71 -33.22
C ASP B 316 -15.25 40.66 -32.78
N GLN B 317 -15.38 41.25 -31.60
CA GLN B 317 -14.34 42.21 -31.14
C GLN B 317 -13.16 41.48 -30.48
N VAL B 318 -13.23 40.17 -30.29
CA VAL B 318 -12.08 39.45 -29.69
C VAL B 318 -11.20 38.88 -30.80
N ALA B 319 -9.94 39.31 -30.82
CA ALA B 319 -8.96 38.92 -31.85
C ALA B 319 -8.56 37.46 -31.70
N VAL B 320 -8.17 37.05 -30.51
CA VAL B 320 -7.71 35.65 -30.33
C VAL B 320 -8.50 34.95 -29.22
N TRP B 321 -8.94 33.74 -29.50
CA TRP B 321 -9.67 32.91 -28.49
C TRP B 321 -8.72 31.82 -28.03
N GLU B 322 -8.68 31.57 -26.73
CA GLU B 322 -7.85 30.50 -26.16
C GLU B 322 -8.78 29.64 -25.31
N PHE B 323 -9.28 28.56 -25.89
CA PHE B 323 -10.16 27.59 -25.19
C PHE B 323 -9.34 26.36 -24.88
N ASN B 324 -9.35 25.89 -23.64
CA ASN B 324 -8.56 24.69 -23.31
C ASN B 324 -9.08 23.50 -24.12
N GLU B 325 -8.19 22.81 -24.82
CA GLU B 325 -8.52 21.69 -25.69
C GLU B 325 -8.66 20.41 -24.86
N ALA B 326 -9.60 20.37 -23.93
CA ALA B 326 -9.68 19.21 -23.05
C ALA B 326 -9.84 17.95 -23.93
N PHE B 327 -10.72 18.08 -24.92
CA PHE B 327 -10.91 17.10 -25.99
C PHE B 327 -11.19 17.90 -27.29
N ALA B 328 -10.93 17.32 -28.46
CA ALA B 328 -11.28 17.98 -29.72
C ALA B 328 -12.78 18.25 -29.81
N ALA B 329 -13.59 17.28 -29.37
CA ALA B 329 -15.06 17.43 -29.33
C ALA B 329 -15.57 18.67 -28.57
N VAL B 330 -14.91 19.02 -27.47
CA VAL B 330 -15.40 20.20 -26.70
C VAL B 330 -15.13 21.46 -27.53
N ILE B 331 -13.96 21.57 -28.15
CA ILE B 331 -13.66 22.77 -28.93
C ILE B 331 -14.61 22.87 -30.10
N LYS B 332 -14.82 21.76 -30.79
CA LYS B 332 -15.72 21.74 -31.96
C LYS B 332 -17.16 22.12 -31.56
N ALA B 333 -17.63 21.65 -30.42
CA ALA B 333 -18.99 21.97 -29.96
C ALA B 333 -19.16 23.43 -29.52
N ASN B 334 -18.16 23.95 -28.83
CA ASN B 334 -18.12 25.37 -28.47
C ASN B 334 -18.00 26.32 -29.66
N GLU B 335 -17.33 25.90 -30.72
CA GLU B 335 -17.21 26.71 -31.92
C GLU B 335 -18.60 26.81 -32.60
N LYS B 336 -19.32 25.70 -32.59
CA LYS B 336 -20.67 25.68 -33.21
C LYS B 336 -21.57 26.60 -32.42
N ILE B 337 -21.65 26.40 -31.12
CA ILE B 337 -22.56 27.20 -30.27
C ILE B 337 -22.25 28.69 -30.37
N LEU B 338 -20.98 29.07 -30.27
CA LEU B 338 -20.64 30.52 -30.26
C LEU B 338 -20.47 31.09 -31.68
N GLY B 339 -20.40 30.25 -32.70
CA GLY B 339 -20.20 30.71 -34.08
C GLY B 339 -18.78 31.16 -34.31
N LEU B 340 -17.81 30.42 -33.77
CA LEU B 340 -16.38 30.82 -33.85
C LEU B 340 -15.63 29.91 -34.84
N GLN B 341 -16.32 29.47 -35.89
CA GLN B 341 -15.69 28.55 -36.89
C GLN B 341 -14.55 29.20 -37.65
N ASN B 342 -14.65 30.50 -37.89
CA ASN B 342 -13.60 31.21 -38.66
C ASN B 342 -12.89 32.19 -37.74
N ALA B 343 -13.00 32.00 -36.44
CA ALA B 343 -12.32 32.90 -35.49
C ALA B 343 -10.90 32.40 -35.23
N ARG B 344 -10.05 33.24 -34.65
CA ARG B 344 -8.67 32.83 -34.31
C ARG B 344 -8.76 32.06 -33.01
N VAL B 345 -8.75 30.74 -33.08
CA VAL B 345 -8.93 29.91 -31.87
C VAL B 345 -7.77 28.96 -31.70
N ASN B 346 -7.08 29.06 -30.57
CA ASN B 346 -5.93 28.19 -30.24
C ASN B 346 -4.95 28.18 -31.41
N PRO B 347 -4.53 29.35 -31.89
CA PRO B 347 -3.66 29.47 -33.04
C PRO B 347 -2.29 28.78 -32.92
N LEU B 348 -1.76 28.70 -31.71
CA LEU B 348 -0.44 28.06 -31.52
C LEU B 348 -0.60 26.67 -30.92
N GLY B 349 -1.79 26.10 -31.01
CA GLY B 349 -2.05 24.76 -30.45
C GLY B 349 -2.76 24.86 -29.13
N GLY B 350 -2.91 23.72 -28.46
CA GLY B 350 -3.56 23.69 -27.15
C GLY B 350 -3.34 22.37 -26.47
N ALA B 351 -4.18 22.07 -25.47
CA ALA B 351 -3.96 20.91 -24.59
C ALA B 351 -3.70 19.54 -25.28
N ILE B 352 -4.25 19.32 -26.48
CA ILE B 352 -4.06 18.04 -27.20
C ILE B 352 -2.58 17.77 -27.55
N SER B 353 -1.90 18.84 -27.94
CA SER B 353 -0.50 18.80 -28.33
C SER B 353 0.41 19.36 -27.28
N LEU B 354 -0.03 20.39 -26.56
CA LEU B 354 0.81 21.11 -25.56
C LEU B 354 0.63 20.68 -24.11
N GLY B 355 -0.29 19.76 -23.87
CA GLY B 355 -0.44 19.17 -22.56
C GLY B 355 -1.41 19.91 -21.64
N HIS B 356 -1.78 19.27 -20.54
CA HIS B 356 -2.84 19.73 -19.68
C HIS B 356 -2.49 19.36 -18.24
N ALA B 357 -1.64 20.17 -17.63
CA ALA B 357 -1.38 20.07 -16.20
C ALA B 357 -2.56 20.72 -15.46
N LEU B 358 -3.55 19.92 -15.12
CA LEU B 358 -4.85 20.30 -14.52
C LEU B 358 -4.91 21.70 -13.88
N GLY B 359 -4.26 21.89 -12.74
CA GLY B 359 -4.33 23.18 -12.00
C GLY B 359 -3.61 24.34 -12.62
N SER B 360 -2.85 24.13 -13.69
CA SER B 360 -2.07 25.23 -14.31
C SER B 360 -2.68 25.67 -15.64
N SER B 361 -3.42 24.80 -16.31
CA SER B 361 -3.98 25.07 -17.65
C SER B 361 -4.72 26.41 -17.73
N GLY B 362 -5.56 26.70 -16.76
CA GLY B 362 -6.34 27.93 -16.74
C GLY B 362 -5.47 29.17 -16.87
N SER B 363 -4.37 29.21 -16.15
CA SER B 363 -3.47 30.31 -16.24
C SER B 363 -2.46 30.13 -17.37
N ARG B 364 -2.15 28.89 -17.76
CA ARG B 364 -1.27 28.68 -18.91
C ARG B 364 -1.88 29.20 -20.21
N ILE B 365 -3.17 29.02 -20.44
CA ILE B 365 -3.76 29.52 -21.71
C ILE B 365 -3.75 31.05 -21.72
N LEU B 366 -3.94 31.66 -20.56
CA LEU B 366 -3.93 33.13 -20.40
C LEU B 366 -2.54 33.65 -20.75
N VAL B 367 -1.50 32.99 -20.28
CA VAL B 367 -0.10 33.41 -20.57
C VAL B 367 0.12 33.34 -22.08
N THR B 368 -0.29 32.24 -22.69
CA THR B 368 -0.14 32.03 -24.14
C THR B 368 -0.95 33.07 -24.90
N LEU B 369 -2.14 33.39 -24.41
CA LEU B 369 -3.03 34.38 -25.05
C LEU B 369 -2.38 35.76 -25.05
N LEU B 370 -1.84 36.20 -23.92
CA LEU B 370 -1.25 37.54 -23.78
C LEU B 370 -0.08 37.76 -24.73
N HIS B 371 0.63 36.72 -25.14
CA HIS B 371 1.72 36.89 -26.07
C HIS B 371 1.28 36.86 -27.51
N GLN B 372 0.01 36.59 -27.78
CA GLN B 372 -0.49 36.60 -29.16
C GLN B 372 -1.27 37.87 -29.54
N LEU B 373 -1.48 38.83 -28.63
CA LEU B 373 -2.40 39.94 -28.95
C LEU B 373 -1.66 41.21 -29.38
N GLN B 374 -2.20 41.90 -30.40
CA GLN B 374 -1.70 43.21 -30.79
C GLN B 374 -2.14 44.29 -29.83
N PRO B 375 -1.43 45.44 -29.81
CA PRO B 375 -1.86 46.46 -28.86
C PRO B 375 -3.30 46.86 -29.12
N GLY B 376 -4.12 46.86 -28.07
CA GLY B 376 -5.52 47.27 -28.14
C GLY B 376 -6.51 46.17 -28.47
N GLU B 377 -6.00 44.98 -28.70
CA GLU B 377 -6.87 43.84 -29.07
C GLU B 377 -7.46 43.16 -27.84
N TYR B 378 -8.65 42.59 -28.03
CA TYR B 378 -9.35 41.85 -26.96
C TYR B 378 -9.07 40.35 -27.10
N GLY B 379 -8.86 39.71 -25.96
CA GLY B 379 -8.62 38.27 -25.94
C GLY B 379 -9.53 37.58 -24.96
N VAL B 380 -9.82 36.31 -25.19
CA VAL B 380 -10.68 35.54 -24.27
C VAL B 380 -9.97 34.23 -23.92
N ALA B 381 -9.94 33.91 -22.64
CA ALA B 381 -9.42 32.63 -22.13
C ALA B 381 -10.62 31.95 -21.48
N ALA B 382 -10.90 30.71 -21.83
CA ALA B 382 -12.06 30.01 -21.26
C ALA B 382 -11.68 28.56 -21.01
N ILE B 383 -12.10 27.99 -19.90
CA ILE B 383 -11.72 26.59 -19.65
C ILE B 383 -12.84 25.92 -18.87
N CYS B 384 -13.23 24.72 -19.30
CA CYS B 384 -14.29 23.97 -18.58
C CYS B 384 -13.67 23.17 -17.45
N ASN B 385 -14.49 22.74 -16.51
CA ASN B 385 -13.93 21.94 -15.39
C ASN B 385 -14.92 20.86 -14.99
N GLY B 386 -14.40 19.81 -14.37
CA GLY B 386 -15.20 18.67 -13.88
C GLY B 386 -16.32 19.11 -12.96
N GLY B 387 -17.46 18.46 -13.07
CA GLY B 387 -18.63 18.81 -12.30
C GLY B 387 -19.61 19.73 -13.01
N GLY B 388 -19.31 20.16 -14.24
CA GLY B 388 -20.26 20.93 -15.04
C GLY B 388 -20.08 22.43 -15.16
N ALA B 389 -18.85 22.91 -15.08
CA ALA B 389 -18.62 24.35 -14.96
C ALA B 389 -17.55 24.85 -15.92
N ALA B 390 -17.36 26.16 -15.94
CA ALA B 390 -16.36 26.79 -16.81
C ALA B 390 -16.03 28.17 -16.29
N THR B 391 -14.84 28.66 -16.59
CA THR B 391 -14.45 30.03 -16.21
C THR B 391 -14.02 30.73 -17.50
N ALA B 392 -14.37 31.99 -17.66
CA ALA B 392 -13.98 32.76 -18.85
C ALA B 392 -13.44 34.12 -18.43
N MET B 393 -12.38 34.57 -19.08
CA MET B 393 -11.83 35.89 -18.77
C MET B 393 -11.63 36.69 -20.06
N VAL B 394 -12.07 37.95 -20.07
CA VAL B 394 -11.85 38.85 -21.18
C VAL B 394 -10.72 39.78 -20.78
N VAL B 395 -9.69 39.88 -21.65
CA VAL B 395 -8.58 40.83 -21.47
C VAL B 395 -8.45 41.78 -22.67
N GLN B 396 -7.72 42.88 -22.46
CA GLN B 396 -7.41 43.86 -23.53
C GLN B 396 -5.93 44.18 -23.48
N LYS B 397 -5.18 43.77 -24.51
CA LYS B 397 -3.71 44.00 -24.58
C LYS B 397 -3.42 45.50 -24.62
N LEU B 398 -2.41 45.94 -23.87
CA LEU B 398 -2.10 47.37 -23.79
C LEU B 398 -0.61 47.59 -24.00
N ASP B 399 -0.22 48.75 -24.53
CA ASP B 399 1.21 49.09 -24.65
C ASP B 399 1.55 49.87 -23.39
N ARG B 400 0.65 50.76 -23.01
CA ARG B 400 0.78 51.56 -21.77
C ARG B 400 -0.62 51.73 -21.17
N VAL B 401 -0.66 52.15 -19.92
CA VAL B 401 -1.94 52.34 -19.21
C VAL B 401 -2.65 53.65 -19.59
N ASP B 402 -1.91 54.76 -19.64
CA ASP B 402 -2.43 56.01 -20.31
C ASP B 402 -1.55 56.53 -21.47
N GLU C 5 18.64 -53.53 2.95
CA GLU C 5 17.53 -52.65 3.41
C GLU C 5 17.71 -51.24 2.85
N ILE C 6 18.69 -50.48 3.34
CA ILE C 6 18.85 -49.09 2.83
C ILE C 6 19.53 -49.10 1.46
N GLN C 7 18.90 -48.48 0.45
CA GLN C 7 19.46 -48.41 -0.92
C GLN C 7 20.14 -47.07 -1.18
N GLU C 8 20.68 -46.91 -2.39
CA GLU C 8 21.36 -45.63 -2.73
C GLU C 8 20.55 -44.89 -3.79
N ALA C 9 20.86 -43.62 -4.01
CA ALA C 9 20.08 -42.82 -4.99
C ALA C 9 20.98 -42.32 -6.12
N TYR C 10 20.47 -42.37 -7.33
CA TYR C 10 21.23 -41.92 -8.47
C TYR C 10 20.62 -40.66 -9.12
N ILE C 11 21.46 -39.68 -9.43
CA ILE C 11 21.06 -38.59 -10.31
C ILE C 11 21.10 -39.06 -11.77
N LEU C 12 19.99 -38.92 -12.46
CA LEU C 12 19.90 -39.22 -13.89
C LEU C 12 20.12 -37.97 -14.80
N SER C 13 19.62 -36.80 -14.36
CA SER C 13 19.72 -35.59 -15.20
C SER C 13 19.79 -34.32 -14.36
N GLY C 14 20.03 -33.20 -15.03
CA GLY C 14 20.14 -31.86 -14.44
C GLY C 14 19.86 -30.81 -15.49
N ALA C 15 18.91 -29.93 -15.24
CA ALA C 15 18.55 -28.88 -16.20
C ALA C 15 18.14 -27.62 -15.46
N ARG C 16 18.94 -26.56 -15.57
CA ARG C 16 18.59 -25.28 -14.93
C ARG C 16 18.17 -24.29 -16.02
N THR C 17 17.40 -23.28 -15.67
CA THR C 17 17.04 -22.23 -16.65
C THR C 17 18.16 -21.19 -16.66
N PRO C 18 18.14 -20.22 -17.58
CA PRO C 18 19.15 -19.17 -17.56
C PRO C 18 18.87 -18.33 -16.32
N THR C 19 19.91 -17.88 -15.64
CA THR C 19 19.68 -17.05 -14.44
C THR C 19 19.45 -15.62 -14.89
N ALA C 20 18.22 -15.12 -14.76
CA ALA C 20 17.88 -13.76 -15.22
C ALA C 20 18.18 -12.73 -14.15
N LYS C 21 18.35 -11.48 -14.56
CA LYS C 21 18.65 -10.36 -13.64
C LYS C 21 17.40 -10.01 -12.83
N PHE C 22 17.61 -9.32 -11.70
CA PHE C 22 16.51 -8.72 -10.95
C PHE C 22 15.75 -7.72 -11.86
N ASN C 23 14.42 -7.75 -11.83
CA ASN C 23 13.60 -6.90 -12.71
C ASN C 23 13.99 -7.01 -14.19
N GLY C 24 14.22 -8.24 -14.64
CA GLY C 24 14.75 -8.53 -15.95
C GLY C 24 13.78 -9.31 -16.82
N SER C 25 14.29 -10.33 -17.53
CA SER C 25 13.49 -11.01 -18.56
C SER C 25 12.36 -11.87 -18.01
N PHE C 26 12.47 -12.31 -16.75
CA PHE C 26 11.44 -13.19 -16.12
C PHE C 26 10.45 -12.50 -15.18
N VAL C 27 10.30 -11.19 -15.26
CA VAL C 27 9.35 -10.50 -14.38
C VAL C 27 7.92 -10.99 -14.63
N SER C 28 7.61 -11.42 -15.84
CA SER C 28 6.28 -11.96 -16.15
C SER C 28 6.07 -13.44 -15.74
N VAL C 29 7.14 -14.19 -15.48
CA VAL C 29 7.08 -15.65 -15.35
C VAL C 29 7.23 -16.07 -13.90
N SER C 30 6.16 -16.61 -13.31
CA SER C 30 6.16 -17.06 -11.89
C SER C 30 7.25 -18.11 -11.64
N ALA C 31 7.69 -18.19 -10.39
CA ALA C 31 8.71 -19.17 -10.01
C ALA C 31 8.31 -20.62 -10.41
N PRO C 32 7.11 -21.08 -10.07
CA PRO C 32 6.67 -22.39 -10.56
C PRO C 32 6.77 -22.63 -12.08
N GLU C 33 6.44 -21.60 -12.88
CA GLU C 33 6.53 -21.64 -14.35
C GLU C 33 7.95 -21.79 -14.79
N LEU C 34 8.86 -21.12 -14.08
CA LEU C 34 10.30 -21.36 -14.30
C LEU C 34 10.67 -22.80 -13.92
N GLY C 35 10.24 -23.21 -12.73
CA GLY C 35 10.40 -24.57 -12.22
C GLY C 35 9.94 -25.67 -13.17
N ALA C 36 8.77 -25.50 -13.77
CA ALA C 36 8.26 -26.45 -14.74
C ALA C 36 9.16 -26.56 -15.97
N VAL C 37 9.68 -25.44 -16.47
CA VAL C 37 10.63 -25.49 -17.60
C VAL C 37 11.86 -26.33 -17.25
N ALA C 38 12.44 -26.07 -16.08
CA ALA C 38 13.60 -26.86 -15.59
C ALA C 38 13.24 -28.35 -15.40
N ILE C 39 12.03 -28.62 -14.91
CA ILE C 39 11.54 -29.98 -14.75
C ILE C 39 11.38 -30.67 -16.10
N LYS C 40 10.57 -30.09 -17.02
CA LYS C 40 10.28 -30.71 -18.33
C LYS C 40 11.53 -31.18 -19.07
N SER C 41 12.60 -30.38 -19.01
CA SER C 41 13.87 -30.72 -19.65
C SER C 41 14.56 -31.86 -18.93
N ALA C 42 14.73 -31.71 -17.62
CA ALA C 42 15.41 -32.72 -16.80
C ALA C 42 14.82 -34.11 -17.00
N VAL C 43 13.49 -34.20 -17.04
CA VAL C 43 12.88 -35.55 -17.22
C VAL C 43 13.25 -36.06 -18.60
N SER C 44 13.07 -35.21 -19.61
CA SER C 44 13.34 -35.54 -21.00
C SER C 44 14.73 -36.13 -21.14
N LYS C 45 15.72 -35.45 -20.56
CA LYS C 45 17.12 -35.86 -20.64
C LYS C 45 17.49 -37.07 -19.76
N SER C 46 16.60 -37.47 -18.84
CA SER C 46 16.84 -38.58 -17.90
C SER C 46 16.61 -39.94 -18.56
N GLY C 47 15.56 -40.02 -19.38
CA GLY C 47 15.20 -41.23 -20.12
C GLY C 47 14.01 -41.99 -19.55
N VAL C 48 13.72 -41.82 -18.26
CA VAL C 48 12.68 -42.58 -17.51
C VAL C 48 11.23 -42.31 -17.96
N PRO C 49 10.37 -43.31 -18.22
CA PRO C 49 8.95 -43.01 -18.43
C PRO C 49 8.42 -42.29 -17.22
N VAL C 50 8.02 -41.05 -17.45
CA VAL C 50 7.45 -40.13 -16.44
C VAL C 50 6.61 -40.89 -15.41
N GLU C 51 5.76 -41.81 -15.86
CA GLU C 51 4.88 -42.58 -14.95
C GLU C 51 5.60 -43.09 -13.70
N LYS C 52 6.91 -43.26 -13.84
CA LYS C 52 7.78 -43.80 -12.76
C LYS C 52 8.10 -42.71 -11.74
N ILE C 53 8.04 -41.44 -12.15
CA ILE C 53 8.31 -40.34 -11.19
C ILE C 53 7.08 -40.21 -10.29
N THR C 54 7.29 -40.11 -8.98
CA THR C 54 6.13 -40.13 -8.06
C THR C 54 6.03 -38.90 -7.17
N ASP C 55 7.12 -38.18 -6.94
CA ASP C 55 7.06 -36.97 -6.07
C ASP C 55 7.86 -35.84 -6.72
N VAL C 56 7.52 -34.60 -6.41
CA VAL C 56 8.27 -33.41 -6.91
C VAL C 56 8.55 -32.54 -5.70
N TYR C 57 9.81 -32.41 -5.31
CA TYR C 57 10.17 -31.53 -4.18
C TYR C 57 10.96 -30.31 -4.71
N MET C 58 10.51 -29.10 -4.39
CA MET C 58 11.19 -27.89 -4.91
C MET C 58 11.44 -26.88 -3.80
N GLY C 59 12.67 -26.40 -3.70
CA GLY C 59 12.95 -25.24 -2.83
C GLY C 59 12.26 -23.96 -3.31
N ASN C 60 11.86 -23.12 -2.36
CA ASN C 60 11.21 -21.81 -2.59
C ASN C 60 11.24 -21.04 -1.28
N VAL C 61 12.13 -20.06 -1.16
CA VAL C 61 12.28 -19.30 0.11
C VAL C 61 11.15 -18.28 0.28
N LEU C 62 10.87 -17.52 -0.77
CA LEU C 62 9.87 -16.43 -0.69
C LEU C 62 8.62 -16.87 -1.44
N GLN C 63 7.66 -17.42 -0.73
CA GLN C 63 6.44 -17.98 -1.35
C GLN C 63 5.34 -16.93 -1.42
N GLY C 64 5.61 -15.72 -0.96
CA GLY C 64 4.62 -14.63 -0.97
C GLY C 64 4.10 -14.38 -2.37
N ALA C 65 2.80 -14.56 -2.54
CA ALA C 65 1.98 -14.33 -3.76
C ALA C 65 2.21 -15.38 -4.85
N VAL C 66 3.02 -16.40 -4.60
CA VAL C 66 3.25 -17.45 -5.61
C VAL C 66 1.97 -18.29 -5.86
N GLY C 67 0.98 -18.20 -4.97
CA GLY C 67 -0.17 -19.11 -5.04
C GLY C 67 0.00 -20.32 -4.14
N GLN C 68 -1.08 -21.10 -4.07
CA GLN C 68 -1.16 -22.26 -3.20
C GLN C 68 -0.18 -23.29 -3.72
N ALA C 69 0.62 -23.85 -2.81
CA ALA C 69 1.43 -25.04 -3.09
C ALA C 69 2.34 -24.81 -4.30
N PRO C 70 3.33 -23.94 -4.14
CA PRO C 70 4.31 -23.68 -5.23
C PRO C 70 4.87 -24.93 -5.99
N ALA C 71 5.37 -25.90 -5.25
CA ALA C 71 5.96 -27.12 -5.83
C ALA C 71 4.91 -27.85 -6.62
N ARG C 72 3.68 -27.85 -6.14
CA ARG C 72 2.59 -28.48 -6.88
C ARG C 72 2.41 -27.83 -8.28
N GLN C 73 2.41 -26.50 -8.31
CA GLN C 73 2.28 -25.71 -9.55
C GLN C 73 3.39 -26.13 -10.51
N ALA C 74 4.62 -26.24 -10.04
CA ALA C 74 5.70 -26.66 -10.93
C ALA C 74 5.32 -27.98 -11.62
N SER C 75 4.98 -28.97 -10.80
CA SER C 75 4.62 -30.29 -11.27
C SER C 75 3.51 -30.22 -12.28
N MET C 76 2.45 -29.46 -12.00
CA MET C 76 1.33 -29.39 -12.93
C MET C 76 1.68 -28.68 -14.22
N PHE C 77 2.46 -27.60 -14.15
CA PHE C 77 2.75 -26.82 -15.35
C PHE C 77 3.74 -27.56 -16.24
N ALA C 78 4.49 -28.49 -15.63
CA ALA C 78 5.42 -29.37 -16.32
C ALA C 78 4.72 -30.52 -17.09
N GLY C 79 3.41 -30.69 -16.92
CA GLY C 79 2.66 -31.72 -17.62
C GLY C 79 2.65 -33.07 -16.90
N LEU C 80 3.29 -33.13 -15.72
CA LEU C 80 3.26 -34.32 -14.85
C LEU C 80 1.85 -34.53 -14.29
N SER C 81 1.55 -35.79 -13.97
CA SER C 81 0.18 -36.20 -13.68
C SER C 81 -0.29 -35.67 -12.33
N PRO C 82 -1.57 -35.30 -12.17
CA PRO C 82 -2.06 -34.82 -10.89
C PRO C 82 -1.72 -35.85 -9.81
N THR C 83 -1.43 -37.07 -10.24
CA THR C 83 -1.16 -38.23 -9.35
C THR C 83 0.21 -38.10 -8.68
N VAL C 84 1.04 -37.19 -9.17
CA VAL C 84 2.38 -37.00 -8.56
C VAL C 84 2.19 -36.20 -7.28
N GLU C 85 2.98 -36.50 -6.26
CA GLU C 85 2.87 -35.84 -4.95
C GLU C 85 3.92 -34.72 -4.87
N SER C 86 3.72 -33.73 -4.01
CA SER C 86 4.67 -32.60 -4.01
C SER C 86 4.78 -31.97 -2.62
N MET C 87 5.79 -31.12 -2.46
CA MET C 87 6.07 -30.44 -1.18
C MET C 87 7.02 -29.27 -1.46
N THR C 88 6.74 -28.12 -0.87
CA THR C 88 7.58 -26.92 -1.07
C THR C 88 8.52 -26.82 0.12
N VAL C 89 9.82 -26.85 -0.14
CA VAL C 89 10.89 -26.86 0.89
C VAL C 89 11.50 -25.48 1.11
N ASN C 90 11.76 -25.12 2.36
CA ASN C 90 12.34 -23.81 2.70
C ASN C 90 13.47 -23.94 3.72
N LYS C 91 14.69 -24.03 3.23
CA LYS C 91 15.90 -24.06 4.08
C LYS C 91 16.69 -22.83 3.66
N VAL C 92 15.96 -21.74 3.47
CA VAL C 92 16.52 -20.46 2.95
C VAL C 92 17.35 -20.75 1.70
N ALA C 94 19.67 -22.93 1.20
CA ALA C 94 20.02 -24.35 0.97
C ALA C 94 18.85 -25.11 0.34
N SER C 95 17.67 -24.50 0.29
CA SER C 95 16.39 -25.10 -0.19
C SER C 95 16.54 -26.04 -1.39
N GLY C 96 17.16 -25.61 -2.47
CA GLY C 96 17.24 -26.46 -3.67
C GLY C 96 17.99 -27.75 -3.44
N LEU C 97 19.09 -27.70 -2.68
CA LEU C 97 19.92 -28.88 -2.41
C LEU C 97 19.11 -29.80 -1.49
N LYS C 98 18.69 -29.27 -0.34
CA LYS C 98 17.86 -30.03 0.59
C LYS C 98 16.72 -30.77 -0.13
N ALA C 99 16.06 -30.15 -1.10
CA ALA C 99 14.94 -30.80 -1.80
C ALA C 99 15.42 -32.04 -2.55
N VAL C 100 16.65 -31.98 -3.05
CA VAL C 100 17.31 -33.12 -3.69
C VAL C 100 17.67 -34.20 -2.62
N ALA C 101 18.22 -33.78 -1.48
CA ALA C 101 18.53 -34.70 -0.38
C ALA C 101 17.28 -35.46 0.14
N LEU C 102 16.16 -34.75 0.24
CA LEU C 102 14.89 -35.35 0.69
C LEU C 102 14.35 -36.27 -0.40
N ALA C 103 14.44 -35.87 -1.65
CA ALA C 103 13.87 -36.71 -2.70
C ALA C 103 14.67 -38.02 -2.74
N ALA C 104 15.98 -37.88 -2.47
CA ALA C 104 16.88 -39.01 -2.37
C ALA C 104 16.34 -40.01 -1.35
N GLN C 105 15.93 -39.50 -0.19
CA GLN C 105 15.48 -40.33 0.93
C GLN C 105 14.30 -41.24 0.59
N ASN C 106 13.41 -40.77 -0.26
CA ASN C 106 12.27 -41.61 -0.67
C ASN C 106 12.82 -42.83 -1.43
N ILE C 107 13.91 -42.65 -2.16
CA ILE C 107 14.58 -43.75 -2.86
C ILE C 107 15.43 -44.58 -1.88
N GLN C 108 16.17 -43.93 -0.99
CA GLN C 108 17.02 -44.65 -0.01
C GLN C 108 16.22 -45.58 0.96
N LEU C 109 14.95 -45.24 1.23
CA LEU C 109 14.02 -46.05 2.04
C LEU C 109 13.09 -46.98 1.24
N GLY C 110 13.24 -47.00 -0.07
CA GLY C 110 12.45 -47.89 -0.93
C GLY C 110 11.02 -47.45 -1.18
N LEU C 111 10.69 -46.22 -0.79
CA LEU C 111 9.32 -45.70 -0.88
C LEU C 111 8.99 -45.31 -2.32
N ALA C 112 10.01 -44.95 -3.09
CA ALA C 112 9.84 -44.64 -4.49
C ALA C 112 11.10 -44.95 -5.28
N GLU C 113 10.90 -45.05 -6.59
CA GLU C 113 11.95 -45.37 -7.54
C GLU C 113 12.38 -44.18 -8.42
N ALA C 114 11.47 -43.22 -8.69
CA ALA C 114 11.86 -41.99 -9.41
C ALA C 114 11.30 -40.69 -8.81
N GLN C 115 12.21 -39.75 -8.60
CA GLN C 115 11.84 -38.45 -8.00
C GLN C 115 12.38 -37.28 -8.82
N VAL C 116 11.66 -36.16 -8.76
CA VAL C 116 12.10 -34.88 -9.36
C VAL C 116 12.39 -33.93 -8.23
N ALA C 117 13.50 -33.24 -8.28
CA ALA C 117 13.79 -32.31 -7.22
C ALA C 117 14.69 -31.16 -7.66
N GLY C 118 14.45 -30.01 -7.06
CA GLY C 118 15.32 -28.86 -7.24
C GLY C 118 14.81 -27.64 -6.54
N GLY C 119 14.94 -26.48 -7.18
CA GLY C 119 14.51 -25.23 -6.57
C GLY C 119 14.12 -24.17 -7.57
N MET C 120 13.40 -23.16 -7.07
CA MET C 120 12.91 -22.10 -7.91
C MET C 120 12.76 -20.83 -7.11
N GLU C 121 12.94 -19.71 -7.79
CA GLU C 121 12.80 -18.40 -7.14
C GLU C 121 12.60 -17.32 -8.19
N ASN C 122 11.65 -16.43 -7.93
CA ASN C 122 11.46 -15.23 -8.76
C ASN C 122 11.51 -14.09 -7.77
N MET C 123 12.68 -13.52 -7.56
CA MET C 123 12.85 -12.44 -6.56
C MET C 123 12.21 -11.14 -7.08
N SER C 124 12.14 -10.97 -8.38
CA SER C 124 11.46 -9.78 -8.95
C SER C 124 10.00 -9.83 -8.53
N ARG C 125 9.44 -11.03 -8.45
CA ARG C 125 8.02 -11.17 -8.16
C ARG C 125 7.67 -11.25 -6.65
N VAL C 126 8.65 -11.01 -5.80
CA VAL C 126 8.37 -11.05 -4.35
C VAL C 126 7.59 -9.78 -4.03
N PRO C 127 6.50 -9.81 -3.25
CA PRO C 127 5.74 -8.63 -2.94
C PRO C 127 6.32 -7.91 -1.73
N TYR C 128 5.81 -6.69 -1.49
CA TYR C 128 5.83 -5.99 -0.18
C TYR C 128 4.61 -6.43 0.60
N TYR C 129 4.71 -6.34 1.92
CA TYR C 129 3.68 -6.81 2.86
C TYR C 129 2.92 -5.65 3.52
N LEU C 130 1.61 -5.64 3.36
CA LEU C 130 0.78 -4.64 4.05
C LEU C 130 0.00 -5.37 5.13
N PRO C 131 0.28 -5.17 6.41
CA PRO C 131 -0.49 -5.81 7.45
C PRO C 131 -1.99 -5.54 7.34
N ARG C 132 -2.78 -6.49 7.80
CA ARG C 132 -4.22 -6.38 7.81
C ARG C 132 -4.59 -5.48 8.97
N SER C 133 -5.86 -5.10 9.03
CA SER C 133 -6.31 -3.93 9.77
C SER C 133 -6.06 -3.96 11.24
N THR C 134 -6.14 -5.15 11.85
CA THR C 134 -5.83 -5.30 13.26
C THR C 134 -4.35 -5.12 13.63
N GLN C 135 -3.44 -5.07 12.64
CA GLN C 135 -2.01 -4.78 12.91
C GLN C 135 -1.52 -3.48 12.31
N LEU C 136 -2.44 -2.59 11.99
CA LEU C 136 -2.09 -1.27 11.49
C LEU C 136 -2.39 -0.24 12.58
N PRO C 137 -1.53 0.78 12.72
CA PRO C 137 -1.86 1.88 13.65
C PRO C 137 -3.07 2.71 13.19
N PRO C 138 -3.80 3.32 14.12
CA PRO C 138 -4.94 4.18 13.75
C PRO C 138 -4.58 5.40 12.89
N PHE C 139 -3.41 5.97 13.13
CA PHE C 139 -2.89 7.03 12.31
C PHE C 139 -1.38 7.08 12.46
N GLY C 140 -0.74 7.87 11.58
CA GLY C 140 0.70 8.00 11.52
C GLY C 140 1.38 7.09 10.52
N GLU C 141 2.59 7.47 10.12
CA GLU C 141 3.45 6.70 9.22
C GLU C 141 3.35 5.19 9.40
N ILE C 142 3.20 4.47 8.28
CA ILE C 142 3.23 3.01 8.22
C ILE C 142 4.45 2.61 7.41
N LYS C 143 5.23 1.66 7.92
CA LYS C 143 6.40 1.12 7.18
C LYS C 143 6.07 -0.23 6.56
N LEU C 144 6.21 -0.31 5.24
CA LEU C 144 5.96 -1.52 4.49
C LEU C 144 7.28 -2.24 4.15
N GLN C 145 7.42 -3.49 4.60
CA GLN C 145 8.65 -4.23 4.37
C GLN C 145 8.61 -4.91 3.05
N ASP C 146 9.78 -4.97 2.40
CA ASP C 146 9.94 -5.48 1.06
C ASP C 146 9.72 -7.01 0.98
N GLY C 147 10.22 -7.77 1.90
CA GLY C 147 9.95 -9.22 1.78
C GLY C 147 11.15 -9.93 1.24
N LEU C 148 11.77 -9.37 0.21
CA LEU C 148 13.17 -9.73 -0.10
C LEU C 148 14.03 -9.50 1.12
N ILE C 149 13.83 -8.39 1.82
CA ILE C 149 14.60 -8.06 3.01
C ILE C 149 14.04 -8.84 4.19
N GLN C 150 12.81 -8.54 4.63
CA GLN C 150 12.26 -9.17 5.83
C GLN C 150 12.36 -10.71 5.92
N ASP C 151 11.99 -11.40 4.84
CA ASP C 151 11.91 -12.87 4.87
C ASP C 151 13.08 -13.51 4.14
N GLY C 152 13.82 -12.75 3.35
CA GLY C 152 14.88 -13.39 2.56
C GLY C 152 16.28 -13.09 3.05
N LEU C 153 16.60 -11.84 3.33
CA LEU C 153 18.00 -11.50 3.66
C LEU C 153 18.12 -10.76 4.98
N TRP C 154 17.16 -10.89 5.87
CA TRP C 154 17.30 -10.14 7.14
C TRP C 154 17.42 -11.13 8.28
N ASP C 155 18.56 -11.14 8.96
CA ASP C 155 18.75 -12.04 10.11
C ASP C 155 17.82 -11.59 11.23
N VAL C 156 17.04 -12.52 11.78
CA VAL C 156 16.03 -12.27 12.82
C VAL C 156 16.67 -11.86 14.15
N TYR C 157 17.75 -12.51 14.53
CA TYR C 157 18.37 -12.32 15.88
C TYR C 157 19.27 -11.08 15.95
N ASN C 158 20.10 -10.86 14.94
CA ASN C 158 20.99 -9.69 15.02
C ASN C 158 20.36 -8.48 14.34
N GLN C 159 19.16 -8.66 13.80
CA GLN C 159 18.38 -7.58 13.14
C GLN C 159 19.27 -6.77 12.17
N PHE C 160 19.87 -7.45 11.20
CA PHE C 160 20.68 -6.78 10.14
C PHE C 160 20.79 -7.71 8.93
N HIS C 161 21.12 -7.13 7.80
CA HIS C 161 21.23 -7.86 6.51
C HIS C 161 22.24 -8.99 6.64
N MET C 162 22.24 -9.90 5.67
CA MET C 162 23.20 -11.03 5.52
C MET C 162 24.56 -10.46 5.13
N GLY C 163 24.60 -9.29 4.47
CA GLY C 163 25.84 -8.62 4.11
C GLY C 163 26.59 -8.17 5.35
N ILE C 164 25.91 -7.81 6.43
CA ILE C 164 26.64 -7.44 7.66
C ILE C 164 27.28 -8.71 8.22
N CYS C 165 26.55 -9.82 8.18
CA CYS C 165 27.10 -11.12 8.64
C CYS C 165 28.40 -11.36 7.88
N ALA C 166 28.39 -11.11 6.57
CA ALA C 166 29.58 -11.25 5.71
C ALA C 166 30.71 -10.24 6.03
N GLU C 167 30.36 -9.14 6.68
CA GLU C 167 31.41 -8.16 7.08
C GLU C 167 32.07 -8.73 8.34
N LYS C 168 31.26 -9.08 9.33
CA LYS C 168 31.79 -9.67 10.58
C LYS C 168 32.69 -10.91 10.36
N THR C 169 32.49 -11.64 9.26
CA THR C 169 33.33 -12.77 8.85
C THR C 169 34.58 -12.30 8.13
N ALA C 170 34.39 -11.40 7.14
CA ALA C 170 35.50 -10.76 6.42
C ALA C 170 36.50 -10.05 7.35
N LYS C 171 35.99 -9.48 8.44
CA LYS C 171 36.81 -8.91 9.53
C LYS C 171 37.55 -10.04 10.27
N LYS C 172 36.80 -11.01 10.79
CA LYS C 172 37.32 -12.11 11.63
C LYS C 172 38.40 -13.01 10.98
N TYR C 173 38.37 -13.17 9.67
CA TYR C 173 39.40 -13.95 8.97
C TYR C 173 40.44 -13.07 8.22
N GLU C 174 40.40 -11.76 8.46
CA GLU C 174 41.25 -10.80 7.75
C GLU C 174 41.20 -11.03 6.25
N ILE C 175 39.99 -10.92 5.71
CA ILE C 175 39.76 -10.90 4.26
C ILE C 175 39.54 -9.44 3.84
N SER C 176 40.24 -9.04 2.78
CA SER C 176 40.35 -7.64 2.38
C SER C 176 39.56 -7.35 1.11
N ARG C 177 39.28 -6.06 0.95
CA ARG C 177 38.59 -5.53 -0.22
C ARG C 177 39.21 -6.03 -1.55
N GLU C 178 40.53 -5.94 -1.68
CA GLU C 178 41.22 -6.19 -2.96
C GLU C 178 41.24 -7.67 -3.39
N GLU C 179 41.10 -8.59 -2.42
CA GLU C 179 41.02 -10.03 -2.74
C GLU C 179 39.58 -10.52 -2.83
N GLN C 180 38.68 -9.76 -2.21
CA GLN C 180 37.24 -10.01 -2.44
C GLN C 180 37.00 -9.61 -3.91
N ASP C 181 37.55 -8.47 -4.33
CA ASP C 181 37.34 -7.98 -5.70
C ASP C 181 38.12 -8.81 -6.74
N GLN C 182 39.31 -9.30 -6.37
CA GLN C 182 40.04 -10.20 -7.26
C GLN C 182 39.20 -11.46 -7.51
N TYR C 183 38.67 -12.04 -6.43
CA TYR C 183 37.79 -13.21 -6.55
C TYR C 183 36.56 -12.90 -7.41
N ALA C 184 35.95 -11.75 -7.18
CA ALA C 184 34.84 -11.30 -8.00
C ALA C 184 35.19 -11.21 -9.51
N ILE C 185 36.28 -10.53 -9.84
CA ILE C 185 36.73 -10.39 -11.25
C ILE C 185 36.93 -11.79 -11.86
N GLN C 186 37.62 -12.64 -11.10
CA GLN C 186 37.84 -14.04 -11.47
C GLN C 186 36.51 -14.77 -11.69
N SER C 187 35.54 -14.55 -10.78
CA SER C 187 34.19 -15.12 -10.95
C SER C 187 33.68 -14.70 -12.31
N TYR C 188 33.61 -13.39 -12.53
CA TYR C 188 33.19 -12.82 -13.81
C TYR C 188 34.02 -13.32 -14.98
N GLN C 189 35.35 -13.37 -14.82
CA GLN C 189 36.23 -13.87 -15.90
C GLN C 189 35.92 -15.29 -16.26
N ARG C 190 35.71 -16.12 -15.24
CA ARG C 190 35.43 -17.54 -15.45
C ARG C 190 34.08 -17.73 -16.15
N ALA C 191 33.12 -16.88 -15.77
CA ALA C 191 31.80 -16.88 -16.38
C ALA C 191 31.81 -16.46 -17.85
N GLN C 192 32.66 -15.46 -18.17
CA GLN C 192 32.83 -15.00 -19.58
C GLN C 192 33.54 -16.08 -20.41
N ALA C 193 34.71 -16.51 -19.94
CA ALA C 193 35.39 -17.70 -20.52
C ALA C 193 34.39 -18.81 -20.88
N ALA C 194 33.60 -19.20 -19.88
CA ALA C 194 32.61 -20.29 -20.00
C ALA C 194 31.53 -20.06 -21.04
N TRP C 195 31.02 -18.83 -21.11
CA TRP C 195 29.93 -18.50 -22.04
C TRP C 195 30.41 -18.30 -23.46
N LYS C 196 31.68 -17.96 -23.59
CA LYS C 196 32.32 -17.79 -24.91
C LYS C 196 32.37 -19.18 -25.57
N GLU C 197 32.64 -20.21 -24.78
CA GLU C 197 32.69 -21.60 -25.31
C GLU C 197 31.31 -22.24 -25.18
N ASN C 198 30.35 -21.52 -24.58
CA ASN C 198 28.98 -22.04 -24.37
C ASN C 198 29.05 -23.35 -23.59
N LYS C 199 29.66 -23.31 -22.40
CA LYS C 199 29.87 -24.48 -21.50
C LYS C 199 28.59 -24.86 -20.74
N PHE C 200 27.53 -24.08 -20.84
CA PHE C 200 26.26 -24.37 -20.11
C PHE C 200 25.16 -24.69 -21.10
N ALA C 201 25.52 -24.84 -22.37
CA ALA C 201 24.52 -25.05 -23.43
C ALA C 201 23.65 -26.27 -23.15
N GLU C 202 24.29 -27.38 -22.79
CA GLU C 202 23.63 -28.69 -22.59
C GLU C 202 22.78 -28.68 -21.33
N GLU C 203 23.29 -28.02 -20.27
CA GLU C 203 22.58 -27.94 -18.97
C GLU C 203 21.43 -26.92 -18.91
N ILE C 204 21.33 -26.01 -19.87
CA ILE C 204 20.33 -24.94 -19.84
C ILE C 204 19.05 -25.33 -20.61
N ALA C 205 17.90 -25.03 -20.03
CA ALA C 205 16.61 -25.19 -20.66
C ALA C 205 16.08 -23.79 -20.97
N PRO C 206 15.70 -23.53 -22.25
CA PRO C 206 15.46 -22.14 -22.61
C PRO C 206 14.03 -21.76 -22.31
N VAL C 207 13.83 -20.54 -21.84
CA VAL C 207 12.52 -20.07 -21.40
C VAL C 207 11.83 -19.23 -22.46
N THR C 208 10.72 -19.74 -22.98
CA THR C 208 9.89 -18.99 -23.90
C THR C 208 8.91 -18.10 -23.09
N VAL C 209 9.27 -16.83 -22.95
CA VAL C 209 8.37 -15.84 -22.34
C VAL C 209 7.64 -15.16 -23.47
N LYS C 210 6.32 -15.33 -23.49
CA LYS C 210 5.46 -14.61 -24.42
C LYS C 210 5.01 -13.29 -23.80
N GLY C 211 4.54 -12.37 -24.64
CA GLY C 211 4.06 -11.06 -24.18
C GLY C 211 3.95 -10.03 -25.28
N LYS C 212 2.75 -9.45 -25.44
CA LYS C 212 2.48 -8.33 -26.35
C LYS C 212 2.80 -8.62 -27.85
N LYS C 213 4.09 -8.55 -28.23
CA LYS C 213 4.52 -8.60 -29.65
C LYS C 213 4.45 -10.02 -30.20
N GLY C 214 5.07 -10.94 -29.48
CA GLY C 214 5.03 -12.36 -29.82
C GLY C 214 5.64 -13.17 -28.69
N GLU C 215 6.93 -13.49 -28.81
CA GLU C 215 7.66 -14.37 -27.89
C GLU C 215 9.16 -14.08 -27.91
N THR C 216 9.74 -13.71 -26.77
CA THR C 216 11.19 -13.83 -26.58
C THR C 216 11.48 -15.30 -26.24
N VAL C 217 12.71 -15.74 -26.50
CA VAL C 217 13.21 -17.07 -26.10
C VAL C 217 14.52 -16.77 -25.41
N VAL C 218 14.50 -16.81 -24.08
CA VAL C 218 15.65 -16.43 -23.25
C VAL C 218 16.53 -17.65 -23.05
N GLU C 219 17.81 -17.50 -23.34
CA GLU C 219 18.75 -18.64 -23.40
C GLU C 219 20.04 -18.41 -22.62
N ARG C 220 20.21 -17.22 -22.06
CA ARG C 220 21.52 -16.76 -21.66
C ARG C 220 21.45 -16.10 -20.27
N ASP C 221 22.30 -16.54 -19.36
CA ASP C 221 22.47 -15.86 -18.07
C ASP C 221 22.60 -14.34 -18.23
N GLU C 222 21.85 -13.59 -17.42
CA GLU C 222 21.91 -12.12 -17.46
C GLU C 222 22.69 -11.62 -16.27
N GLY C 223 23.81 -10.96 -16.53
CA GLY C 223 24.62 -10.32 -15.49
C GLY C 223 26.10 -10.65 -15.53
N TYR C 224 26.49 -11.66 -16.30
CA TYR C 224 27.90 -12.10 -16.34
C TYR C 224 28.79 -11.18 -17.19
N GLU C 225 28.22 -10.62 -18.27
CA GLU C 225 28.89 -9.63 -19.16
C GLU C 225 29.27 -8.35 -18.39
N ASN C 226 28.48 -7.99 -17.40
CA ASN C 226 28.39 -6.63 -16.89
C ASN C 226 29.46 -6.34 -15.83
N LEU C 227 30.71 -6.68 -16.14
CA LEU C 227 31.79 -6.43 -15.16
C LEU C 227 32.64 -5.27 -15.68
N ARG C 228 33.00 -4.34 -14.79
CA ARG C 228 33.84 -3.18 -15.17
C ARG C 228 34.95 -3.05 -14.14
N ILE C 229 36.11 -3.65 -14.42
CA ILE C 229 37.32 -3.68 -13.55
C ILE C 229 37.55 -2.32 -12.89
N ASP C 230 37.62 -1.27 -13.72
CA ASP C 230 37.86 0.11 -13.25
C ASP C 230 36.97 0.44 -12.05
N LYS C 231 35.66 0.35 -12.23
CA LYS C 231 34.69 0.73 -11.17
C LYS C 231 34.81 -0.16 -9.94
N MET C 232 35.17 -1.43 -10.12
CA MET C 232 35.19 -2.43 -9.01
C MET C 232 35.84 -1.92 -7.72
N ALA C 233 36.99 -1.24 -7.80
CA ALA C 233 37.62 -0.76 -6.54
C ALA C 233 37.04 0.58 -6.13
N THR C 234 36.27 1.21 -7.02
CA THR C 234 35.65 2.51 -6.67
C THR C 234 34.27 2.25 -6.05
N LEU C 235 33.71 1.08 -6.33
CA LEU C 235 32.38 0.68 -5.83
C LEU C 235 32.28 0.95 -4.32
N LYS C 236 31.23 1.64 -3.90
CA LYS C 236 31.05 1.99 -2.47
C LYS C 236 30.58 0.74 -1.73
N PRO C 237 30.82 0.63 -0.40
CA PRO C 237 30.36 -0.52 0.37
C PRO C 237 28.82 -0.52 0.34
N ALA C 238 28.23 -1.70 0.33
CA ALA C 238 26.79 -1.88 0.18
C ALA C 238 25.98 -1.97 1.50
N PHE C 239 26.57 -2.49 2.58
CA PHE C 239 25.85 -2.64 3.87
C PHE C 239 26.47 -1.87 5.03
N LEU C 240 27.80 -1.81 5.07
CA LEU C 240 28.54 -1.25 6.22
C LEU C 240 29.11 0.15 5.92
N ARG C 241 28.33 1.19 6.22
CA ARG C 241 28.73 2.60 5.91
C ARG C 241 29.16 3.34 7.18
N ASP C 242 30.22 2.83 7.81
CA ASP C 242 30.85 3.39 9.02
C ASP C 242 32.35 3.68 8.86
N GLY C 243 32.89 3.50 7.65
CA GLY C 243 34.33 3.61 7.40
C GLY C 243 35.03 2.33 6.98
N THR C 244 34.66 1.20 7.58
CA THR C 244 35.42 -0.07 7.44
C THR C 244 34.81 -1.08 6.45
N GLY C 245 33.79 -0.69 5.68
CA GLY C 245 33.10 -1.64 4.78
C GLY C 245 33.96 -2.27 3.71
N THR C 246 33.62 -3.50 3.29
CA THR C 246 34.41 -4.19 2.24
C THR C 246 33.49 -4.87 1.23
N VAL C 247 32.31 -5.29 1.65
CA VAL C 247 31.43 -6.01 0.68
C VAL C 247 30.66 -4.98 -0.14
N THR C 248 30.75 -5.10 -1.45
CA THR C 248 30.09 -4.17 -2.40
C THR C 248 29.09 -4.92 -3.28
N ALA C 249 28.43 -4.21 -4.19
CA ALA C 249 27.46 -4.83 -5.07
C ALA C 249 28.12 -5.71 -6.11
N GLY C 250 29.33 -5.31 -6.51
CA GLY C 250 30.12 -6.07 -7.47
C GLY C 250 30.69 -7.38 -6.94
N ASN C 251 31.13 -7.36 -5.68
CA ASN C 251 31.72 -8.54 -5.04
C ASN C 251 30.74 -9.37 -4.17
N ALA C 252 29.44 -9.09 -4.32
CA ALA C 252 28.38 -9.85 -3.67
C ALA C 252 27.62 -10.58 -4.76
N SER C 253 26.73 -11.48 -4.34
CA SER C 253 25.81 -12.12 -5.27
C SER C 253 24.72 -11.11 -5.63
N THR C 254 24.15 -11.28 -6.82
CA THR C 254 23.06 -10.48 -7.28
C THR C 254 21.73 -11.21 -6.93
N MET C 255 20.65 -10.44 -6.90
CA MET C 255 19.30 -11.00 -6.81
C MET C 255 18.84 -11.36 -8.21
N ASN C 256 18.19 -12.51 -8.33
CA ASN C 256 17.92 -13.10 -9.62
C ASN C 256 16.65 -13.95 -9.66
N ASP C 257 16.27 -14.31 -10.87
CA ASP C 257 15.08 -15.11 -11.17
C ASP C 257 15.58 -16.35 -11.91
N GLY C 258 15.06 -17.52 -11.56
CA GLY C 258 15.46 -18.79 -12.21
C GLY C 258 15.08 -20.01 -11.40
N ALA C 259 15.29 -21.19 -12.00
CA ALA C 259 14.88 -22.46 -11.40
C ALA C 259 15.74 -23.59 -11.93
N SER C 260 15.98 -24.58 -11.08
CA SER C 260 16.77 -25.76 -11.44
C SER C 260 16.09 -27.03 -10.93
N ALA C 261 16.38 -28.15 -11.59
CA ALA C 261 15.69 -29.41 -11.38
C ALA C 261 16.58 -30.59 -11.77
N LEU C 262 16.42 -31.68 -11.02
CA LEU C 262 17.16 -32.93 -11.26
C LEU C 262 16.16 -34.07 -11.15
N VAL C 263 16.39 -35.11 -11.92
CA VAL C 263 15.57 -36.34 -11.87
C VAL C 263 16.42 -37.35 -11.12
N LEU C 264 15.83 -38.05 -10.17
CA LEU C 264 16.57 -39.04 -9.38
C LEU C 264 15.92 -40.39 -9.56
N GLY C 265 16.72 -41.43 -9.36
CA GLY C 265 16.24 -42.82 -9.34
C GLY C 265 17.06 -43.80 -8.51
N SER C 266 16.51 -45.01 -8.42
CA SER C 266 17.18 -46.16 -7.81
C SER C 266 18.22 -46.76 -8.78
N LYS C 267 19.03 -47.69 -8.28
CA LYS C 267 19.88 -48.55 -9.11
C LYS C 267 19.05 -49.21 -10.20
N ALA C 268 17.96 -49.85 -9.84
CA ALA C 268 17.09 -50.50 -10.83
C ALA C 268 16.64 -49.59 -12.00
N ILE C 269 16.35 -48.31 -11.71
CA ILE C 269 15.80 -47.37 -12.70
C ILE C 269 16.88 -46.85 -13.62
N ALA C 270 18.03 -46.56 -13.05
CA ALA C 270 19.16 -46.14 -13.84
C ALA C 270 19.49 -47.26 -14.84
N ARG C 271 19.86 -48.42 -14.31
CA ARG C 271 20.26 -49.59 -15.11
C ARG C 271 19.30 -49.74 -16.28
N GLU C 272 18.00 -49.63 -16.03
CA GLU C 272 17.04 -49.89 -17.13
C GLU C 272 16.86 -48.72 -18.10
N PHE C 273 17.16 -47.47 -17.73
CA PHE C 273 16.90 -46.39 -18.71
C PHE C 273 17.92 -45.25 -18.76
N ALA C 274 19.02 -45.29 -17.99
CA ALA C 274 19.88 -44.08 -18.03
C ALA C 274 21.35 -44.42 -17.86
N GLN C 275 21.91 -45.26 -18.73
CA GLN C 275 23.32 -45.68 -18.56
C GLN C 275 24.29 -44.68 -19.21
N GLY C 276 23.90 -44.06 -20.32
CA GLY C 276 24.81 -43.11 -20.98
C GLY C 276 24.42 -41.67 -20.75
N ASN C 277 23.74 -41.40 -19.64
CA ASN C 277 23.26 -40.03 -19.29
C ASN C 277 24.42 -39.07 -19.07
N ARG C 278 24.31 -37.88 -19.63
CA ARG C 278 25.33 -36.83 -19.50
C ARG C 278 25.58 -36.52 -18.04
N ALA C 279 24.50 -36.41 -17.27
CA ALA C 279 24.62 -35.98 -15.89
C ALA C 279 25.01 -37.09 -14.92
N LEU C 280 25.06 -38.35 -15.37
CA LEU C 280 24.89 -39.53 -14.48
C LEU C 280 25.80 -39.53 -13.26
N ALA C 281 25.24 -39.86 -12.11
CA ALA C 281 25.95 -39.75 -10.83
C ALA C 281 25.22 -40.43 -9.67
N ARG C 282 26.00 -40.72 -8.62
CA ARG C 282 25.53 -41.41 -7.45
C ARG C 282 25.64 -40.41 -6.29
N ILE C 283 24.55 -40.27 -5.54
CA ILE C 283 24.55 -39.44 -4.33
C ILE C 283 25.28 -40.25 -3.28
N VAL C 284 26.51 -39.84 -3.00
CA VAL C 284 27.33 -40.54 -2.05
C VAL C 284 26.79 -40.24 -0.65
N SER C 285 26.82 -38.96 -0.29
CA SER C 285 26.36 -38.55 1.03
C SER C 285 25.85 -37.13 1.02
N THR C 286 25.08 -36.78 2.05
CA THR C 286 24.65 -35.42 2.28
C THR C 286 24.81 -35.13 3.75
N ALA C 287 24.76 -33.86 4.10
CA ALA C 287 24.86 -33.45 5.49
C ALA C 287 24.37 -32.01 5.66
N ASP C 288 23.62 -31.75 6.72
CA ASP C 288 23.32 -30.38 7.14
C ASP C 288 24.19 -30.04 8.36
N ALA C 289 24.23 -28.76 8.75
CA ALA C 289 24.93 -28.33 9.96
C ALA C 289 24.66 -26.85 10.31
N ALA C 290 24.62 -26.52 11.59
CA ALA C 290 24.27 -25.18 12.02
C ALA C 290 25.23 -24.69 13.08
N ILE C 291 25.38 -23.39 13.12
CA ILE C 291 26.20 -22.68 14.08
C ILE C 291 25.44 -21.41 14.36
N ASP C 292 26.06 -20.47 15.05
CA ASP C 292 25.39 -19.22 15.36
C ASP C 292 24.90 -18.53 14.05
N PRO C 293 23.70 -17.90 14.08
CA PRO C 293 23.19 -17.18 12.89
C PRO C 293 24.19 -16.20 12.22
N VAL C 294 24.95 -15.45 13.02
CA VAL C 294 25.95 -14.52 12.48
C VAL C 294 27.01 -15.24 11.61
N ASP C 295 27.37 -16.44 12.05
CA ASP C 295 28.47 -17.23 11.44
C ASP C 295 27.97 -18.09 10.29
N PHE C 296 26.90 -17.67 9.62
CA PHE C 296 26.35 -18.50 8.51
C PHE C 296 27.35 -18.63 7.36
N PRO C 297 28.21 -17.65 7.03
CA PRO C 297 29.19 -17.84 5.97
C PRO C 297 30.14 -19.04 6.09
N VAL C 298 30.48 -19.48 7.30
CA VAL C 298 31.46 -20.59 7.47
C VAL C 298 30.74 -21.93 7.73
N ALA C 299 29.45 -21.87 8.06
CA ALA C 299 28.69 -23.09 8.26
C ALA C 299 28.93 -24.16 7.19
N PRO C 300 29.34 -23.78 5.94
CA PRO C 300 29.84 -24.81 5.02
C PRO C 300 31.13 -25.52 5.46
N ALA C 301 32.03 -24.81 6.16
CA ALA C 301 33.26 -25.41 6.71
C ALA C 301 33.00 -26.49 7.77
N LYS C 302 31.77 -26.53 8.26
CA LYS C 302 31.34 -27.53 9.27
C LYS C 302 30.53 -28.63 8.58
N ALA C 303 29.85 -28.32 7.48
CA ALA C 303 28.99 -29.34 6.87
C ALA C 303 29.76 -30.19 5.87
N VAL C 304 30.94 -29.77 5.44
CA VAL C 304 31.63 -30.57 4.40
C VAL C 304 32.41 -31.72 5.02
N PRO C 305 33.09 -31.55 6.18
CA PRO C 305 33.78 -32.65 6.84
C PRO C 305 32.82 -33.81 7.06
N ILE C 306 31.65 -33.50 7.62
CA ILE C 306 30.59 -34.49 7.89
C ILE C 306 30.22 -35.22 6.61
N ALA C 307 29.84 -34.50 5.57
CA ALA C 307 29.46 -35.14 4.30
C ALA C 307 30.58 -36.02 3.80
N LEU C 308 31.81 -35.50 3.83
CA LEU C 308 33.04 -36.23 3.46
C LEU C 308 33.31 -37.49 4.29
N GLU C 309 33.23 -37.39 5.62
CA GLU C 309 33.26 -38.58 6.48
C GLU C 309 32.23 -39.62 6.03
N ARG C 310 30.95 -39.23 6.04
CA ARG C 310 29.87 -40.07 5.50
C ARG C 310 30.14 -40.60 4.10
N ALA C 311 30.92 -39.87 3.31
CA ALA C 311 31.35 -40.36 2.01
C ALA C 311 32.42 -41.47 2.05
N GLY C 312 33.33 -41.39 3.02
CA GLY C 312 34.50 -42.26 3.10
C GLY C 312 35.59 -41.75 2.17
N ILE C 313 35.75 -40.42 2.18
CA ILE C 313 36.49 -39.67 1.15
C ILE C 313 37.14 -38.50 1.89
N THR C 314 38.21 -37.96 1.31
CA THR C 314 38.93 -36.81 1.91
C THR C 314 38.93 -35.63 0.93
N LYS C 315 39.31 -34.46 1.42
CA LYS C 315 39.39 -33.22 0.57
C LYS C 315 40.09 -33.45 -0.77
N ASP C 316 41.17 -34.23 -0.74
CA ASP C 316 42.09 -34.34 -1.87
C ASP C 316 41.62 -35.31 -2.96
N GLN C 317 40.47 -35.95 -2.73
CA GLN C 317 39.87 -36.92 -3.69
C GLN C 317 38.73 -36.24 -4.45
N VAL C 318 38.45 -35.00 -4.06
CA VAL C 318 37.38 -34.19 -4.69
C VAL C 318 37.97 -33.36 -5.84
N ALA C 319 37.66 -33.76 -7.06
CA ALA C 319 38.02 -33.01 -8.27
C ALA C 319 37.63 -31.53 -8.19
N VAL C 320 36.33 -31.27 -8.33
CA VAL C 320 35.81 -29.89 -8.41
C VAL C 320 34.75 -29.60 -7.33
N TRP C 321 35.00 -28.55 -6.56
CA TRP C 321 34.05 -28.01 -5.60
C TRP C 321 33.16 -26.94 -6.27
N GLU C 322 31.89 -26.91 -5.87
CA GLU C 322 30.98 -25.84 -6.27
C GLU C 322 30.34 -25.27 -5.00
N PHE C 323 30.95 -24.23 -4.44
CA PHE C 323 30.40 -23.49 -3.30
C PHE C 323 29.57 -22.37 -3.89
N ASN C 324 28.45 -22.03 -3.25
CA ASN C 324 27.64 -20.92 -3.74
C ASN C 324 28.28 -19.57 -3.37
N GLU C 325 28.60 -18.81 -4.43
CA GLU C 325 29.36 -17.56 -4.31
C GLU C 325 28.46 -16.43 -3.78
N ALA C 326 28.00 -16.55 -2.53
CA ALA C 326 27.00 -15.62 -1.99
C ALA C 326 27.65 -14.28 -1.74
N PHE C 327 28.90 -14.33 -1.29
CA PHE C 327 29.77 -13.16 -1.28
C PHE C 327 31.15 -13.68 -1.64
N ALA C 328 32.05 -12.78 -2.04
CA ALA C 328 33.45 -13.13 -2.20
C ALA C 328 34.04 -13.45 -0.82
N ALA C 329 33.69 -12.64 0.18
CA ALA C 329 34.05 -12.86 1.59
C ALA C 329 33.80 -14.30 2.03
N VAL C 330 32.65 -14.84 1.64
CA VAL C 330 32.26 -16.18 2.04
C VAL C 330 33.22 -17.21 1.45
N ILE C 331 33.23 -17.34 0.13
CA ILE C 331 34.08 -18.34 -0.54
C ILE C 331 35.50 -18.32 0.07
N LYS C 332 36.12 -17.14 0.11
CA LYS C 332 37.49 -16.98 0.60
C LYS C 332 37.72 -17.46 2.04
N ALA C 333 36.75 -17.26 2.94
CA ALA C 333 36.87 -17.78 4.33
C ALA C 333 36.83 -19.32 4.33
N ASN C 334 35.81 -19.90 3.70
CA ASN C 334 35.71 -21.35 3.51
C ASN C 334 36.86 -22.02 2.75
N GLU C 335 37.56 -21.25 1.91
CA GLU C 335 38.76 -21.74 1.23
C GLU C 335 39.94 -21.83 2.22
N LYS C 336 40.11 -20.79 3.04
CA LYS C 336 41.14 -20.74 4.09
C LYS C 336 40.91 -21.70 5.28
N ILE C 337 39.66 -22.03 5.60
CA ILE C 337 39.35 -22.97 6.72
C ILE C 337 39.50 -24.45 6.32
N LEU C 338 39.14 -24.79 5.08
CA LEU C 338 39.29 -26.15 4.56
C LEU C 338 40.60 -26.41 3.83
N GLY C 339 41.43 -25.36 3.66
CA GLY C 339 42.67 -25.45 2.88
C GLY C 339 42.41 -25.91 1.46
N LEU C 340 41.53 -25.20 0.75
CA LEU C 340 41.19 -25.53 -0.64
C LEU C 340 41.60 -24.46 -1.66
N GLN C 341 42.36 -23.45 -1.24
CA GLN C 341 42.79 -22.37 -2.15
C GLN C 341 43.31 -22.99 -3.45
N ASN C 342 44.19 -23.98 -3.29
CA ASN C 342 44.79 -24.72 -4.41
C ASN C 342 43.93 -25.94 -4.80
N ALA C 343 42.63 -25.70 -5.02
CA ALA C 343 41.69 -26.71 -5.52
C ALA C 343 40.68 -26.04 -6.48
N ARG C 344 39.96 -26.88 -7.22
CA ARG C 344 39.17 -26.45 -8.38
C ARG C 344 37.73 -25.97 -8.00
N VAL C 345 37.64 -24.80 -7.36
CA VAL C 345 36.34 -24.27 -6.86
C VAL C 345 35.71 -23.27 -7.83
N ASN C 346 34.46 -23.53 -8.21
CA ASN C 346 33.70 -22.64 -9.13
C ASN C 346 34.55 -22.32 -10.35
N PRO C 347 34.93 -23.35 -11.13
CA PRO C 347 35.72 -23.16 -12.33
C PRO C 347 35.00 -22.33 -13.40
N LEU C 348 33.69 -22.46 -13.48
CA LEU C 348 32.91 -21.76 -14.53
C LEU C 348 32.15 -20.56 -13.97
N GLY C 349 32.56 -20.05 -12.81
CA GLY C 349 31.91 -18.87 -12.24
C GLY C 349 30.93 -19.24 -11.13
N GLY C 350 30.40 -18.23 -10.43
CA GLY C 350 29.46 -18.46 -9.32
C GLY C 350 28.35 -17.44 -9.24
N ALA C 351 27.70 -17.38 -8.08
CA ALA C 351 26.56 -16.46 -7.83
C ALA C 351 26.94 -15.00 -8.06
N ILE C 352 28.20 -14.62 -7.87
CA ILE C 352 28.64 -13.21 -8.07
C ILE C 352 28.43 -12.80 -9.52
N SER C 353 28.64 -13.72 -10.47
CA SER C 353 28.48 -13.38 -11.90
C SER C 353 27.35 -14.18 -12.55
N LEU C 354 27.06 -15.37 -12.05
CA LEU C 354 26.01 -16.19 -12.68
C LEU C 354 24.64 -15.94 -12.05
N GLY C 355 24.60 -15.19 -10.94
CA GLY C 355 23.32 -14.85 -10.30
C GLY C 355 22.95 -15.76 -9.16
N HIS C 356 22.05 -15.34 -8.29
CA HIS C 356 21.67 -16.16 -7.11
C HIS C 356 20.18 -16.09 -6.79
N ALA C 357 19.34 -16.78 -7.55
CA ALA C 357 17.90 -16.86 -7.24
C ALA C 357 17.72 -17.86 -6.09
N LEU C 358 17.70 -17.37 -4.85
CA LEU C 358 17.62 -18.09 -3.55
C LEU C 358 17.26 -19.58 -3.63
N GLY C 359 15.97 -19.90 -3.70
CA GLY C 359 15.45 -21.28 -3.67
C GLY C 359 15.97 -22.20 -4.74
N SER C 360 16.52 -21.65 -5.82
CA SER C 360 17.07 -22.44 -6.91
C SER C 360 18.54 -22.77 -6.74
N SER C 361 19.28 -21.92 -6.04
CA SER C 361 20.74 -21.96 -6.14
C SER C 361 21.39 -23.28 -5.67
N GLY C 362 20.86 -23.85 -4.58
CA GLY C 362 21.28 -25.17 -4.07
C GLY C 362 21.34 -26.22 -5.17
N SER C 363 20.23 -26.40 -5.87
CA SER C 363 20.16 -27.34 -6.99
C SER C 363 20.84 -26.85 -8.27
N ARG C 364 20.99 -25.54 -8.46
CA ARG C 364 21.64 -25.02 -9.70
C ARG C 364 23.13 -25.36 -9.64
N ILE C 365 23.77 -25.08 -8.53
CA ILE C 365 25.19 -25.37 -8.39
C ILE C 365 25.46 -26.85 -8.55
N LEU C 366 24.50 -27.68 -8.18
CA LEU C 366 24.69 -29.13 -8.37
C LEU C 366 24.64 -29.40 -9.87
N VAL C 367 23.63 -28.88 -10.55
CA VAL C 367 23.52 -29.08 -12.01
C VAL C 367 24.80 -28.66 -12.77
N THR C 368 25.33 -27.52 -12.40
CA THR C 368 26.57 -27.00 -13.02
C THR C 368 27.71 -27.98 -12.70
N LEU C 369 27.79 -28.40 -11.44
CA LEU C 369 28.81 -29.34 -10.94
C LEU C 369 28.82 -30.66 -11.70
N LEU C 370 27.65 -31.21 -12.01
CA LEU C 370 27.52 -32.50 -12.73
C LEU C 370 27.98 -32.49 -14.17
N HIS C 371 28.05 -31.30 -14.77
CA HIS C 371 28.50 -31.15 -16.14
C HIS C 371 30.00 -30.81 -16.23
N GLN C 372 30.64 -30.53 -15.09
CA GLN C 372 32.10 -30.45 -15.01
C GLN C 372 32.74 -31.71 -14.41
N LEU C 373 32.21 -32.90 -14.69
CA LEU C 373 32.79 -34.11 -14.06
C LEU C 373 33.12 -35.28 -15.00
N GLN C 374 34.35 -35.81 -14.84
CA GLN C 374 34.85 -37.00 -15.58
C GLN C 374 34.42 -38.24 -14.82
N PRO C 375 33.96 -39.31 -15.52
CA PRO C 375 33.62 -40.56 -14.83
C PRO C 375 34.59 -40.99 -13.70
N GLY C 376 34.04 -41.43 -12.57
CA GLY C 376 34.82 -41.79 -11.39
C GLY C 376 35.23 -40.65 -10.45
N GLU C 377 35.11 -39.38 -10.89
CA GLU C 377 35.54 -38.25 -10.05
C GLU C 377 34.49 -37.89 -8.99
N TYR C 378 34.96 -37.41 -7.84
CA TYR C 378 34.08 -37.00 -6.77
C TYR C 378 33.85 -35.51 -6.83
N GLY C 379 32.56 -35.13 -6.84
CA GLY C 379 32.11 -33.73 -6.75
C GLY C 379 31.49 -33.38 -5.39
N VAL C 380 31.81 -32.18 -4.87
CA VAL C 380 31.13 -31.57 -3.70
C VAL C 380 30.35 -30.29 -4.08
N ALA C 381 29.11 -30.21 -3.61
CA ALA C 381 28.26 -29.04 -3.73
C ALA C 381 27.86 -28.61 -2.33
N ALA C 382 28.22 -27.39 -1.96
CA ALA C 382 27.96 -26.85 -0.63
C ALA C 382 27.34 -25.47 -0.80
N ILE C 383 26.50 -25.06 0.17
CA ILE C 383 25.74 -23.80 0.09
C ILE C 383 25.34 -23.35 1.49
N CYS C 384 25.75 -22.14 1.90
CA CYS C 384 25.33 -21.61 3.20
C CYS C 384 23.90 -21.12 3.10
N ASN C 385 23.28 -20.88 4.26
CA ASN C 385 21.93 -20.33 4.31
C ASN C 385 21.70 -19.53 5.56
N GLY C 386 20.75 -18.58 5.51
CA GLY C 386 20.52 -17.66 6.61
C GLY C 386 19.89 -18.33 7.80
N GLY C 387 20.16 -17.81 8.99
CA GLY C 387 19.76 -18.49 10.25
C GLY C 387 20.95 -19.17 10.93
N GLY C 388 21.94 -19.58 10.12
CA GLY C 388 23.27 -20.00 10.60
C GLY C 388 23.68 -21.39 10.17
N ALA C 389 23.48 -21.74 8.89
CA ALA C 389 23.49 -23.13 8.47
C ALA C 389 24.02 -23.39 7.06
N ALA C 390 24.16 -24.66 6.75
CA ALA C 390 24.49 -25.08 5.39
C ALA C 390 24.01 -26.50 5.14
N THR C 391 23.98 -26.89 3.88
CA THR C 391 23.99 -28.29 3.54
C THR C 391 25.04 -28.54 2.44
N ALA C 392 25.73 -29.69 2.52
CA ALA C 392 26.67 -30.11 1.47
C ALA C 392 26.28 -31.48 1.00
N MET C 393 26.59 -31.76 -0.27
CA MET C 393 26.26 -33.05 -0.91
C MET C 393 27.52 -33.57 -1.63
N VAL C 394 27.93 -34.81 -1.32
CA VAL C 394 29.01 -35.45 -2.05
C VAL C 394 28.41 -36.36 -3.10
N VAL C 395 28.84 -36.18 -4.33
CA VAL C 395 28.33 -37.06 -5.43
C VAL C 395 29.53 -37.62 -6.17
N GLN C 396 29.30 -38.69 -6.93
CA GLN C 396 30.37 -39.27 -7.76
C GLN C 396 29.82 -39.37 -9.17
N LYS C 397 30.61 -38.94 -10.15
CA LYS C 397 30.20 -38.98 -11.58
C LYS C 397 30.44 -40.39 -12.13
N LEU C 398 29.51 -40.86 -12.96
CA LEU C 398 29.64 -42.24 -13.48
C LEU C 398 29.30 -42.31 -14.97
N ASP C 399 29.89 -43.28 -15.66
CA ASP C 399 29.61 -43.54 -17.10
C ASP C 399 28.42 -44.49 -17.15
N ARG C 400 28.40 -45.44 -16.23
CA ARG C 400 27.32 -46.41 -16.09
C ARG C 400 27.21 -46.84 -14.62
N VAL C 401 26.20 -47.64 -14.33
CA VAL C 401 25.84 -48.11 -12.97
C VAL C 401 26.77 -49.21 -12.44
N ASP C 402 26.83 -50.35 -13.13
CA ASP C 402 27.63 -51.55 -12.80
C ASP C 402 28.85 -51.71 -13.71
N GLU D 5 19.76 -51.04 6.52
CA GLU D 5 19.35 -51.30 7.95
C GLU D 5 18.25 -50.32 8.46
N ILE D 6 17.11 -50.31 7.76
CA ILE D 6 16.00 -49.37 8.10
C ILE D 6 15.49 -49.49 9.56
N GLN D 7 15.60 -48.38 10.31
CA GLN D 7 15.23 -48.30 11.72
C GLN D 7 13.73 -48.02 11.89
N GLU D 8 13.29 -48.09 13.15
CA GLU D 8 11.94 -47.68 13.55
C GLU D 8 12.06 -46.33 14.23
N ALA D 9 10.94 -45.61 14.25
CA ALA D 9 10.91 -44.26 14.82
C ALA D 9 9.77 -44.18 15.76
N TYR D 10 10.01 -43.55 16.89
CA TYR D 10 9.01 -43.44 17.93
C TYR D 10 8.66 -42.00 18.22
N ILE D 11 7.38 -41.76 18.48
CA ILE D 11 6.90 -40.51 19.09
C ILE D 11 7.03 -40.66 20.59
N LEU D 12 7.68 -39.68 21.22
CA LEU D 12 7.98 -39.69 22.65
C LEU D 12 7.13 -38.73 23.45
N SER D 13 6.67 -37.65 22.80
CA SER D 13 5.80 -36.66 23.42
C SER D 13 5.03 -35.95 22.35
N GLY D 14 4.03 -35.21 22.79
CA GLY D 14 3.16 -34.43 21.90
C GLY D 14 2.58 -33.25 22.65
N ALA D 15 2.70 -32.07 22.07
CA ALA D 15 2.22 -30.86 22.75
C ALA D 15 1.64 -29.89 21.74
N ARG D 16 0.70 -29.09 22.18
CA ARG D 16 0.09 -28.09 21.29
C ARG D 16 -0.31 -26.89 22.12
N THR D 17 -0.36 -25.74 21.50
CA THR D 17 -0.89 -24.55 22.19
C THR D 17 -2.41 -24.60 22.04
N PRO D 18 -3.18 -23.72 22.71
CA PRO D 18 -4.60 -23.66 22.49
C PRO D 18 -4.84 -23.08 21.09
N THR D 19 -5.90 -23.51 20.43
CA THR D 19 -6.18 -22.93 19.10
C THR D 19 -6.94 -21.62 19.30
N ALA D 20 -6.32 -20.49 18.98
CA ALA D 20 -6.98 -19.18 19.18
C ALA D 20 -7.79 -18.83 17.94
N LYS D 21 -8.81 -18.00 18.09
CA LYS D 21 -9.64 -17.62 16.93
C LYS D 21 -8.95 -16.53 16.10
N PHE D 22 -9.37 -16.41 14.85
CA PHE D 22 -8.90 -15.37 13.93
C PHE D 22 -9.08 -13.95 14.53
N ASN D 23 -8.02 -13.16 14.54
CA ASN D 23 -8.04 -11.77 15.06
C ASN D 23 -8.31 -11.79 16.56
N GLY D 24 -7.90 -12.85 17.24
CA GLY D 24 -8.12 -13.03 18.68
C GLY D 24 -6.86 -12.95 19.51
N SER D 25 -6.77 -13.79 20.53
CA SER D 25 -5.69 -13.79 21.55
C SER D 25 -4.26 -13.77 21.01
N PHE D 26 -3.97 -14.38 19.87
CA PHE D 26 -2.56 -14.44 19.42
C PHE D 26 -2.26 -13.48 18.27
N VAL D 27 -2.85 -12.30 18.21
CA VAL D 27 -2.54 -11.38 17.06
C VAL D 27 -1.11 -10.87 17.18
N SER D 28 -0.60 -10.70 18.39
CA SER D 28 0.76 -10.17 18.63
C SER D 28 1.80 -11.28 18.72
N VAL D 29 1.38 -12.53 18.79
CA VAL D 29 2.33 -13.67 18.92
C VAL D 29 2.53 -14.27 17.54
N SER D 30 3.76 -14.22 17.04
CA SER D 30 4.09 -14.74 15.70
C SER D 30 4.04 -16.26 15.68
N ALA D 31 3.87 -16.83 14.50
CA ALA D 31 3.81 -18.30 14.36
C ALA D 31 5.03 -19.02 14.98
N PRO D 32 6.26 -18.53 14.76
CA PRO D 32 7.41 -19.17 15.40
C PRO D 32 7.42 -19.11 16.93
N GLU D 33 6.83 -18.06 17.51
CA GLU D 33 6.74 -17.94 18.95
C GLU D 33 5.79 -18.97 19.52
N LEU D 34 4.71 -19.24 18.78
CA LEU D 34 3.71 -20.19 19.23
C LEU D 34 4.27 -21.59 19.08
N GLY D 35 4.89 -21.83 17.94
CA GLY D 35 5.57 -23.09 17.69
C GLY D 35 6.68 -23.33 18.70
N ALA D 36 7.31 -22.27 19.19
CA ALA D 36 8.34 -22.43 20.20
C ALA D 36 7.75 -22.81 21.56
N VAL D 37 6.56 -22.35 21.88
CA VAL D 37 5.90 -22.75 23.16
C VAL D 37 5.60 -24.25 23.05
N ALA D 38 5.08 -24.69 21.91
CA ALA D 38 4.72 -26.11 21.76
C ALA D 38 5.98 -26.97 21.70
N ILE D 39 7.09 -26.42 21.25
CA ILE D 39 8.34 -27.22 21.17
C ILE D 39 8.89 -27.40 22.58
N LYS D 40 8.90 -26.34 23.38
CA LYS D 40 9.39 -26.35 24.77
C LYS D 40 8.67 -27.43 25.59
N SER D 41 7.35 -27.54 25.43
CA SER D 41 6.55 -28.53 26.17
C SER D 41 6.84 -29.94 25.68
N ALA D 42 7.07 -30.12 24.38
CA ALA D 42 7.32 -31.48 23.89
C ALA D 42 8.73 -31.96 24.28
N VAL D 43 9.70 -31.06 24.37
CA VAL D 43 11.07 -31.51 24.72
C VAL D 43 11.11 -31.83 26.21
N SER D 44 10.31 -31.12 26.99
CA SER D 44 10.25 -31.33 28.44
C SER D 44 9.56 -32.66 28.72
N LYS D 45 8.41 -32.88 28.12
CA LYS D 45 7.61 -34.11 28.35
C LYS D 45 8.28 -35.31 27.71
N SER D 46 9.23 -35.11 26.82
CA SER D 46 9.92 -36.25 26.16
C SER D 46 10.80 -36.94 27.20
N GLY D 47 11.50 -36.14 27.99
CA GLY D 47 12.41 -36.69 28.99
C GLY D 47 13.73 -37.06 28.36
N VAL D 48 14.02 -36.54 27.18
CA VAL D 48 15.33 -36.84 26.54
C VAL D 48 16.18 -35.60 26.68
N PRO D 49 17.49 -35.74 26.96
CA PRO D 49 18.40 -34.61 27.11
C PRO D 49 18.44 -33.84 25.80
N VAL D 50 18.28 -32.51 25.86
CA VAL D 50 18.22 -31.64 24.65
C VAL D 50 19.32 -31.94 23.62
N GLU D 51 20.56 -32.20 24.05
CA GLU D 51 21.73 -32.48 23.15
C GLU D 51 21.52 -33.58 22.11
N LYS D 52 20.61 -34.54 22.30
CA LYS D 52 20.39 -35.64 21.33
C LYS D 52 19.48 -35.17 20.20
N ILE D 53 18.77 -34.05 20.40
CA ILE D 53 17.85 -33.48 19.36
C ILE D 53 18.67 -32.67 18.36
N THR D 54 18.73 -33.09 17.10
CA THR D 54 19.62 -32.42 16.12
C THR D 54 18.87 -31.70 15.00
N ASP D 55 17.58 -31.92 14.83
CA ASP D 55 16.80 -31.20 13.78
C ASP D 55 15.42 -30.77 14.29
N VAL D 56 14.99 -29.59 13.87
CA VAL D 56 13.60 -29.10 14.00
C VAL D 56 12.93 -28.94 12.60
N TYR D 57 11.87 -29.68 12.35
CA TYR D 57 11.14 -29.61 11.10
C TYR D 57 9.75 -29.10 11.42
N MET D 58 9.39 -27.93 10.91
CA MET D 58 8.05 -27.39 11.19
C MET D 58 7.27 -26.95 9.94
N GLY D 59 6.04 -27.42 9.83
CA GLY D 59 5.09 -26.91 8.87
C GLY D 59 4.73 -25.44 9.11
N ASN D 60 4.65 -24.69 8.01
CA ASN D 60 4.10 -23.32 8.01
C ASN D 60 3.60 -23.04 6.58
N VAL D 61 2.31 -22.82 6.37
CA VAL D 61 1.79 -22.70 4.98
C VAL D 61 1.99 -21.30 4.41
N LEU D 62 1.76 -20.30 5.24
CA LEU D 62 1.72 -18.88 4.88
C LEU D 62 2.86 -18.15 5.58
N GLN D 63 4.00 -18.16 4.93
CA GLN D 63 5.25 -17.75 5.57
C GLN D 63 5.50 -16.22 5.46
N GLY D 64 4.61 -15.52 4.76
CA GLY D 64 4.76 -14.08 4.51
C GLY D 64 4.93 -13.18 5.74
N ALA D 65 6.10 -12.53 5.81
CA ALA D 65 6.39 -11.58 6.89
C ALA D 65 6.57 -12.22 8.28
N VAL D 66 6.79 -13.53 8.30
CA VAL D 66 7.12 -14.28 9.50
C VAL D 66 8.60 -14.11 9.85
N GLY D 67 9.42 -13.78 8.87
CA GLY D 67 10.84 -13.56 9.04
C GLY D 67 11.62 -14.65 8.31
N GLN D 68 12.93 -14.45 8.25
CA GLN D 68 13.81 -15.48 7.71
C GLN D 68 13.62 -16.83 8.46
N ALA D 69 13.51 -17.94 7.72
CA ALA D 69 13.61 -19.30 8.27
C ALA D 69 12.64 -19.54 9.42
N PRO D 70 11.33 -19.56 9.19
CA PRO D 70 10.38 -19.71 10.28
C PRO D 70 10.67 -20.83 11.29
N ALA D 71 10.97 -22.04 10.81
CA ALA D 71 11.25 -23.23 11.64
C ALA D 71 12.43 -23.00 12.57
N ARG D 72 13.48 -22.40 12.02
CA ARG D 72 14.66 -21.95 12.77
C ARG D 72 14.32 -20.98 13.90
N GLN D 73 13.41 -20.07 13.65
CA GLN D 73 12.96 -19.18 14.71
C GLN D 73 12.35 -20.04 15.79
N ALA D 74 11.39 -20.88 15.45
CA ALA D 74 10.77 -21.84 16.42
C ALA D 74 11.84 -22.54 17.27
N SER D 75 12.74 -23.25 16.62
CA SER D 75 13.92 -23.85 17.29
C SER D 75 14.65 -22.88 18.25
N MET D 76 14.95 -21.65 17.83
CA MET D 76 15.72 -20.71 18.67
C MET D 76 14.91 -20.09 19.81
N PHE D 77 13.67 -19.72 19.55
CA PHE D 77 12.81 -19.10 20.58
C PHE D 77 12.44 -20.09 21.69
N ALA D 78 12.53 -21.40 21.39
CA ALA D 78 12.37 -22.45 22.38
C ALA D 78 13.67 -22.79 23.15
N GLY D 79 14.79 -22.17 22.76
CA GLY D 79 16.05 -22.32 23.53
C GLY D 79 16.89 -23.53 23.17
N LEU D 80 16.58 -24.09 22.00
CA LEU D 80 17.39 -25.18 21.42
C LEU D 80 18.66 -24.52 20.92
N SER D 81 19.76 -25.27 20.90
CA SER D 81 21.05 -24.74 20.59
C SER D 81 21.08 -24.24 19.13
N PRO D 82 21.89 -23.19 18.84
CA PRO D 82 22.23 -22.80 17.47
C PRO D 82 22.69 -23.94 16.62
N THR D 83 22.98 -25.07 17.26
CA THR D 83 23.62 -26.20 16.53
C THR D 83 22.61 -27.15 15.91
N VAL D 84 21.34 -26.99 16.26
CA VAL D 84 20.23 -27.82 15.74
C VAL D 84 19.86 -27.31 14.35
N GLU D 85 19.84 -28.20 13.38
CA GLU D 85 19.44 -27.88 12.00
C GLU D 85 17.92 -27.70 11.96
N SER D 86 17.43 -26.99 10.95
CA SER D 86 16.00 -26.76 10.80
C SER D 86 15.57 -26.70 9.35
N MET D 87 14.27 -26.80 9.16
CA MET D 87 13.68 -26.72 7.81
C MET D 87 12.20 -26.39 7.96
N THR D 88 11.72 -25.45 7.18
CA THR D 88 10.29 -25.05 7.19
C THR D 88 9.63 -25.80 6.03
N VAL D 89 8.50 -26.44 6.28
CA VAL D 89 7.86 -27.35 5.28
C VAL D 89 6.54 -26.80 4.75
N ASN D 90 6.27 -26.93 3.46
CA ASN D 90 4.95 -26.51 2.94
C ASN D 90 4.29 -27.56 2.08
N LYS D 91 3.31 -28.26 2.65
CA LYS D 91 2.40 -29.15 1.94
C LYS D 91 0.97 -28.72 2.27
N VAL D 92 0.81 -27.41 2.37
CA VAL D 92 -0.50 -26.77 2.68
C VAL D 92 -1.06 -27.31 4.00
N ALA D 94 -1.51 -30.17 5.10
CA ALA D 94 -0.82 -31.35 5.53
C ALA D 94 0.59 -31.11 6.06
N SER D 95 1.05 -29.85 6.13
CA SER D 95 2.47 -29.55 6.42
C SER D 95 2.97 -30.08 7.77
N GLY D 96 2.16 -29.98 8.81
CA GLY D 96 2.58 -30.46 10.12
C GLY D 96 2.79 -31.97 10.22
N LEU D 97 1.92 -32.72 9.56
CA LEU D 97 2.03 -34.19 9.55
C LEU D 97 3.22 -34.59 8.67
N LYS D 98 3.39 -33.92 7.54
CA LYS D 98 4.52 -34.20 6.69
C LYS D 98 5.82 -33.90 7.40
N ALA D 99 5.83 -32.81 8.17
CA ALA D 99 7.02 -32.46 8.90
C ALA D 99 7.38 -33.61 9.84
N VAL D 100 6.39 -34.21 10.48
CA VAL D 100 6.65 -35.36 11.37
C VAL D 100 7.30 -36.51 10.59
N ALA D 101 6.68 -36.92 9.49
CA ALA D 101 7.18 -37.95 8.61
C ALA D 101 8.61 -37.72 8.16
N LEU D 102 8.97 -36.46 7.91
CA LEU D 102 10.35 -36.13 7.47
C LEU D 102 11.32 -36.37 8.60
N ALA D 103 11.01 -35.85 9.78
CA ALA D 103 11.85 -36.10 10.95
C ALA D 103 12.01 -37.61 11.14
N ALA D 104 10.91 -38.36 11.00
CA ALA D 104 10.98 -39.82 11.10
C ALA D 104 12.01 -40.38 10.10
N GLN D 105 11.95 -39.94 8.86
CA GLN D 105 12.89 -40.43 7.81
C GLN D 105 14.33 -40.35 8.30
N ASN D 106 14.69 -39.29 9.02
CA ASN D 106 16.05 -39.19 9.55
C ASN D 106 16.44 -40.33 10.51
N ILE D 107 15.54 -40.67 11.41
CA ILE D 107 15.75 -41.74 12.38
C ILE D 107 15.78 -43.08 11.66
N GLN D 108 14.73 -43.31 10.87
CA GLN D 108 14.60 -44.46 9.98
C GLN D 108 15.86 -44.76 9.11
N LEU D 109 16.62 -43.71 8.75
CA LEU D 109 17.86 -43.81 7.97
C LEU D 109 19.14 -43.83 8.83
N GLY D 110 19.01 -43.62 10.13
CA GLY D 110 20.14 -43.66 11.04
C GLY D 110 20.93 -42.37 11.10
N LEU D 111 20.40 -41.29 10.50
CA LEU D 111 21.11 -40.01 10.49
C LEU D 111 20.91 -39.22 11.80
N ALA D 112 19.98 -39.67 12.64
CA ALA D 112 19.77 -39.02 13.94
C ALA D 112 19.05 -39.95 14.90
N GLU D 113 19.10 -39.56 16.15
CA GLU D 113 18.47 -40.35 17.18
C GLU D 113 17.26 -39.64 17.80
N ALA D 114 17.25 -38.30 17.79
CA ALA D 114 16.09 -37.55 18.24
C ALA D 114 15.84 -36.34 17.31
N GLN D 115 14.58 -36.13 16.95
CA GLN D 115 14.11 -35.00 16.15
C GLN D 115 12.97 -34.30 16.91
N VAL D 116 12.68 -33.01 16.63
CA VAL D 116 11.36 -32.41 16.96
C VAL D 116 10.65 -31.94 15.69
N ALA D 117 9.33 -32.01 15.70
CA ALA D 117 8.56 -31.88 14.47
C ALA D 117 7.11 -31.52 14.75
N GLY D 118 6.56 -30.69 13.89
CA GLY D 118 5.16 -30.28 14.04
C GLY D 118 4.86 -29.14 13.09
N GLY D 119 4.14 -28.14 13.55
CA GLY D 119 3.73 -27.07 12.65
C GLY D 119 3.26 -25.86 13.38
N MET D 120 3.19 -24.74 12.68
CA MET D 120 2.76 -23.47 13.29
C MET D 120 2.06 -22.65 12.25
N GLU D 121 1.11 -21.85 12.70
CA GLU D 121 0.38 -20.98 11.76
C GLU D 121 -0.27 -19.81 12.49
N ASN D 122 0.00 -18.60 12.04
CA ASN D 122 -0.70 -17.41 12.57
C ASN D 122 -1.41 -16.77 11.39
N MET D 123 -2.68 -17.13 11.21
CA MET D 123 -3.49 -16.66 10.08
C MET D 123 -3.89 -15.19 10.27
N SER D 124 -3.92 -14.72 11.51
CA SER D 124 -4.22 -13.31 11.84
C SER D 124 -3.13 -12.42 11.24
N ARG D 125 -1.88 -12.87 11.34
CA ARG D 125 -0.70 -12.10 10.93
C ARG D 125 -0.31 -12.37 9.48
N VAL D 126 -1.19 -12.98 8.69
CA VAL D 126 -0.86 -13.16 7.25
C VAL D 126 -1.08 -11.80 6.59
N PRO D 127 -0.13 -11.27 5.83
CA PRO D 127 -0.28 -9.96 5.25
C PRO D 127 -0.95 -9.89 3.89
N TYR D 128 -1.12 -8.66 3.41
CA TYR D 128 -1.63 -8.38 2.06
C TYR D 128 -0.41 -8.21 1.16
N TYR D 129 -0.57 -8.48 -0.12
CA TYR D 129 0.60 -8.36 -1.00
C TYR D 129 0.51 -7.08 -1.83
N LEU D 130 1.64 -6.40 -1.93
CA LEU D 130 1.77 -5.17 -2.75
C LEU D 130 2.87 -5.48 -3.74
N PRO D 131 2.60 -5.69 -5.04
CA PRO D 131 3.66 -5.94 -6.01
C PRO D 131 4.67 -4.79 -6.09
N ARG D 132 5.94 -5.10 -6.36
CA ARG D 132 6.95 -4.03 -6.48
C ARG D 132 6.71 -3.22 -7.75
N SER D 133 7.39 -2.08 -7.86
CA SER D 133 7.28 -1.09 -8.97
C SER D 133 7.13 -1.68 -10.38
N THR D 134 7.86 -2.74 -10.72
CA THR D 134 7.84 -3.36 -12.07
C THR D 134 6.57 -4.15 -12.35
N GLN D 135 5.75 -4.45 -11.35
CA GLN D 135 4.52 -5.24 -11.60
C GLN D 135 3.29 -4.43 -11.27
N LEU D 136 3.46 -3.12 -11.11
CA LEU D 136 2.33 -2.21 -10.83
C LEU D 136 2.04 -1.46 -12.13
N PRO D 137 0.79 -1.07 -12.41
CA PRO D 137 0.48 -0.34 -13.63
C PRO D 137 0.96 1.10 -13.50
N PRO D 138 1.19 1.83 -14.61
CA PRO D 138 1.62 3.21 -14.54
C PRO D 138 0.53 4.10 -13.91
N PHE D 139 -0.74 3.77 -14.13
CA PHE D 139 -1.88 4.47 -13.54
C PHE D 139 -3.09 3.55 -13.56
N GLY D 140 -4.10 3.89 -12.76
CA GLY D 140 -5.34 3.14 -12.65
C GLY D 140 -5.38 2.28 -11.39
N GLU D 141 -6.59 1.88 -11.03
CA GLU D 141 -6.88 1.04 -9.84
C GLU D 141 -5.95 -0.16 -9.68
N ILE D 142 -5.59 -0.51 -8.44
CA ILE D 142 -4.83 -1.75 -8.16
C ILE D 142 -5.50 -2.55 -7.06
N LYS D 143 -5.47 -3.87 -7.24
CA LYS D 143 -6.13 -4.81 -6.36
C LYS D 143 -5.04 -5.48 -5.56
N LEU D 144 -5.05 -5.32 -4.23
CA LEU D 144 -4.16 -6.06 -3.32
C LEU D 144 -4.81 -7.37 -2.85
N GLN D 145 -4.17 -8.50 -3.11
CA GLN D 145 -4.63 -9.80 -2.62
C GLN D 145 -4.30 -9.98 -1.12
N ASP D 146 -5.23 -10.63 -0.44
CA ASP D 146 -5.01 -11.05 0.95
C ASP D 146 -4.25 -12.38 0.86
N GLY D 147 -3.18 -12.54 1.64
CA GLY D 147 -2.38 -13.77 1.59
C GLY D 147 -3.16 -15.02 1.93
N LEU D 148 -4.13 -14.93 2.83
CA LEU D 148 -4.97 -16.08 3.20
C LEU D 148 -5.60 -16.70 1.97
N ILE D 149 -6.17 -15.86 1.11
CA ILE D 149 -6.89 -16.30 -0.11
C ILE D 149 -5.92 -16.69 -1.21
N GLN D 150 -5.00 -15.81 -1.58
CA GLN D 150 -4.12 -16.10 -2.73
C GLN D 150 -3.23 -17.32 -2.51
N ASP D 151 -2.56 -17.43 -1.39
CA ASP D 151 -1.62 -18.54 -1.18
C ASP D 151 -2.23 -19.63 -0.31
N GLY D 152 -3.25 -19.30 0.47
CA GLY D 152 -3.82 -20.27 1.40
C GLY D 152 -5.00 -21.07 0.91
N LEU D 153 -6.05 -20.40 0.47
CA LEU D 153 -7.33 -21.10 0.16
C LEU D 153 -7.77 -20.98 -1.30
N TRP D 154 -6.91 -20.61 -2.22
CA TRP D 154 -7.41 -20.46 -3.62
C TRP D 154 -6.77 -21.50 -4.50
N ASP D 155 -7.57 -22.30 -5.21
CA ASP D 155 -6.97 -23.30 -6.11
C ASP D 155 -6.37 -22.59 -7.31
N VAL D 156 -5.14 -22.93 -7.65
CA VAL D 156 -4.41 -22.30 -8.78
C VAL D 156 -5.08 -22.67 -10.11
N TYR D 157 -5.42 -23.95 -10.28
CA TYR D 157 -5.91 -24.53 -11.55
C TYR D 157 -7.36 -24.17 -11.89
N ASN D 158 -8.27 -24.33 -10.96
CA ASN D 158 -9.68 -23.98 -11.21
C ASN D 158 -10.04 -22.56 -10.84
N GLN D 159 -9.18 -21.88 -10.05
CA GLN D 159 -9.41 -20.47 -9.68
C GLN D 159 -10.71 -20.27 -8.95
N PHE D 160 -10.92 -21.07 -7.92
CA PHE D 160 -12.00 -20.86 -6.95
C PHE D 160 -11.58 -21.33 -5.56
N HIS D 161 -12.39 -21.01 -4.55
CA HIS D 161 -12.08 -21.35 -3.17
C HIS D 161 -12.01 -22.85 -2.95
N MET D 162 -11.25 -23.24 -1.93
CA MET D 162 -11.27 -24.63 -1.39
C MET D 162 -12.68 -25.13 -1.08
N GLY D 163 -13.55 -24.28 -0.62
CA GLY D 163 -14.88 -24.72 -0.28
C GLY D 163 -15.83 -24.86 -1.45
N ILE D 164 -15.41 -24.41 -2.64
CA ILE D 164 -16.08 -24.86 -3.87
C ILE D 164 -15.63 -26.30 -4.18
N CYS D 165 -14.36 -26.65 -3.93
CA CYS D 165 -13.94 -28.06 -4.01
C CYS D 165 -14.79 -28.94 -3.09
N ALA D 166 -14.95 -28.50 -1.83
CA ALA D 166 -15.86 -29.16 -0.90
C ALA D 166 -17.28 -29.33 -1.44
N GLU D 167 -17.78 -28.32 -2.13
CA GLU D 167 -19.17 -28.33 -2.66
C GLU D 167 -19.30 -29.36 -3.78
N LYS D 168 -18.29 -29.45 -4.62
CA LYS D 168 -18.29 -30.37 -5.73
C LYS D 168 -18.05 -31.80 -5.23
N THR D 169 -17.50 -31.94 -4.02
CA THR D 169 -17.43 -33.26 -3.36
C THR D 169 -18.76 -33.66 -2.74
N ALA D 170 -19.45 -32.71 -2.16
CA ALA D 170 -20.71 -32.98 -1.49
C ALA D 170 -21.79 -33.28 -2.49
N LYS D 171 -21.66 -32.76 -3.72
CA LYS D 171 -22.61 -33.05 -4.80
C LYS D 171 -22.45 -34.49 -5.28
N LYS D 172 -21.21 -34.82 -5.63
CA LYS D 172 -20.79 -36.14 -6.14
C LYS D 172 -21.23 -37.29 -5.20
N TYR D 173 -20.87 -37.19 -3.93
CA TYR D 173 -21.15 -38.25 -2.95
C TYR D 173 -22.46 -38.01 -2.19
N GLU D 174 -23.38 -37.24 -2.79
CA GLU D 174 -24.70 -36.95 -2.19
C GLU D 174 -24.68 -36.76 -0.67
N ILE D 175 -23.84 -35.83 -0.19
CA ILE D 175 -23.82 -35.42 1.23
C ILE D 175 -24.58 -34.12 1.38
N SER D 176 -25.74 -34.21 1.99
CA SER D 176 -26.70 -33.12 1.98
C SER D 176 -26.34 -32.05 2.99
N ARG D 177 -27.01 -30.90 2.85
CA ARG D 177 -26.91 -29.81 3.83
C ARG D 177 -27.21 -30.29 5.25
N GLU D 178 -28.28 -31.08 5.41
CA GLU D 178 -28.73 -31.58 6.72
C GLU D 178 -27.71 -32.52 7.35
N GLU D 179 -27.18 -33.45 6.57
CA GLU D 179 -26.09 -34.35 6.99
C GLU D 179 -24.81 -33.60 7.38
N GLN D 180 -24.49 -32.54 6.63
CA GLN D 180 -23.27 -31.73 6.90
C GLN D 180 -23.43 -30.96 8.20
N ASP D 181 -24.62 -30.42 8.45
CA ASP D 181 -24.88 -29.64 9.67
C ASP D 181 -24.96 -30.57 10.86
N GLN D 182 -25.44 -31.79 10.65
CA GLN D 182 -25.58 -32.76 11.76
C GLN D 182 -24.19 -33.12 12.24
N TYR D 183 -23.27 -33.32 11.31
CA TYR D 183 -21.88 -33.66 11.67
C TYR D 183 -21.24 -32.48 12.37
N ALA D 184 -21.53 -31.27 11.93
CA ALA D 184 -20.94 -30.06 12.54
C ALA D 184 -21.48 -29.89 13.95
N ILE D 185 -22.75 -30.22 14.16
CA ILE D 185 -23.36 -30.07 15.51
C ILE D 185 -22.71 -31.06 16.47
N GLN D 186 -22.39 -32.25 15.98
CA GLN D 186 -21.73 -33.34 16.74
C GLN D 186 -20.30 -32.93 17.10
N SER D 187 -19.59 -32.33 16.15
CA SER D 187 -18.19 -31.88 16.36
C SER D 187 -18.14 -30.93 17.55
N TYR D 188 -19.07 -29.98 17.59
CA TYR D 188 -19.11 -28.98 18.67
C TYR D 188 -19.45 -29.65 19.99
N GLN D 189 -20.44 -30.52 19.99
CA GLN D 189 -20.88 -31.22 21.22
C GLN D 189 -19.73 -32.06 21.79
N ARG D 190 -18.99 -32.74 20.92
CA ARG D 190 -17.85 -33.58 21.33
C ARG D 190 -16.73 -32.72 21.89
N ALA D 191 -16.54 -31.52 21.35
CA ALA D 191 -15.49 -30.60 21.81
C ALA D 191 -15.88 -30.04 23.18
N GLN D 192 -17.16 -29.80 23.38
CA GLN D 192 -17.64 -29.22 24.64
C GLN D 192 -17.56 -30.26 25.75
N ALA D 193 -17.80 -31.51 25.40
CA ALA D 193 -17.84 -32.62 26.33
C ALA D 193 -16.43 -32.90 26.75
N ALA D 194 -15.51 -32.80 25.79
CA ALA D 194 -14.07 -32.98 26.05
C ALA D 194 -13.50 -31.85 26.89
N TRP D 195 -13.85 -30.62 26.57
CA TRP D 195 -13.36 -29.46 27.37
C TRP D 195 -13.94 -29.52 28.78
N LYS D 196 -15.15 -30.02 28.94
CA LYS D 196 -15.81 -30.13 30.26
C LYS D 196 -15.19 -31.29 31.05
N GLU D 197 -14.60 -32.27 30.37
CA GLU D 197 -13.93 -33.39 31.06
C GLU D 197 -12.44 -33.10 31.12
N ASN D 198 -12.00 -31.97 30.55
CA ASN D 198 -10.58 -31.52 30.53
C ASN D 198 -9.68 -32.49 29.79
N LYS D 199 -10.17 -33.09 28.71
CA LYS D 199 -9.41 -34.12 27.95
C LYS D 199 -8.18 -33.54 27.25
N PHE D 200 -8.04 -32.23 27.18
CA PHE D 200 -6.88 -31.60 26.54
C PHE D 200 -5.84 -30.97 27.49
N ALA D 201 -6.07 -31.07 28.79
CA ALA D 201 -5.16 -30.47 29.79
C ALA D 201 -3.75 -31.03 29.66
N GLU D 202 -3.62 -32.29 29.29
CA GLU D 202 -2.30 -32.94 29.18
C GLU D 202 -1.57 -32.55 27.89
N GLU D 203 -2.28 -32.36 26.80
CA GLU D 203 -1.63 -32.05 25.51
C GLU D 203 -1.36 -30.55 25.37
N ILE D 204 -2.05 -29.72 26.14
CA ILE D 204 -1.93 -28.24 25.92
C ILE D 204 -0.82 -27.57 26.70
N ALA D 205 0.06 -26.88 26.00
CA ALA D 205 1.05 -25.97 26.58
C ALA D 205 0.51 -24.54 26.51
N PRO D 206 0.19 -23.93 27.67
CA PRO D 206 -0.36 -22.56 27.64
C PRO D 206 0.55 -21.54 27.01
N VAL D 207 -0.01 -20.41 26.54
CA VAL D 207 0.77 -19.34 25.92
C VAL D 207 0.70 -18.09 26.78
N THR D 208 1.87 -17.46 27.00
CA THR D 208 1.95 -16.23 27.81
C THR D 208 2.02 -15.05 26.87
N VAL D 209 0.96 -14.25 26.80
CA VAL D 209 0.90 -13.06 25.94
C VAL D 209 1.31 -11.78 26.72
N LYS D 210 2.43 -11.20 26.28
CA LYS D 210 2.96 -9.96 26.86
C LYS D 210 2.17 -8.80 26.27
N GLY D 211 1.23 -8.23 27.03
CA GLY D 211 0.51 -7.00 26.63
C GLY D 211 1.24 -5.73 27.10
N LYS D 212 0.51 -4.62 27.17
CA LYS D 212 0.99 -3.40 27.83
C LYS D 212 0.58 -3.49 29.29
N LYS D 213 -0.72 -3.65 29.54
CA LYS D 213 -1.26 -3.85 30.89
C LYS D 213 -1.11 -5.31 31.36
N GLY D 214 0.12 -5.68 31.75
CA GLY D 214 0.40 -7.00 32.34
C GLY D 214 0.49 -8.15 31.32
N GLU D 215 0.22 -9.36 31.80
CA GLU D 215 0.33 -10.59 30.99
C GLU D 215 -1.02 -11.26 30.90
N THR D 216 -1.05 -12.26 30.03
CA THR D 216 -2.25 -13.10 29.86
C THR D 216 -1.83 -14.52 29.49
N VAL D 217 -2.08 -15.47 30.38
CA VAL D 217 -1.94 -16.90 30.07
C VAL D 217 -3.17 -17.38 29.30
N VAL D 218 -2.96 -17.93 28.11
CA VAL D 218 -4.04 -18.44 27.29
C VAL D 218 -3.93 -19.94 27.31
N GLU D 219 -4.96 -20.56 27.88
CA GLU D 219 -4.98 -22.02 28.12
C GLU D 219 -6.15 -22.75 27.49
N ARG D 220 -7.26 -22.03 27.22
CA ARG D 220 -8.45 -22.58 26.61
C ARG D 220 -8.46 -22.35 25.07
N ASP D 221 -8.81 -23.38 24.29
CA ASP D 221 -9.17 -23.23 22.87
C ASP D 221 -10.33 -22.23 22.79
N GLU D 222 -10.43 -21.49 21.67
CA GLU D 222 -11.48 -20.47 21.47
C GLU D 222 -12.23 -20.84 20.21
N GLY D 223 -13.54 -20.78 20.25
CA GLY D 223 -14.37 -21.18 19.13
C GLY D 223 -15.35 -22.28 19.44
N TYR D 224 -14.91 -23.28 20.20
CA TYR D 224 -15.73 -24.48 20.51
C TYR D 224 -17.00 -24.16 21.31
N GLU D 225 -17.04 -23.02 22.00
CA GLU D 225 -18.26 -22.73 22.79
C GLU D 225 -19.25 -21.95 21.92
N ASN D 226 -18.84 -21.50 20.73
CA ASN D 226 -19.66 -20.62 19.87
C ASN D 226 -20.70 -21.36 19.01
N LEU D 227 -21.26 -22.46 19.47
CA LEU D 227 -22.29 -23.19 18.67
C LEU D 227 -23.68 -22.72 19.11
N ARG D 228 -24.54 -22.44 18.15
CA ARG D 228 -25.95 -22.07 18.39
C ARG D 228 -26.74 -23.07 17.57
N ILE D 229 -27.27 -24.11 18.19
CA ILE D 229 -27.96 -25.20 17.42
C ILE D 229 -29.05 -24.59 16.55
N ASP D 230 -29.82 -23.66 17.11
CA ASP D 230 -30.92 -23.00 16.38
C ASP D 230 -30.46 -22.52 15.00
N LYS D 231 -29.51 -21.58 14.98
CA LYS D 231 -29.07 -20.88 13.75
C LYS D 231 -28.29 -21.75 12.76
N MET D 232 -27.85 -22.94 13.14
CA MET D 232 -26.99 -23.74 12.23
C MET D 232 -27.70 -24.10 10.92
N ALA D 233 -29.01 -24.33 10.94
CA ALA D 233 -29.71 -24.75 9.70
C ALA D 233 -30.20 -23.54 8.90
N THR D 234 -30.07 -22.35 9.47
CA THR D 234 -30.51 -21.11 8.80
C THR D 234 -29.31 -20.32 8.26
N LEU D 235 -28.11 -20.86 8.35
CA LEU D 235 -26.94 -20.11 7.87
C LEU D 235 -26.94 -20.05 6.35
N LYS D 236 -26.39 -19.00 5.79
CA LYS D 236 -26.32 -18.89 4.32
C LYS D 236 -25.06 -19.59 3.87
N PRO D 237 -25.07 -20.37 2.77
CA PRO D 237 -23.86 -21.00 2.25
C PRO D 237 -22.79 -19.92 2.04
N ALA D 238 -21.56 -20.21 2.44
CA ALA D 238 -20.49 -19.19 2.35
C ALA D 238 -19.76 -19.20 1.01
N PHE D 239 -19.83 -20.28 0.24
CA PHE D 239 -19.02 -20.29 -1.00
C PHE D 239 -19.88 -20.29 -2.26
N LEU D 240 -20.93 -21.11 -2.28
CA LEU D 240 -21.85 -21.22 -3.43
C LEU D 240 -23.12 -20.45 -3.09
N ARG D 241 -23.35 -19.30 -3.72
CA ARG D 241 -24.52 -18.49 -3.33
C ARG D 241 -25.60 -18.49 -4.41
N ASP D 242 -25.57 -19.47 -5.30
CA ASP D 242 -26.58 -19.50 -6.39
C ASP D 242 -27.80 -20.33 -6.01
N GLY D 243 -28.02 -20.61 -4.73
CA GLY D 243 -29.16 -21.47 -4.33
C GLY D 243 -28.91 -22.98 -4.26
N THR D 244 -27.87 -23.49 -4.97
CA THR D 244 -27.50 -24.92 -4.87
C THR D 244 -26.60 -25.22 -3.68
N GLY D 245 -26.00 -24.17 -3.10
CA GLY D 245 -24.97 -24.29 -2.04
C GLY D 245 -25.36 -25.05 -0.78
N THR D 246 -24.34 -25.55 -0.08
CA THR D 246 -24.53 -26.40 1.12
C THR D 246 -23.49 -26.11 2.19
N VAL D 247 -22.29 -25.71 1.81
CA VAL D 247 -21.22 -25.48 2.82
C VAL D 247 -21.36 -24.09 3.43
N THR D 248 -21.60 -24.02 4.74
CA THR D 248 -21.69 -22.77 5.50
C THR D 248 -20.45 -22.51 6.35
N ALA D 249 -20.45 -21.38 7.05
CA ALA D 249 -19.42 -21.09 8.01
C ALA D 249 -19.52 -22.04 9.20
N GLY D 250 -20.72 -22.45 9.57
CA GLY D 250 -20.91 -23.37 10.67
C GLY D 250 -20.35 -24.75 10.38
N ASN D 251 -20.73 -25.33 9.24
CA ASN D 251 -20.31 -26.71 8.91
C ASN D 251 -18.90 -26.74 8.32
N ALA D 252 -18.17 -25.64 8.35
CA ALA D 252 -16.80 -25.68 7.83
C ALA D 252 -15.82 -25.33 8.94
N SER D 253 -14.54 -25.53 8.70
CA SER D 253 -13.53 -25.17 9.72
C SER D 253 -13.28 -23.65 9.71
N THR D 254 -12.80 -23.13 10.83
CA THR D 254 -12.55 -21.67 10.92
C THR D 254 -11.08 -21.38 10.64
N MET D 255 -10.73 -20.10 10.56
CA MET D 255 -9.32 -19.68 10.40
C MET D 255 -8.81 -19.43 11.80
N ASN D 256 -7.67 -20.00 12.18
CA ASN D 256 -7.22 -19.88 13.59
C ASN D 256 -5.70 -19.73 13.64
N ASP D 257 -5.19 -19.51 14.85
CA ASP D 257 -3.74 -19.36 15.12
C ASP D 257 -3.37 -20.45 16.13
N GLY D 258 -2.29 -21.18 15.89
CA GLY D 258 -1.89 -22.24 16.83
C GLY D 258 -0.64 -22.96 16.37
N ALA D 259 -0.11 -23.83 17.22
CA ALA D 259 1.09 -24.60 16.87
C ALA D 259 1.06 -25.95 17.59
N SER D 260 1.80 -26.91 17.09
CA SER D 260 1.83 -28.24 17.71
C SER D 260 3.23 -28.82 17.50
N ALA D 261 3.71 -29.60 18.45
CA ALA D 261 5.06 -30.18 18.28
C ALA D 261 5.17 -31.52 18.99
N LEU D 262 5.97 -32.41 18.41
CA LEU D 262 6.27 -33.71 18.96
C LEU D 262 7.79 -33.96 18.93
N VAL D 263 8.31 -34.70 19.92
CA VAL D 263 9.69 -35.19 19.91
C VAL D 263 9.67 -36.63 19.39
N LEU D 264 10.63 -36.93 18.54
CA LEU D 264 10.71 -38.27 17.91
C LEU D 264 11.99 -38.94 18.41
N GLY D 265 12.00 -40.26 18.38
CA GLY D 265 13.09 -41.05 18.94
C GLY D 265 13.39 -42.30 18.14
N SER D 266 14.68 -42.64 18.10
CA SER D 266 15.17 -44.02 17.79
C SER D 266 14.65 -44.94 18.86
N LYS D 267 14.60 -46.22 18.56
CA LYS D 267 14.27 -47.23 19.57
C LYS D 267 15.16 -47.10 20.82
N ALA D 268 16.46 -46.90 20.63
CA ALA D 268 17.42 -46.81 21.73
C ALA D 268 17.12 -45.65 22.68
N ILE D 269 16.81 -44.49 22.09
CA ILE D 269 16.47 -43.29 22.86
C ILE D 269 15.16 -43.47 23.60
N ALA D 270 14.22 -44.13 22.93
CA ALA D 270 12.90 -44.32 23.51
C ALA D 270 12.99 -45.24 24.73
N ARG D 271 13.68 -46.37 24.55
CA ARG D 271 13.90 -47.37 25.61
C ARG D 271 14.65 -46.72 26.78
N GLU D 272 15.60 -45.84 26.48
CA GLU D 272 16.40 -45.28 27.59
C GLU D 272 15.73 -44.09 28.28
N PHE D 273 14.86 -43.34 27.59
CA PHE D 273 14.35 -42.13 28.27
C PHE D 273 12.83 -41.99 28.22
N ALA D 274 12.14 -42.80 27.42
CA ALA D 274 10.70 -42.53 27.28
C ALA D 274 9.80 -43.66 27.81
N GLN D 275 10.28 -44.52 28.69
CA GLN D 275 9.39 -45.60 29.18
C GLN D 275 8.29 -44.97 30.02
N GLY D 276 7.05 -45.41 29.82
CA GLY D 276 5.90 -44.86 30.53
C GLY D 276 5.37 -43.53 30.00
N ASN D 277 6.00 -42.95 28.97
CA ASN D 277 5.59 -41.61 28.48
C ASN D 277 4.16 -41.56 28.00
N ARG D 278 3.39 -40.68 28.62
CA ARG D 278 1.99 -40.49 28.28
C ARG D 278 1.69 -40.67 26.78
N ALA D 279 2.47 -40.01 25.92
CA ALA D 279 2.22 -40.04 24.45
C ALA D 279 3.09 -40.99 23.65
N LEU D 280 3.76 -41.91 24.33
CA LEU D 280 4.66 -42.85 23.64
C LEU D 280 3.93 -43.67 22.57
N ALA D 281 4.51 -43.78 21.37
CA ALA D 281 3.93 -44.58 20.28
C ALA D 281 5.00 -44.88 19.24
N ARG D 282 4.72 -45.82 18.35
CA ARG D 282 5.65 -46.17 17.27
C ARG D 282 5.04 -45.72 15.94
N ILE D 283 5.82 -45.13 15.06
CA ILE D 283 5.22 -44.80 13.74
C ILE D 283 5.26 -46.09 12.94
N VAL D 284 4.11 -46.59 12.54
CA VAL D 284 4.10 -47.87 11.78
C VAL D 284 4.29 -47.57 10.29
N SER D 285 3.61 -46.54 9.78
CA SER D 285 3.77 -46.20 8.34
C SER D 285 3.29 -44.78 8.07
N THR D 286 3.70 -44.24 6.92
CA THR D 286 3.22 -42.94 6.43
C THR D 286 3.03 -43.01 4.92
N ALA D 287 1.97 -42.38 4.42
CA ALA D 287 1.76 -42.28 2.98
C ALA D 287 1.19 -40.92 2.57
N ASP D 288 1.74 -40.40 1.47
CA ASP D 288 1.17 -39.26 0.76
C ASP D 288 0.51 -39.78 -0.52
N ALA D 289 -0.59 -39.16 -0.93
CA ALA D 289 -1.21 -39.51 -2.21
C ALA D 289 -1.90 -38.32 -2.87
N ALA D 290 -1.82 -38.21 -4.20
CA ALA D 290 -2.44 -37.07 -4.90
C ALA D 290 -3.39 -37.49 -6.03
N ILE D 291 -4.33 -36.60 -6.32
CA ILE D 291 -5.31 -36.75 -7.38
C ILE D 291 -5.63 -35.36 -8.05
N ASP D 292 -6.71 -35.31 -8.84
CA ASP D 292 -7.20 -34.04 -9.36
C ASP D 292 -7.38 -32.98 -8.23
N PRO D 293 -6.82 -31.75 -8.44
CA PRO D 293 -6.91 -30.65 -7.46
C PRO D 293 -8.31 -30.39 -6.99
N VAL D 294 -9.29 -30.43 -7.88
CA VAL D 294 -10.71 -30.24 -7.51
C VAL D 294 -11.09 -31.25 -6.44
N ASP D 295 -10.55 -32.45 -6.54
CA ASP D 295 -10.92 -33.61 -5.67
C ASP D 295 -9.99 -33.77 -4.48
N PHE D 296 -9.44 -32.69 -3.93
CA PHE D 296 -8.55 -32.81 -2.74
C PHE D 296 -9.35 -33.28 -1.52
N PRO D 297 -10.66 -33.00 -1.33
CA PRO D 297 -11.41 -33.54 -0.19
C PRO D 297 -11.42 -35.06 -0.05
N VAL D 298 -11.35 -35.79 -1.16
CA VAL D 298 -11.38 -37.28 -1.11
C VAL D 298 -9.99 -37.85 -1.36
N ALA D 299 -8.94 -37.11 -1.01
CA ALA D 299 -7.59 -37.65 -1.22
C ALA D 299 -7.23 -38.60 -0.08
N PRO D 300 -7.74 -38.41 1.16
CA PRO D 300 -7.48 -39.35 2.26
C PRO D 300 -7.92 -40.78 1.91
N ALA D 301 -9.05 -40.94 1.25
CA ALA D 301 -9.48 -42.27 0.76
C ALA D 301 -8.46 -42.98 -0.11
N LYS D 302 -7.57 -42.22 -0.73
CA LYS D 302 -6.49 -42.80 -1.52
C LYS D 302 -5.20 -43.00 -0.68
N ALA D 303 -4.92 -42.14 0.31
CA ALA D 303 -3.70 -42.28 1.16
C ALA D 303 -3.82 -43.30 2.28
N VAL D 304 -5.01 -43.40 2.85
CA VAL D 304 -5.26 -44.29 4.03
C VAL D 304 -5.04 -45.75 3.64
N PRO D 305 -5.68 -46.30 2.59
CA PRO D 305 -5.42 -47.69 2.19
C PRO D 305 -3.96 -47.96 1.86
N ILE D 306 -3.21 -46.96 1.42
CA ILE D 306 -1.77 -47.11 1.19
C ILE D 306 -0.98 -47.24 2.50
N ALA D 307 -1.28 -46.37 3.45
CA ALA D 307 -0.60 -46.43 4.75
C ALA D 307 -0.99 -47.67 5.56
N LEU D 308 -2.20 -48.21 5.35
CA LEU D 308 -2.58 -49.44 6.03
C LEU D 308 -1.85 -50.64 5.43
N GLU D 309 -1.71 -50.72 4.10
CA GLU D 309 -0.91 -51.79 3.46
C GLU D 309 0.58 -51.79 3.90
N ARG D 310 1.19 -50.61 4.01
CA ARG D 310 2.53 -50.49 4.57
C ARG D 310 2.58 -50.85 6.04
N ALA D 311 1.48 -50.66 6.76
CA ALA D 311 1.41 -51.03 8.19
C ALA D 311 1.02 -52.49 8.41
N GLY D 312 0.59 -53.17 7.35
CA GLY D 312 0.20 -54.58 7.41
C GLY D 312 -1.04 -54.84 8.23
N ILE D 313 -1.95 -53.85 8.30
CA ILE D 313 -3.18 -53.98 9.05
C ILE D 313 -4.31 -53.60 8.11
N THR D 314 -5.54 -53.79 8.55
CA THR D 314 -6.74 -53.42 7.78
C THR D 314 -7.54 -52.39 8.57
N LYS D 315 -8.50 -51.76 7.91
CA LYS D 315 -9.31 -50.68 8.53
C LYS D 315 -9.87 -51.15 9.86
N ASP D 316 -10.23 -52.42 9.96
CA ASP D 316 -10.92 -52.95 11.16
C ASP D 316 -10.00 -53.01 12.40
N GLN D 317 -8.69 -52.97 12.23
CA GLN D 317 -7.75 -53.07 13.37
C GLN D 317 -7.37 -51.69 13.92
N VAL D 318 -7.92 -50.60 13.38
CA VAL D 318 -7.57 -49.28 13.97
C VAL D 318 -8.64 -48.88 14.98
N ALA D 319 -8.21 -48.44 16.15
CA ALA D 319 -9.12 -48.10 17.25
C ALA D 319 -9.65 -46.67 17.14
N VAL D 320 -8.80 -45.72 16.75
CA VAL D 320 -9.24 -44.31 16.67
C VAL D 320 -8.83 -43.70 15.34
N TRP D 321 -9.76 -42.99 14.72
CA TRP D 321 -9.48 -42.28 13.45
C TRP D 321 -9.51 -40.79 13.73
N GLU D 322 -8.50 -40.06 13.26
CA GLU D 322 -8.45 -38.60 13.42
C GLU D 322 -8.26 -37.99 12.04
N PHE D 323 -9.35 -37.55 11.42
CA PHE D 323 -9.34 -36.92 10.09
C PHE D 323 -9.59 -35.43 10.28
N ASN D 324 -8.73 -34.60 9.71
CA ASN D 324 -8.95 -33.14 9.84
C ASN D 324 -10.31 -32.80 9.24
N GLU D 325 -11.12 -32.07 9.99
CA GLU D 325 -12.46 -31.64 9.61
C GLU D 325 -12.45 -30.27 8.87
N ALA D 326 -11.87 -30.29 7.67
CA ALA D 326 -11.70 -29.06 6.89
C ALA D 326 -13.07 -28.54 6.58
N PHE D 327 -13.89 -29.46 6.10
CA PHE D 327 -15.32 -29.29 6.01
C PHE D 327 -16.00 -30.58 6.51
N ALA D 328 -17.22 -30.44 7.05
CA ALA D 328 -18.03 -31.61 7.34
C ALA D 328 -18.16 -32.49 6.10
N ALA D 329 -18.36 -31.89 4.94
CA ALA D 329 -18.53 -32.66 3.73
C ALA D 329 -17.36 -33.55 3.45
N VAL D 330 -16.16 -33.07 3.78
CA VAL D 330 -14.88 -33.80 3.63
C VAL D 330 -14.91 -35.10 4.42
N ILE D 331 -15.31 -35.06 5.68
CA ILE D 331 -15.31 -36.23 6.56
C ILE D 331 -16.34 -37.23 6.04
N LYS D 332 -17.55 -36.74 5.72
CA LYS D 332 -18.66 -37.63 5.41
C LYS D 332 -18.43 -38.36 4.12
N ALA D 333 -17.73 -37.72 3.21
CA ALA D 333 -17.29 -38.37 1.99
C ALA D 333 -16.33 -39.52 2.26
N ASN D 334 -15.28 -39.26 3.02
CA ASN D 334 -14.27 -40.28 3.32
C ASN D 334 -14.79 -41.42 4.19
N GLU D 335 -15.65 -41.12 5.17
CA GLU D 335 -16.35 -42.15 5.92
C GLU D 335 -17.18 -43.09 5.01
N LYS D 336 -17.74 -42.53 3.95
CA LYS D 336 -18.59 -43.28 3.00
C LYS D 336 -17.72 -44.16 2.11
N ILE D 337 -16.66 -43.58 1.57
CA ILE D 337 -15.72 -44.32 0.66
C ILE D 337 -14.92 -45.36 1.43
N LEU D 338 -14.62 -45.12 2.70
CA LEU D 338 -13.76 -46.07 3.45
C LEU D 338 -14.61 -47.00 4.33
N GLY D 339 -15.90 -46.72 4.45
CA GLY D 339 -16.75 -47.56 5.30
C GLY D 339 -16.46 -47.32 6.75
N LEU D 340 -16.12 -46.09 7.11
CA LEU D 340 -15.80 -45.76 8.52
C LEU D 340 -16.94 -44.96 9.13
N GLN D 341 -18.17 -45.12 8.69
CA GLN D 341 -19.24 -44.25 9.26
C GLN D 341 -19.63 -44.66 10.68
N ASN D 342 -19.35 -45.88 11.11
CA ASN D 342 -19.73 -46.27 12.49
C ASN D 342 -18.49 -46.40 13.35
N ALA D 343 -17.33 -46.04 12.80
CA ALA D 343 -16.05 -46.16 13.53
C ALA D 343 -15.83 -45.00 14.50
N ARG D 344 -14.76 -45.10 15.25
CA ARG D 344 -14.41 -44.05 16.24
C ARG D 344 -13.64 -43.02 15.43
N VAL D 345 -14.33 -41.97 14.99
CA VAL D 345 -13.78 -40.89 14.11
C VAL D 345 -13.92 -39.55 14.81
N ASN D 346 -12.80 -38.90 15.04
CA ASN D 346 -12.79 -37.61 15.73
C ASN D 346 -13.70 -37.54 16.94
N PRO D 347 -13.49 -38.43 17.93
CA PRO D 347 -14.37 -38.47 19.14
C PRO D 347 -14.35 -37.24 20.03
N LEU D 348 -13.29 -36.43 19.95
CA LEU D 348 -13.18 -35.28 20.84
C LEU D 348 -13.41 -33.93 20.12
N GLY D 349 -13.97 -34.00 18.89
CA GLY D 349 -14.17 -32.84 18.01
C GLY D 349 -13.09 -32.74 16.95
N GLY D 350 -13.13 -31.68 16.19
CA GLY D 350 -12.13 -31.45 15.15
C GLY D 350 -12.18 -30.00 14.72
N ALA D 351 -11.57 -29.71 13.57
CA ALA D 351 -11.40 -28.36 13.06
C ALA D 351 -12.65 -27.54 12.92
N ILE D 352 -13.80 -28.19 12.75
CA ILE D 352 -15.04 -27.44 12.77
C ILE D 352 -15.21 -26.68 14.07
N SER D 353 -14.85 -27.28 15.20
CA SER D 353 -15.14 -26.75 16.57
C SER D 353 -13.91 -26.31 17.36
N LEU D 354 -12.79 -27.00 17.09
CA LEU D 354 -11.46 -26.76 17.72
C LEU D 354 -10.51 -25.96 16.86
N GLY D 355 -10.87 -25.68 15.62
CA GLY D 355 -10.12 -24.75 14.78
C GLY D 355 -9.09 -25.41 13.88
N HIS D 356 -8.57 -24.59 12.97
CA HIS D 356 -7.68 -25.07 11.90
C HIS D 356 -6.58 -24.05 11.58
N ALA D 357 -5.49 -24.10 12.31
CA ALA D 357 -4.32 -23.25 12.00
C ALA D 357 -3.51 -24.07 11.00
N LEU D 358 -3.70 -23.77 9.72
CA LEU D 358 -3.17 -24.46 8.51
C LEU D 358 -1.96 -25.37 8.76
N GLY D 359 -0.76 -24.82 8.92
CA GLY D 359 0.48 -25.61 9.06
C GLY D 359 0.64 -26.40 10.34
N SER D 360 -0.21 -26.19 11.34
CA SER D 360 -0.15 -26.93 12.61
C SER D 360 -1.16 -28.08 12.63
N SER D 361 -2.27 -27.93 11.93
CA SER D 361 -3.37 -28.93 11.92
C SER D 361 -2.94 -30.38 11.74
N GLY D 362 -2.01 -30.65 10.84
CA GLY D 362 -1.59 -32.04 10.58
C GLY D 362 -0.98 -32.70 11.79
N SER D 363 -0.20 -31.97 12.57
CA SER D 363 0.46 -32.54 13.75
C SER D 363 -0.41 -32.36 14.98
N ARG D 364 -1.41 -31.49 14.88
CA ARG D 364 -2.28 -31.28 16.05
C ARG D 364 -3.20 -32.49 16.17
N ILE D 365 -3.64 -33.03 15.05
CA ILE D 365 -4.53 -34.22 15.11
C ILE D 365 -3.71 -35.39 15.62
N LEU D 366 -2.42 -35.43 15.26
CA LEU D 366 -1.49 -36.45 15.77
C LEU D 366 -1.37 -36.39 17.30
N VAL D 367 -1.17 -35.21 17.86
CA VAL D 367 -1.06 -35.02 19.33
C VAL D 367 -2.36 -35.47 19.98
N THR D 368 -3.49 -34.99 19.47
CA THR D 368 -4.82 -35.32 19.98
C THR D 368 -5.06 -36.81 19.85
N LEU D 369 -4.53 -37.44 18.82
CA LEU D 369 -4.78 -38.89 18.60
C LEU D 369 -4.04 -39.74 19.64
N LEU D 370 -2.83 -39.35 19.99
CA LEU D 370 -1.96 -40.10 20.87
C LEU D 370 -2.57 -40.17 22.25
N HIS D 371 -3.23 -39.10 22.68
CA HIS D 371 -3.89 -39.09 23.99
C HIS D 371 -5.21 -39.83 24.07
N GLN D 372 -5.68 -40.43 22.99
CA GLN D 372 -6.92 -41.22 23.01
C GLN D 372 -6.71 -42.73 22.77
N LEU D 373 -5.47 -43.19 22.70
CA LEU D 373 -5.21 -44.59 22.36
C LEU D 373 -4.80 -45.41 23.58
N GLN D 374 -5.27 -46.64 23.63
CA GLN D 374 -4.79 -47.59 24.62
C GLN D 374 -3.57 -48.32 24.08
N PRO D 375 -2.65 -48.72 25.00
CA PRO D 375 -1.46 -49.47 24.61
C PRO D 375 -1.80 -50.64 23.74
N GLY D 376 -1.03 -50.81 22.67
CA GLY D 376 -1.29 -51.86 21.67
C GLY D 376 -2.27 -51.50 20.56
N GLU D 377 -3.01 -50.38 20.71
CA GLU D 377 -4.00 -49.95 19.71
C GLU D 377 -3.33 -49.15 18.59
N TYR D 378 -3.84 -49.36 17.38
CA TYR D 378 -3.50 -48.56 16.21
C TYR D 378 -4.41 -47.31 16.06
N GLY D 379 -3.77 -46.17 15.77
CA GLY D 379 -4.47 -44.95 15.34
C GLY D 379 -4.01 -44.50 13.94
N VAL D 380 -4.85 -43.67 13.33
CA VAL D 380 -4.56 -43.14 11.98
C VAL D 380 -4.82 -41.63 11.97
N ALA D 381 -3.84 -40.86 11.54
CA ALA D 381 -4.00 -39.41 11.34
C ALA D 381 -4.00 -39.20 9.85
N ALA D 382 -5.06 -38.54 9.35
CA ALA D 382 -5.15 -38.24 7.93
C ALA D 382 -5.65 -36.81 7.74
N ILE D 383 -5.02 -36.11 6.81
CA ILE D 383 -5.35 -34.70 6.55
C ILE D 383 -5.20 -34.44 5.05
N CYS D 384 -6.18 -33.78 4.44
CA CYS D 384 -6.11 -33.45 3.00
C CYS D 384 -5.42 -32.10 2.83
N ASN D 385 -4.83 -31.83 1.67
CA ASN D 385 -4.16 -30.54 1.45
C ASN D 385 -4.52 -29.98 0.07
N GLY D 386 -4.39 -28.68 -0.09
CA GLY D 386 -4.70 -28.01 -1.36
C GLY D 386 -3.81 -28.51 -2.48
N GLY D 387 -4.35 -28.58 -3.69
CA GLY D 387 -3.57 -29.09 -4.83
C GLY D 387 -4.07 -30.46 -5.20
N GLY D 388 -4.75 -31.13 -4.27
CA GLY D 388 -5.32 -32.46 -4.51
C GLY D 388 -4.57 -33.58 -3.82
N ALA D 389 -3.96 -33.30 -2.68
CA ALA D 389 -3.21 -34.37 -1.99
C ALA D 389 -3.75 -34.61 -0.58
N ALA D 390 -3.14 -35.57 0.10
CA ALA D 390 -3.47 -35.94 1.49
C ALA D 390 -2.30 -36.71 2.07
N THR D 391 -2.09 -36.61 3.38
CA THR D 391 -1.00 -37.35 4.04
C THR D 391 -1.64 -38.19 5.16
N ALA D 392 -1.27 -39.46 5.26
CA ALA D 392 -1.84 -40.34 6.30
C ALA D 392 -0.71 -41.07 7.02
N MET D 393 -0.86 -41.20 8.33
CA MET D 393 0.11 -41.86 9.23
C MET D 393 -0.63 -42.87 10.12
N VAL D 394 -0.09 -44.08 10.21
CA VAL D 394 -0.52 -45.12 11.13
C VAL D 394 0.45 -45.17 12.28
N VAL D 395 -0.11 -45.21 13.47
CA VAL D 395 0.70 -45.19 14.71
C VAL D 395 0.25 -46.33 15.63
N GLN D 396 1.17 -46.88 16.41
CA GLN D 396 0.76 -47.89 17.41
C GLN D 396 1.16 -47.36 18.73
N LYS D 397 0.14 -47.17 19.57
CA LYS D 397 0.35 -46.65 20.90
C LYS D 397 1.11 -47.68 21.76
N LEU D 398 1.97 -47.17 22.64
CA LEU D 398 2.79 -48.05 23.52
C LEU D 398 2.79 -47.48 24.93
N ASP D 399 3.15 -48.32 25.88
CA ASP D 399 3.31 -47.94 27.31
C ASP D 399 4.80 -48.02 27.62
N ARG D 400 5.47 -48.95 26.96
CA ARG D 400 6.94 -49.12 27.06
C ARG D 400 7.41 -49.89 25.83
N VAL D 401 8.68 -49.74 25.47
CA VAL D 401 9.22 -50.46 24.29
C VAL D 401 10.10 -51.62 24.79
N ASP D 402 9.98 -52.79 24.16
CA ASP D 402 10.82 -53.95 24.55
C ASP D 402 11.47 -54.51 23.29
#